data_1OYS
# 
_entry.id   1OYS 
# 
_audit_conform.dict_name       mmcif_pdbx.dic 
_audit_conform.dict_version    5.386 
_audit_conform.dict_location   http://mmcif.pdb.org/dictionaries/ascii/mmcif_pdbx.dic 
# 
loop_
_database_2.database_id 
_database_2.database_code 
_database_2.pdbx_database_accession 
_database_2.pdbx_DOI 
PDB   1OYS         pdb_00001oys 10.2210/pdb1oys/pdb 
RCSB  RCSB018812   ?            ?                   
WWPDB D_1000018812 ?            ?                   
# 
loop_
_pdbx_audit_revision_history.ordinal 
_pdbx_audit_revision_history.data_content_type 
_pdbx_audit_revision_history.major_revision 
_pdbx_audit_revision_history.minor_revision 
_pdbx_audit_revision_history.revision_date 
1 'Structure model' 1 0 2004-03-09 
2 'Structure model' 1 1 2008-04-29 
3 'Structure model' 1 2 2011-07-13 
4 'Structure model' 1 3 2021-10-27 
5 'Structure model' 1 4 2024-02-14 
# 
_pdbx_audit_revision_details.ordinal             1 
_pdbx_audit_revision_details.revision_ordinal    1 
_pdbx_audit_revision_details.data_content_type   'Structure model' 
_pdbx_audit_revision_details.provider            repository 
_pdbx_audit_revision_details.type                'Initial release' 
_pdbx_audit_revision_details.description         ? 
_pdbx_audit_revision_details.details             ? 
# 
loop_
_pdbx_audit_revision_group.ordinal 
_pdbx_audit_revision_group.revision_ordinal 
_pdbx_audit_revision_group.data_content_type 
_pdbx_audit_revision_group.group 
1 2 'Structure model' 'Version format compliance' 
2 3 'Structure model' 'Version format compliance' 
3 4 'Structure model' 'Database references'       
4 5 'Structure model' 'Data collection'           
# 
loop_
_pdbx_audit_revision_category.ordinal 
_pdbx_audit_revision_category.revision_ordinal 
_pdbx_audit_revision_category.data_content_type 
_pdbx_audit_revision_category.category 
1 4 'Structure model' database_2         
2 4 'Structure model' struct_ref_seq_dif 
3 5 'Structure model' chem_comp_atom     
4 5 'Structure model' chem_comp_bond     
# 
loop_
_pdbx_audit_revision_item.ordinal 
_pdbx_audit_revision_item.revision_ordinal 
_pdbx_audit_revision_item.data_content_type 
_pdbx_audit_revision_item.item 
1 4 'Structure model' '_database_2.pdbx_DOI'                
2 4 'Structure model' '_database_2.pdbx_database_accession' 
3 4 'Structure model' '_struct_ref_seq_dif.details'         
# 
_pdbx_database_status.status_code                     REL 
_pdbx_database_status.entry_id                        1OYS 
_pdbx_database_status.recvd_initial_deposition_date   2003-04-07 
_pdbx_database_status.deposit_site                    RCSB 
_pdbx_database_status.process_site                    RCSB 
_pdbx_database_status.status_code_sf                  REL 
_pdbx_database_status.SG_entry                        . 
_pdbx_database_status.pdb_format_compatible           Y 
_pdbx_database_status.status_code_mr                  ? 
_pdbx_database_status.status_code_cs                  ? 
_pdbx_database_status.status_code_nmr_data            ? 
_pdbx_database_status.methods_development_category    ? 
# 
loop_
_pdbx_database_related.db_name 
_pdbx_database_related.db_id 
_pdbx_database_related.details 
_pdbx_database_related.content_type 
PDB 1OYP 'Crystal Structure of the phosphorolytic exoribonuclease RNase PH from Bacillus subtilis' unspecified 
PDB 1OYR 'Crystal structure of the phosphorolytic exoribonuclease RNase PH from Bacillus subtilis' unspecified 
# 
loop_
_audit_author.name 
_audit_author.pdbx_ordinal 
'Harlow, L.S.' 1 
'Kadziola, A.' 2 
'Jensen, K.F.' 3 
'Larsen, S.'   4 
# 
_citation.id                        primary 
_citation.title                     
;Crystal structure of the phosphorolytic exoribonuclease RNase PH from Bacillus subtilis and implications for its quaternary structure and tRNA binding.
;
_citation.journal_abbrev            'Protein Sci.' 
_citation.journal_volume            13 
_citation.page_first                668 
_citation.page_last                 677 
_citation.year                      2004 
_citation.journal_id_ASTM           PRCIEI 
_citation.country                   US 
_citation.journal_id_ISSN           0961-8368 
_citation.journal_id_CSD            0795 
_citation.book_publisher            ? 
_citation.pdbx_database_id_PubMed   14767080 
_citation.pdbx_database_id_DOI      10.1110/ps.03477004 
# 
loop_
_citation_author.citation_id 
_citation_author.name 
_citation_author.ordinal 
_citation_author.identifier_ORCID 
primary 'Harlow, L.S.' 1 ? 
primary 'Kadziola, A.' 2 ? 
primary 'Jensen, K.F.' 3 ? 
primary 'Larsen, S.'   4 ? 
# 
_entity.id                         1 
_entity.type                       polymer 
_entity.src_method                 man 
_entity.pdbx_description           'Ribonuclease PH' 
_entity.formula_weight             26626.244 
_entity.pdbx_number_of_molecules   1 
_entity.pdbx_ec                    2.7.7.56 
_entity.pdbx_mutation              R68Q,R73Q,R76Q 
_entity.pdbx_fragment              ? 
_entity.details                    ? 
# 
_entity_name_com.entity_id   1 
_entity_name_com.name        'RNase PH, tRNA nucleotidyltransferase' 
# 
_entity_poly.entity_id                      1 
_entity_poly.type                           'polypeptide(L)' 
_entity_poly.nstd_linkage                   no 
_entity_poly.nstd_monomer                   no 
_entity_poly.pdbx_seq_one_letter_code       
;MRHDGRQHDELRPITFDLDFISHPEGSVLITAGNTKVICNASVEDRVPPFLRGGGKGWITAEYSMLPQATNQQTIQESSK
GKISGRTMEIQRLIGRALRAVVDLEKLGERTIWIDCDVIQADGGTRTASITGAFLAMAIAIGKLIKAGTIKTNPITDFLA
AISVGIDKEQGILLDLNYEEDSSAEVDMNVIMTGSGRFVELQGTGEEATFSREDLNGLLGLAEKGIQELIDKQKEVLGDS
LPELK
;
_entity_poly.pdbx_seq_one_letter_code_can   
;MRHDGRQHDELRPITFDLDFISHPEGSVLITAGNTKVICNASVEDRVPPFLRGGGKGWITAEYSMLPQATNQQTIQESSK
GKISGRTMEIQRLIGRALRAVVDLEKLGERTIWIDCDVIQADGGTRTASITGAFLAMAIAIGKLIKAGTIKTNPITDFLA
AISVGIDKEQGILLDLNYEEDSSAEVDMNVIMTGSGRFVELQGTGEEATFSREDLNGLLGLAEKGIQELIDKQKEVLGDS
LPELK
;
_entity_poly.pdbx_strand_id                 A 
_entity_poly.pdbx_target_identifier         ? 
# 
loop_
_entity_poly_seq.entity_id 
_entity_poly_seq.num 
_entity_poly_seq.mon_id 
_entity_poly_seq.hetero 
1 1   MET n 
1 2   ARG n 
1 3   HIS n 
1 4   ASP n 
1 5   GLY n 
1 6   ARG n 
1 7   GLN n 
1 8   HIS n 
1 9   ASP n 
1 10  GLU n 
1 11  LEU n 
1 12  ARG n 
1 13  PRO n 
1 14  ILE n 
1 15  THR n 
1 16  PHE n 
1 17  ASP n 
1 18  LEU n 
1 19  ASP n 
1 20  PHE n 
1 21  ILE n 
1 22  SER n 
1 23  HIS n 
1 24  PRO n 
1 25  GLU n 
1 26  GLY n 
1 27  SER n 
1 28  VAL n 
1 29  LEU n 
1 30  ILE n 
1 31  THR n 
1 32  ALA n 
1 33  GLY n 
1 34  ASN n 
1 35  THR n 
1 36  LYS n 
1 37  VAL n 
1 38  ILE n 
1 39  CYS n 
1 40  ASN n 
1 41  ALA n 
1 42  SER n 
1 43  VAL n 
1 44  GLU n 
1 45  ASP n 
1 46  ARG n 
1 47  VAL n 
1 48  PRO n 
1 49  PRO n 
1 50  PHE n 
1 51  LEU n 
1 52  ARG n 
1 53  GLY n 
1 54  GLY n 
1 55  GLY n 
1 56  LYS n 
1 57  GLY n 
1 58  TRP n 
1 59  ILE n 
1 60  THR n 
1 61  ALA n 
1 62  GLU n 
1 63  TYR n 
1 64  SER n 
1 65  MET n 
1 66  LEU n 
1 67  PRO n 
1 68  GLN n 
1 69  ALA n 
1 70  THR n 
1 71  ASN n 
1 72  GLN n 
1 73  GLN n 
1 74  THR n 
1 75  ILE n 
1 76  GLN n 
1 77  GLU n 
1 78  SER n 
1 79  SER n 
1 80  LYS n 
1 81  GLY n 
1 82  LYS n 
1 83  ILE n 
1 84  SER n 
1 85  GLY n 
1 86  ARG n 
1 87  THR n 
1 88  MET n 
1 89  GLU n 
1 90  ILE n 
1 91  GLN n 
1 92  ARG n 
1 93  LEU n 
1 94  ILE n 
1 95  GLY n 
1 96  ARG n 
1 97  ALA n 
1 98  LEU n 
1 99  ARG n 
1 100 ALA n 
1 101 VAL n 
1 102 VAL n 
1 103 ASP n 
1 104 LEU n 
1 105 GLU n 
1 106 LYS n 
1 107 LEU n 
1 108 GLY n 
1 109 GLU n 
1 110 ARG n 
1 111 THR n 
1 112 ILE n 
1 113 TRP n 
1 114 ILE n 
1 115 ASP n 
1 116 CYS n 
1 117 ASP n 
1 118 VAL n 
1 119 ILE n 
1 120 GLN n 
1 121 ALA n 
1 122 ASP n 
1 123 GLY n 
1 124 GLY n 
1 125 THR n 
1 126 ARG n 
1 127 THR n 
1 128 ALA n 
1 129 SER n 
1 130 ILE n 
1 131 THR n 
1 132 GLY n 
1 133 ALA n 
1 134 PHE n 
1 135 LEU n 
1 136 ALA n 
1 137 MET n 
1 138 ALA n 
1 139 ILE n 
1 140 ALA n 
1 141 ILE n 
1 142 GLY n 
1 143 LYS n 
1 144 LEU n 
1 145 ILE n 
1 146 LYS n 
1 147 ALA n 
1 148 GLY n 
1 149 THR n 
1 150 ILE n 
1 151 LYS n 
1 152 THR n 
1 153 ASN n 
1 154 PRO n 
1 155 ILE n 
1 156 THR n 
1 157 ASP n 
1 158 PHE n 
1 159 LEU n 
1 160 ALA n 
1 161 ALA n 
1 162 ILE n 
1 163 SER n 
1 164 VAL n 
1 165 GLY n 
1 166 ILE n 
1 167 ASP n 
1 168 LYS n 
1 169 GLU n 
1 170 GLN n 
1 171 GLY n 
1 172 ILE n 
1 173 LEU n 
1 174 LEU n 
1 175 ASP n 
1 176 LEU n 
1 177 ASN n 
1 178 TYR n 
1 179 GLU n 
1 180 GLU n 
1 181 ASP n 
1 182 SER n 
1 183 SER n 
1 184 ALA n 
1 185 GLU n 
1 186 VAL n 
1 187 ASP n 
1 188 MET n 
1 189 ASN n 
1 190 VAL n 
1 191 ILE n 
1 192 MET n 
1 193 THR n 
1 194 GLY n 
1 195 SER n 
1 196 GLY n 
1 197 ARG n 
1 198 PHE n 
1 199 VAL n 
1 200 GLU n 
1 201 LEU n 
1 202 GLN n 
1 203 GLY n 
1 204 THR n 
1 205 GLY n 
1 206 GLU n 
1 207 GLU n 
1 208 ALA n 
1 209 THR n 
1 210 PHE n 
1 211 SER n 
1 212 ARG n 
1 213 GLU n 
1 214 ASP n 
1 215 LEU n 
1 216 ASN n 
1 217 GLY n 
1 218 LEU n 
1 219 LEU n 
1 220 GLY n 
1 221 LEU n 
1 222 ALA n 
1 223 GLU n 
1 224 LYS n 
1 225 GLY n 
1 226 ILE n 
1 227 GLN n 
1 228 GLU n 
1 229 LEU n 
1 230 ILE n 
1 231 ASP n 
1 232 LYS n 
1 233 GLN n 
1 234 LYS n 
1 235 GLU n 
1 236 VAL n 
1 237 LEU n 
1 238 GLY n 
1 239 ASP n 
1 240 SER n 
1 241 LEU n 
1 242 PRO n 
1 243 GLU n 
1 244 LEU n 
1 245 LYS n 
# 
_entity_src_gen.entity_id                          1 
_entity_src_gen.pdbx_src_id                        1 
_entity_src_gen.pdbx_alt_source_flag               sample 
_entity_src_gen.pdbx_seq_type                      ? 
_entity_src_gen.pdbx_beg_seq_num                   ? 
_entity_src_gen.pdbx_end_seq_num                   ? 
_entity_src_gen.gene_src_common_name               ? 
_entity_src_gen.gene_src_genus                     Bacillus 
_entity_src_gen.pdbx_gene_src_gene                 RPH 
_entity_src_gen.gene_src_species                   ? 
_entity_src_gen.gene_src_strain                    ? 
_entity_src_gen.gene_src_tissue                    ? 
_entity_src_gen.gene_src_tissue_fraction           ? 
_entity_src_gen.gene_src_details                   ? 
_entity_src_gen.pdbx_gene_src_fragment             ? 
_entity_src_gen.pdbx_gene_src_scientific_name      'Bacillus subtilis' 
_entity_src_gen.pdbx_gene_src_ncbi_taxonomy_id     1423 
_entity_src_gen.pdbx_gene_src_variant              ? 
_entity_src_gen.pdbx_gene_src_cell_line            ? 
_entity_src_gen.pdbx_gene_src_atcc                 ? 
_entity_src_gen.pdbx_gene_src_organ                ? 
_entity_src_gen.pdbx_gene_src_organelle            ? 
_entity_src_gen.pdbx_gene_src_cell                 ? 
_entity_src_gen.pdbx_gene_src_cellular_location    ? 
_entity_src_gen.host_org_common_name               ? 
_entity_src_gen.pdbx_host_org_scientific_name      'Escherichia coli' 
_entity_src_gen.pdbx_host_org_ncbi_taxonomy_id     562 
_entity_src_gen.host_org_genus                     Escherichia 
_entity_src_gen.pdbx_host_org_gene                 ? 
_entity_src_gen.pdbx_host_org_organ                ? 
_entity_src_gen.host_org_species                   ? 
_entity_src_gen.pdbx_host_org_tissue               ? 
_entity_src_gen.pdbx_host_org_tissue_fraction      ? 
_entity_src_gen.pdbx_host_org_strain               ? 
_entity_src_gen.pdbx_host_org_variant              ? 
_entity_src_gen.pdbx_host_org_cell_line            ? 
_entity_src_gen.pdbx_host_org_atcc                 ? 
_entity_src_gen.pdbx_host_org_culture_collection   ? 
_entity_src_gen.pdbx_host_org_cell                 ? 
_entity_src_gen.pdbx_host_org_organelle            ? 
_entity_src_gen.pdbx_host_org_cellular_location    ? 
_entity_src_gen.pdbx_host_org_vector_type          ? 
_entity_src_gen.pdbx_host_org_vector               ? 
_entity_src_gen.host_org_details                   ? 
_entity_src_gen.expression_system_id               ? 
_entity_src_gen.plasmid_name                       ? 
_entity_src_gen.plasmid_details                    ? 
_entity_src_gen.pdbx_description                   ? 
# 
loop_
_chem_comp.id 
_chem_comp.type 
_chem_comp.mon_nstd_flag 
_chem_comp.name 
_chem_comp.pdbx_synonyms 
_chem_comp.formula 
_chem_comp.formula_weight 
ALA 'L-peptide linking' y ALANINE         ? 'C3 H7 N O2'     89.093  
ARG 'L-peptide linking' y ARGININE        ? 'C6 H15 N4 O2 1' 175.209 
ASN 'L-peptide linking' y ASPARAGINE      ? 'C4 H8 N2 O3'    132.118 
ASP 'L-peptide linking' y 'ASPARTIC ACID' ? 'C4 H7 N O4'     133.103 
CYS 'L-peptide linking' y CYSTEINE        ? 'C3 H7 N O2 S'   121.158 
GLN 'L-peptide linking' y GLUTAMINE       ? 'C5 H10 N2 O3'   146.144 
GLU 'L-peptide linking' y 'GLUTAMIC ACID' ? 'C5 H9 N O4'     147.129 
GLY 'peptide linking'   y GLYCINE         ? 'C2 H5 N O2'     75.067  
HIS 'L-peptide linking' y HISTIDINE       ? 'C6 H10 N3 O2 1' 156.162 
ILE 'L-peptide linking' y ISOLEUCINE      ? 'C6 H13 N O2'    131.173 
LEU 'L-peptide linking' y LEUCINE         ? 'C6 H13 N O2'    131.173 
LYS 'L-peptide linking' y LYSINE          ? 'C6 H15 N2 O2 1' 147.195 
MET 'L-peptide linking' y METHIONINE      ? 'C5 H11 N O2 S'  149.211 
PHE 'L-peptide linking' y PHENYLALANINE   ? 'C9 H11 N O2'    165.189 
PRO 'L-peptide linking' y PROLINE         ? 'C5 H9 N O2'     115.130 
SER 'L-peptide linking' y SERINE          ? 'C3 H7 N O3'     105.093 
THR 'L-peptide linking' y THREONINE       ? 'C4 H9 N O3'     119.119 
TRP 'L-peptide linking' y TRYPTOPHAN      ? 'C11 H12 N2 O2'  204.225 
TYR 'L-peptide linking' y TYROSINE        ? 'C9 H11 N O3'    181.189 
VAL 'L-peptide linking' y VALINE          ? 'C5 H11 N O2'    117.146 
# 
loop_
_pdbx_poly_seq_scheme.asym_id 
_pdbx_poly_seq_scheme.entity_id 
_pdbx_poly_seq_scheme.seq_id 
_pdbx_poly_seq_scheme.mon_id 
_pdbx_poly_seq_scheme.ndb_seq_num 
_pdbx_poly_seq_scheme.pdb_seq_num 
_pdbx_poly_seq_scheme.auth_seq_num 
_pdbx_poly_seq_scheme.pdb_mon_id 
_pdbx_poly_seq_scheme.auth_mon_id 
_pdbx_poly_seq_scheme.pdb_strand_id 
_pdbx_poly_seq_scheme.pdb_ins_code 
_pdbx_poly_seq_scheme.hetero 
A 1 1   MET 1   1   1   MET MET A . n 
A 1 2   ARG 2   2   2   ARG ARG A . n 
A 1 3   HIS 3   3   3   HIS HIS A . n 
A 1 4   ASP 4   4   4   ASP ASP A . n 
A 1 5   GLY 5   5   5   GLY GLY A . n 
A 1 6   ARG 6   6   6   ARG ARG A . n 
A 1 7   GLN 7   7   7   GLN GLN A . n 
A 1 8   HIS 8   8   8   HIS HIS A . n 
A 1 9   ASP 9   9   9   ASP ASP A . n 
A 1 10  GLU 10  10  10  GLU GLU A . n 
A 1 11  LEU 11  11  11  LEU LEU A . n 
A 1 12  ARG 12  12  12  ARG ARG A . n 
A 1 13  PRO 13  13  13  PRO PRO A . n 
A 1 14  ILE 14  14  14  ILE ILE A . n 
A 1 15  THR 15  15  15  THR THR A . n 
A 1 16  PHE 16  16  16  PHE PHE A . n 
A 1 17  ASP 17  17  17  ASP ASP A . n 
A 1 18  LEU 18  18  18  LEU LEU A . n 
A 1 19  ASP 19  19  19  ASP ASP A . n 
A 1 20  PHE 20  20  ?   ?   ?   A . n 
A 1 21  ILE 21  21  ?   ?   ?   A . n 
A 1 22  SER 22  22  ?   ?   ?   A . n 
A 1 23  HIS 23  23  ?   ?   ?   A . n 
A 1 24  PRO 24  24  ?   ?   ?   A . n 
A 1 25  GLU 25  25  25  GLU GLU A . n 
A 1 26  GLY 26  26  26  GLY GLY A . n 
A 1 27  SER 27  27  27  SER SER A . n 
A 1 28  VAL 28  28  28  VAL VAL A . n 
A 1 29  LEU 29  29  29  LEU LEU A . n 
A 1 30  ILE 30  30  30  ILE ILE A . n 
A 1 31  THR 31  31  31  THR THR A . n 
A 1 32  ALA 32  32  32  ALA ALA A . n 
A 1 33  GLY 33  33  33  GLY GLY A . n 
A 1 34  ASN 34  34  34  ASN ASN A . n 
A 1 35  THR 35  35  35  THR THR A . n 
A 1 36  LYS 36  36  36  LYS LYS A . n 
A 1 37  VAL 37  37  37  VAL VAL A . n 
A 1 38  ILE 38  38  38  ILE ILE A . n 
A 1 39  CYS 39  39  39  CYS CYS A . n 
A 1 40  ASN 40  40  40  ASN ASN A . n 
A 1 41  ALA 41  41  41  ALA ALA A . n 
A 1 42  SER 42  42  42  SER SER A . n 
A 1 43  VAL 43  43  43  VAL VAL A . n 
A 1 44  GLU 44  44  44  GLU GLU A . n 
A 1 45  ASP 45  45  45  ASP ASP A . n 
A 1 46  ARG 46  46  46  ARG ARG A . n 
A 1 47  VAL 47  47  47  VAL VAL A . n 
A 1 48  PRO 48  48  48  PRO PRO A . n 
A 1 49  PRO 49  49  49  PRO PRO A . n 
A 1 50  PHE 50  50  50  PHE PHE A . n 
A 1 51  LEU 51  51  51  LEU LEU A . n 
A 1 52  ARG 52  52  52  ARG ARG A . n 
A 1 53  GLY 53  53  53  GLY GLY A . n 
A 1 54  GLY 54  54  54  GLY GLY A . n 
A 1 55  GLY 55  55  55  GLY GLY A . n 
A 1 56  LYS 56  56  56  LYS LYS A . n 
A 1 57  GLY 57  57  57  GLY GLY A . n 
A 1 58  TRP 58  58  58  TRP TRP A . n 
A 1 59  ILE 59  59  59  ILE ILE A . n 
A 1 60  THR 60  60  60  THR THR A . n 
A 1 61  ALA 61  61  61  ALA ALA A . n 
A 1 62  GLU 62  62  62  GLU GLU A . n 
A 1 63  TYR 63  63  63  TYR TYR A . n 
A 1 64  SER 64  64  64  SER SER A . n 
A 1 65  MET 65  65  65  MET MET A . n 
A 1 66  LEU 66  66  ?   ?   ?   A . n 
A 1 67  PRO 67  67  ?   ?   ?   A . n 
A 1 68  GLN 68  68  ?   ?   ?   A . n 
A 1 69  ALA 69  69  ?   ?   ?   A . n 
A 1 70  THR 70  70  ?   ?   ?   A . n 
A 1 71  ASN 71  71  ?   ?   ?   A . n 
A 1 72  GLN 72  72  ?   ?   ?   A . n 
A 1 73  GLN 73  73  ?   ?   ?   A . n 
A 1 74  THR 74  74  ?   ?   ?   A . n 
A 1 75  ILE 75  75  ?   ?   ?   A . n 
A 1 76  GLN 76  76  ?   ?   ?   A . n 
A 1 77  GLU 77  77  ?   ?   ?   A . n 
A 1 78  SER 78  78  ?   ?   ?   A . n 
A 1 79  SER 79  79  ?   ?   ?   A . n 
A 1 80  LYS 80  80  ?   ?   ?   A . n 
A 1 81  GLY 81  81  ?   ?   ?   A . n 
A 1 82  LYS 82  82  ?   ?   ?   A . n 
A 1 83  ILE 83  83  ?   ?   ?   A . n 
A 1 84  SER 84  84  ?   ?   ?   A . n 
A 1 85  GLY 85  85  85  GLY GLY A . n 
A 1 86  ARG 86  86  86  ARG ARG A . n 
A 1 87  THR 87  87  87  THR THR A . n 
A 1 88  MET 88  88  88  MET MET A . n 
A 1 89  GLU 89  89  89  GLU GLU A . n 
A 1 90  ILE 90  90  90  ILE ILE A . n 
A 1 91  GLN 91  91  91  GLN GLN A . n 
A 1 92  ARG 92  92  92  ARG ARG A . n 
A 1 93  LEU 93  93  93  LEU LEU A . n 
A 1 94  ILE 94  94  94  ILE ILE A . n 
A 1 95  GLY 95  95  95  GLY GLY A . n 
A 1 96  ARG 96  96  96  ARG ARG A . n 
A 1 97  ALA 97  97  97  ALA ALA A . n 
A 1 98  LEU 98  98  98  LEU LEU A . n 
A 1 99  ARG 99  99  99  ARG ARG A . n 
A 1 100 ALA 100 100 100 ALA ALA A . n 
A 1 101 VAL 101 101 101 VAL VAL A . n 
A 1 102 VAL 102 102 102 VAL VAL A . n 
A 1 103 ASP 103 103 103 ASP ASP A . n 
A 1 104 LEU 104 104 104 LEU LEU A . n 
A 1 105 GLU 105 105 105 GLU GLU A . n 
A 1 106 LYS 106 106 106 LYS LYS A . n 
A 1 107 LEU 107 107 107 LEU LEU A . n 
A 1 108 GLY 108 108 108 GLY GLY A . n 
A 1 109 GLU 109 109 109 GLU GLU A . n 
A 1 110 ARG 110 110 110 ARG ARG A . n 
A 1 111 THR 111 111 111 THR THR A . n 
A 1 112 ILE 112 112 112 ILE ILE A . n 
A 1 113 TRP 113 113 113 TRP TRP A . n 
A 1 114 ILE 114 114 114 ILE ILE A . n 
A 1 115 ASP 115 115 115 ASP ASP A . n 
A 1 116 CYS 116 116 116 CYS CYS A . n 
A 1 117 ASP 117 117 117 ASP ASP A . n 
A 1 118 VAL 118 118 118 VAL VAL A . n 
A 1 119 ILE 119 119 119 ILE ILE A . n 
A 1 120 GLN 120 120 120 GLN GLN A . n 
A 1 121 ALA 121 121 121 ALA ALA A . n 
A 1 122 ASP 122 122 122 ASP ASP A . n 
A 1 123 GLY 123 123 123 GLY GLY A . n 
A 1 124 GLY 124 124 124 GLY GLY A . n 
A 1 125 THR 125 125 125 THR THR A . n 
A 1 126 ARG 126 126 126 ARG ARG A . n 
A 1 127 THR 127 127 127 THR THR A . n 
A 1 128 ALA 128 128 128 ALA ALA A . n 
A 1 129 SER 129 129 129 SER SER A . n 
A 1 130 ILE 130 130 130 ILE ILE A . n 
A 1 131 THR 131 131 131 THR THR A . n 
A 1 132 GLY 132 132 132 GLY GLY A . n 
A 1 133 ALA 133 133 133 ALA ALA A . n 
A 1 134 PHE 134 134 134 PHE PHE A . n 
A 1 135 LEU 135 135 135 LEU LEU A . n 
A 1 136 ALA 136 136 136 ALA ALA A . n 
A 1 137 MET 137 137 137 MET MET A . n 
A 1 138 ALA 138 138 138 ALA ALA A . n 
A 1 139 ILE 139 139 139 ILE ILE A . n 
A 1 140 ALA 140 140 140 ALA ALA A . n 
A 1 141 ILE 141 141 141 ILE ILE A . n 
A 1 142 GLY 142 142 142 GLY GLY A . n 
A 1 143 LYS 143 143 143 LYS LYS A . n 
A 1 144 LEU 144 144 144 LEU LEU A . n 
A 1 145 ILE 145 145 145 ILE ILE A . n 
A 1 146 LYS 146 146 146 LYS LYS A . n 
A 1 147 ALA 147 147 147 ALA ALA A . n 
A 1 148 GLY 148 148 148 GLY GLY A . n 
A 1 149 THR 149 149 149 THR THR A . n 
A 1 150 ILE 150 150 150 ILE ILE A . n 
A 1 151 LYS 151 151 151 LYS LYS A . n 
A 1 152 THR 152 152 152 THR THR A . n 
A 1 153 ASN 153 153 153 ASN ASN A . n 
A 1 154 PRO 154 154 154 PRO PRO A . n 
A 1 155 ILE 155 155 155 ILE ILE A . n 
A 1 156 THR 156 156 156 THR THR A . n 
A 1 157 ASP 157 157 157 ASP ASP A . n 
A 1 158 PHE 158 158 158 PHE PHE A . n 
A 1 159 LEU 159 159 159 LEU LEU A . n 
A 1 160 ALA 160 160 160 ALA ALA A . n 
A 1 161 ALA 161 161 161 ALA ALA A . n 
A 1 162 ILE 162 162 162 ILE ILE A . n 
A 1 163 SER 163 163 163 SER SER A . n 
A 1 164 VAL 164 164 164 VAL VAL A . n 
A 1 165 GLY 165 165 165 GLY GLY A . n 
A 1 166 ILE 166 166 166 ILE ILE A . n 
A 1 167 ASP 167 167 167 ASP ASP A . n 
A 1 168 LYS 168 168 168 LYS LYS A . n 
A 1 169 GLU 169 169 169 GLU GLU A . n 
A 1 170 GLN 170 170 170 GLN GLN A . n 
A 1 171 GLY 171 171 171 GLY GLY A . n 
A 1 172 ILE 172 172 172 ILE ILE A . n 
A 1 173 LEU 173 173 173 LEU LEU A . n 
A 1 174 LEU 174 174 174 LEU LEU A . n 
A 1 175 ASP 175 175 175 ASP ASP A . n 
A 1 176 LEU 176 176 176 LEU LEU A . n 
A 1 177 ASN 177 177 177 ASN ASN A . n 
A 1 178 TYR 178 178 178 TYR TYR A . n 
A 1 179 GLU 179 179 179 GLU GLU A . n 
A 1 180 GLU 180 180 180 GLU GLU A . n 
A 1 181 ASP 181 181 181 ASP ASP A . n 
A 1 182 SER 182 182 182 SER SER A . n 
A 1 183 SER 183 183 183 SER SER A . n 
A 1 184 ALA 184 184 184 ALA ALA A . n 
A 1 185 GLU 185 185 185 GLU GLU A . n 
A 1 186 VAL 186 186 186 VAL VAL A . n 
A 1 187 ASP 187 187 187 ASP ASP A . n 
A 1 188 MET 188 188 188 MET MET A . n 
A 1 189 ASN 189 189 189 ASN ASN A . n 
A 1 190 VAL 190 190 190 VAL VAL A . n 
A 1 191 ILE 191 191 191 ILE ILE A . n 
A 1 192 MET 192 192 192 MET MET A . n 
A 1 193 THR 193 193 193 THR THR A . n 
A 1 194 GLY 194 194 194 GLY GLY A . n 
A 1 195 SER 195 195 195 SER SER A . n 
A 1 196 GLY 196 196 196 GLY GLY A . n 
A 1 197 ARG 197 197 197 ARG ARG A . n 
A 1 198 PHE 198 198 198 PHE PHE A . n 
A 1 199 VAL 199 199 199 VAL VAL A . n 
A 1 200 GLU 200 200 200 GLU GLU A . n 
A 1 201 LEU 201 201 201 LEU LEU A . n 
A 1 202 GLN 202 202 202 GLN GLN A . n 
A 1 203 GLY 203 203 203 GLY GLY A . n 
A 1 204 THR 204 204 204 THR THR A . n 
A 1 205 GLY 205 205 205 GLY GLY A . n 
A 1 206 GLU 206 206 206 GLU GLU A . n 
A 1 207 GLU 207 207 207 GLU GLU A . n 
A 1 208 ALA 208 208 208 ALA ALA A . n 
A 1 209 THR 209 209 209 THR THR A . n 
A 1 210 PHE 210 210 210 PHE PHE A . n 
A 1 211 SER 211 211 211 SER SER A . n 
A 1 212 ARG 212 212 212 ARG ARG A . n 
A 1 213 GLU 213 213 213 GLU GLU A . n 
A 1 214 ASP 214 214 214 ASP ASP A . n 
A 1 215 LEU 215 215 215 LEU LEU A . n 
A 1 216 ASN 216 216 216 ASN ASN A . n 
A 1 217 GLY 217 217 217 GLY GLY A . n 
A 1 218 LEU 218 218 218 LEU LEU A . n 
A 1 219 LEU 219 219 219 LEU LEU A . n 
A 1 220 GLY 220 220 220 GLY GLY A . n 
A 1 221 LEU 221 221 221 LEU LEU A . n 
A 1 222 ALA 222 222 222 ALA ALA A . n 
A 1 223 GLU 223 223 223 GLU GLU A . n 
A 1 224 LYS 224 224 224 LYS LYS A . n 
A 1 225 GLY 225 225 225 GLY GLY A . n 
A 1 226 ILE 226 226 226 ILE ILE A . n 
A 1 227 GLN 227 227 227 GLN GLN A . n 
A 1 228 GLU 228 228 228 GLU GLU A . n 
A 1 229 LEU 229 229 229 LEU LEU A . n 
A 1 230 ILE 230 230 230 ILE ILE A . n 
A 1 231 ASP 231 231 231 ASP ASP A . n 
A 1 232 LYS 232 232 232 LYS LYS A . n 
A 1 233 GLN 233 233 233 GLN GLN A . n 
A 1 234 LYS 234 234 234 LYS LYS A . n 
A 1 235 GLU 235 235 235 GLU GLU A . n 
A 1 236 VAL 236 236 236 VAL VAL A . n 
A 1 237 LEU 237 237 237 LEU LEU A . n 
A 1 238 GLY 238 238 ?   ?   ?   A . n 
A 1 239 ASP 239 239 ?   ?   ?   A . n 
A 1 240 SER 240 240 ?   ?   ?   A . n 
A 1 241 LEU 241 241 ?   ?   ?   A . n 
A 1 242 PRO 242 242 ?   ?   ?   A . n 
A 1 243 GLU 243 243 ?   ?   ?   A . n 
A 1 244 LEU 244 244 ?   ?   ?   A . n 
A 1 245 LYS 245 245 ?   ?   ?   A . n 
# 
loop_
_software.name 
_software.classification 
_software.version 
_software.citation_id 
_software.pdbx_ordinal 
DENZO     'data reduction' . ? 1 
SCALEPACK 'data scaling'   . ? 2 
AMoRE     phasing          . ? 3 
CNS       refinement       . ? 4 
# 
_cell.entry_id           1OYS 
_cell.length_a           63.230 
_cell.length_b           63.230 
_cell.length_c           203.000 
_cell.angle_alpha        90.00 
_cell.angle_beta         90.00 
_cell.angle_gamma        90.00 
_cell.Z_PDB              8 
_cell.pdbx_unique_axis   ? 
# 
_symmetry.entry_id                         1OYS 
_symmetry.space_group_name_H-M             'P 41 21 2' 
_symmetry.pdbx_full_space_group_name_H-M   ? 
_symmetry.cell_setting                     ? 
_symmetry.Int_Tables_number                92 
# 
_exptl.entry_id          1OYS 
_exptl.method            'X-RAY DIFFRACTION' 
_exptl.crystals_number   ? 
# 
_exptl_crystal.id                    1 
_exptl_crystal.density_meas          ? 
_exptl_crystal.density_Matthews      4.47 
_exptl_crystal.density_percent_sol   72.29 
_exptl_crystal.description           ? 
# 
_diffrn.id                     1 
_diffrn.ambient_temp           ? 
_diffrn.ambient_temp_details   ? 
_diffrn.crystal_id             1 
# 
_diffrn_radiation.diffrn_id                        1 
_diffrn_radiation.wavelength_id                    1 
_diffrn_radiation.pdbx_monochromatic_or_laue_m_l   M 
_diffrn_radiation.monochromator                    ? 
_diffrn_radiation.pdbx_diffrn_protocol             'SINGLE WAVELENGTH' 
_diffrn_radiation.pdbx_scattering_type             x-ray 
# 
_diffrn_radiation_wavelength.id           1 
_diffrn_radiation_wavelength.wavelength   . 
_diffrn_radiation_wavelength.wt           1.0 
# 
_reflns.entry_id                     1OYS 
_reflns.number_all                   ? 
_reflns.number_obs                   16768 
_reflns.percent_possible_obs         ? 
_reflns.observed_criterion_sigma_F   ? 
_reflns.observed_criterion_sigma_I   ? 
_reflns.d_resolution_high            2.40 
_reflns.d_resolution_low             20.00 
_reflns.pdbx_Rmerge_I_obs            ? 
_reflns.pdbx_Rsym_value              ? 
_reflns.pdbx_netI_over_sigmaI        ? 
_reflns.B_iso_Wilson_estimate        ? 
_reflns.pdbx_redundancy              ? 
_reflns.R_free_details               ? 
_reflns.limit_h_max                  ? 
_reflns.limit_h_min                  ? 
_reflns.limit_k_max                  ? 
_reflns.limit_k_min                  ? 
_reflns.limit_l_max                  ? 
_reflns.limit_l_min                  ? 
_reflns.observed_criterion_F_max     ? 
_reflns.observed_criterion_F_min     ? 
_reflns.pdbx_diffrn_id               1 
_reflns.pdbx_ordinal                 1 
# 
_refine.entry_id                                 1OYS 
_refine.ls_d_res_high                            2.40 
_refine.ls_d_res_low                             20.0 
_refine.pdbx_ls_sigma_F                          0.0 
_refine.pdbx_ls_sigma_I                          ? 
_refine.ls_number_reflns_all                     ? 
_refine.ls_number_reflns_obs                     16722 
_refine.ls_number_reflns_R_free                  848 
_refine.ls_percent_reflns_obs                    98.5 
_refine.ls_R_factor_all                          ? 
_refine.ls_R_factor_obs                          ? 
_refine.ls_R_factor_R_work                       0.2583 
_refine.ls_R_factor_R_free                       0.2841 
_refine.ls_redundancy_reflns_obs                 ? 
_refine.pdbx_data_cutoff_high_absF               ? 
_refine.pdbx_data_cutoff_low_absF                ? 
_refine.ls_number_parameters                     ? 
_refine.ls_number_restraints                     ? 
_refine.ls_percent_reflns_R_free                 5.0 
_refine.ls_R_factor_R_free_error                 ? 
_refine.ls_R_factor_R_free_error_details         ? 
_refine.pdbx_method_to_determine_struct          'MOLECULAR REPLACEMENT' 
_refine.pdbx_starting_model                      ? 
_refine.pdbx_ls_cross_valid_method               ? 
_refine.pdbx_R_Free_selection_details            ? 
_refine.pdbx_stereochem_target_val_spec_case     ? 
_refine.pdbx_stereochemistry_target_values       ? 
_refine.solvent_model_details                    ? 
_refine.solvent_model_param_bsol                 ? 
_refine.solvent_model_param_ksol                 ? 
_refine.occupancy_max                            ? 
_refine.occupancy_min                            ? 
_refine.pdbx_isotropic_thermal_model             ? 
_refine.B_iso_mean                               ? 
_refine.aniso_B[1][1]                            ? 
_refine.aniso_B[1][2]                            ? 
_refine.aniso_B[1][3]                            ? 
_refine.aniso_B[2][2]                            ? 
_refine.aniso_B[2][3]                            ? 
_refine.aniso_B[3][3]                            ? 
_refine.details                                  ? 
_refine.B_iso_min                                ? 
_refine.B_iso_max                                ? 
_refine.correlation_coeff_Fo_to_Fc               ? 
_refine.correlation_coeff_Fo_to_Fc_free          ? 
_refine.pdbx_solvent_vdw_probe_radii             ? 
_refine.pdbx_solvent_ion_probe_radii             ? 
_refine.pdbx_solvent_shrinkage_radii             ? 
_refine.overall_SU_R_Cruickshank_DPI             ? 
_refine.overall_SU_R_free                        ? 
_refine.overall_SU_B                             ? 
_refine.overall_SU_ML                            ? 
_refine.pdbx_overall_ESU_R                       ? 
_refine.pdbx_overall_ESU_R_Free                  ? 
_refine.pdbx_data_cutoff_high_rms_absF           ? 
_refine.pdbx_refine_id                           'X-RAY DIFFRACTION' 
_refine.pdbx_diffrn_id                           1 
_refine.pdbx_TLS_residual_ADP_flag               ? 
_refine.pdbx_overall_phase_error                 ? 
_refine.pdbx_overall_SU_R_free_Cruickshank_DPI   ? 
_refine.pdbx_overall_SU_R_Blow_DPI               ? 
_refine.pdbx_overall_SU_R_free_Blow_DPI          ? 
# 
_refine_hist.pdbx_refine_id                   'X-RAY DIFFRACTION' 
_refine_hist.cycle_id                         LAST 
_refine_hist.pdbx_number_atoms_protein        1620 
_refine_hist.pdbx_number_atoms_nucleic_acid   0 
_refine_hist.pdbx_number_atoms_ligand         0 
_refine_hist.number_atoms_solvent             0 
_refine_hist.number_atoms_total               1620 
_refine_hist.d_res_high                       2.40 
_refine_hist.d_res_low                        20.0 
# 
loop_
_refine_ls_restr.type 
_refine_ls_restr.dev_ideal 
_refine_ls_restr.dev_ideal_target 
_refine_ls_restr.weight 
_refine_ls_restr.number 
_refine_ls_restr.pdbx_refine_id 
_refine_ls_restr.pdbx_restraint_function 
c_mcbond_it  1.350 1.5 ? ? 'X-RAY DIFFRACTION' ? 
c_scbond_it  2.455 2.0 ? ? 'X-RAY DIFFRACTION' ? 
c_mcangle_it 1.218 2.0 ? ? 'X-RAY DIFFRACTION' ? 
c_scangle_it 3.736 2.5 ? ? 'X-RAY DIFFRACTION' ? 
# 
_struct.entry_id                  1OYS 
_struct.title                     'Crystal Structure of the Phosphorolytic Exoribonuclease RNase PH from Bacillus subtilis' 
_struct.pdbx_model_details        ? 
_struct.pdbx_CASP_flag            ? 
_struct.pdbx_model_type_details   ? 
# 
_struct_keywords.entry_id        1OYS 
_struct_keywords.pdbx_keywords   TRANSFERASE 
_struct_keywords.text            'Transferase, tRNA processing' 
# 
_struct_asym.id                            A 
_struct_asym.pdbx_blank_PDB_chainid_flag   N 
_struct_asym.pdbx_modified                 N 
_struct_asym.entity_id                     1 
_struct_asym.details                       ? 
# 
_struct_ref.id                         1 
_struct_ref.db_name                    UNP 
_struct_ref.db_code                    RNPH_BACSU 
_struct_ref.pdbx_db_accession          P28619 
_struct_ref.entity_id                  1 
_struct_ref.pdbx_seq_one_letter_code   
;MRHDGRQHDELRPITFDLDFISHPEGSVLITAGNTKVICNASVEDRVPPFLRGGGKGWITAEYSMLPRATNQRTIRESSK
GKISGRTMEIQRLIGRALRAVVDLEKLGERTIWIDCDVIQADGGTRTASITGAFLAMAIAIGKLIKAGTIKTNPITDFLA
AISVGIDKEQGILLDLNYEEDSSAEVDMNVIMTGSGRFVELQGTGEEATFSREDLNGLLGLAEKGIQELIDKQKEVLGDS
LPELK
;
_struct_ref.pdbx_align_begin           1 
_struct_ref.pdbx_db_isoform            ? 
# 
_struct_ref_seq.align_id                      1 
_struct_ref_seq.ref_id                        1 
_struct_ref_seq.pdbx_PDB_id_code              1OYS 
_struct_ref_seq.pdbx_strand_id                A 
_struct_ref_seq.seq_align_beg                 1 
_struct_ref_seq.pdbx_seq_align_beg_ins_code   ? 
_struct_ref_seq.seq_align_end                 245 
_struct_ref_seq.pdbx_seq_align_end_ins_code   ? 
_struct_ref_seq.pdbx_db_accession             P28619 
_struct_ref_seq.db_align_beg                  1 
_struct_ref_seq.pdbx_db_align_beg_ins_code    ? 
_struct_ref_seq.db_align_end                  245 
_struct_ref_seq.pdbx_db_align_end_ins_code    ? 
_struct_ref_seq.pdbx_auth_seq_align_beg       1 
_struct_ref_seq.pdbx_auth_seq_align_end       245 
# 
loop_
_struct_ref_seq_dif.align_id 
_struct_ref_seq_dif.pdbx_pdb_id_code 
_struct_ref_seq_dif.mon_id 
_struct_ref_seq_dif.pdbx_pdb_strand_id 
_struct_ref_seq_dif.seq_num 
_struct_ref_seq_dif.pdbx_pdb_ins_code 
_struct_ref_seq_dif.pdbx_seq_db_name 
_struct_ref_seq_dif.pdbx_seq_db_accession_code 
_struct_ref_seq_dif.db_mon_id 
_struct_ref_seq_dif.pdbx_seq_db_seq_num 
_struct_ref_seq_dif.details 
_struct_ref_seq_dif.pdbx_auth_seq_num 
_struct_ref_seq_dif.pdbx_ordinal 
1 1OYS GLN A 68 ? UNP P28619 ARG 68 'engineered mutation' 68 1 
1 1OYS GLN A 73 ? UNP P28619 ARG 73 'engineered mutation' 73 2 
1 1OYS GLN A 76 ? UNP P28619 ARG 76 'engineered mutation' 76 3 
# 
_pdbx_struct_assembly.id                   1 
_pdbx_struct_assembly.details              author_defined_assembly 
_pdbx_struct_assembly.method_details       ? 
_pdbx_struct_assembly.oligomeric_details   dimeric 
_pdbx_struct_assembly.oligomeric_count     2 
# 
_pdbx_struct_assembly_gen.assembly_id       1 
_pdbx_struct_assembly_gen.oper_expression   1,2 
_pdbx_struct_assembly_gen.asym_id_list      A 
# 
loop_
_pdbx_struct_oper_list.id 
_pdbx_struct_oper_list.type 
_pdbx_struct_oper_list.name 
_pdbx_struct_oper_list.symmetry_operation 
_pdbx_struct_oper_list.matrix[1][1] 
_pdbx_struct_oper_list.matrix[1][2] 
_pdbx_struct_oper_list.matrix[1][3] 
_pdbx_struct_oper_list.vector[1] 
_pdbx_struct_oper_list.matrix[2][1] 
_pdbx_struct_oper_list.matrix[2][2] 
_pdbx_struct_oper_list.matrix[2][3] 
_pdbx_struct_oper_list.vector[2] 
_pdbx_struct_oper_list.matrix[3][1] 
_pdbx_struct_oper_list.matrix[3][2] 
_pdbx_struct_oper_list.matrix[3][3] 
_pdbx_struct_oper_list.vector[3] 
1 'identity operation'         1_555 x,y,z            1.0000000000  0.0000000000 0.0000000000  0.0000000000  0.0000000000 1.0000000000 0.0000000000  0.0000000000 0.0000000000  0.0000000000  1.0000000000  0.0000000000  
2 'crystal symmetry operation' 8_665 -y+1,-x+1,-z+1/2 -0.5844020679 0.7790970133 -0.2268965998 -4.1301337094 0.7790970133 0.4605273731 -0.4253497179 9.9547348367 -0.2268965998 -0.4253497179 -0.8761253052 26.6166577907 
# 
_struct_biol.id                    1 
_struct_biol.pdbx_parent_biol_id   ? 
_struct_biol.details               ? 
# 
loop_
_struct_conf.conf_type_id 
_struct_conf.id 
_struct_conf.pdbx_PDB_helix_id 
_struct_conf.beg_label_comp_id 
_struct_conf.beg_label_asym_id 
_struct_conf.beg_label_seq_id 
_struct_conf.pdbx_beg_PDB_ins_code 
_struct_conf.end_label_comp_id 
_struct_conf.end_label_asym_id 
_struct_conf.end_label_seq_id 
_struct_conf.pdbx_end_PDB_ins_code 
_struct_conf.beg_auth_comp_id 
_struct_conf.beg_auth_asym_id 
_struct_conf.beg_auth_seq_id 
_struct_conf.end_auth_comp_id 
_struct_conf.end_auth_asym_id 
_struct_conf.end_auth_seq_id 
_struct_conf.pdbx_PDB_helix_class 
_struct_conf.details 
_struct_conf.pdbx_PDB_helix_length 
HELX_P HELX_P1 1 PRO A 48  ? ARG A 52  ? PRO A 48  ARG A 52  5 ? 5  
HELX_P HELX_P2 2 GLY A 85  ? VAL A 101 ? GLY A 85  VAL A 101 1 ? 17 
HELX_P HELX_P3 3 ASP A 103 ? GLY A 108 ? ASP A 103 GLY A 108 1 ? 6  
HELX_P HELX_P4 4 GLY A 124 ? ALA A 147 ? GLY A 124 ALA A 147 1 ? 24 
HELX_P HELX_P5 5 ASN A 177 ? ALA A 184 ? ASN A 177 ALA A 184 1 ? 8  
HELX_P HELX_P6 6 SER A 211 ? LEU A 237 ? SER A 211 LEU A 237 1 ? 27 
# 
_struct_conf_type.id          HELX_P 
_struct_conf_type.criteria    ? 
_struct_conf_type.reference   ? 
# 
loop_
_struct_sheet.id 
_struct_sheet.type 
_struct_sheet.number_strands 
_struct_sheet.details 
A ? 5 ? 
B ? 4 ? 
# 
loop_
_struct_sheet_order.sheet_id 
_struct_sheet_order.range_id_1 
_struct_sheet_order.range_id_2 
_struct_sheet_order.offset 
_struct_sheet_order.sense 
A 1 2 ? anti-parallel 
A 2 3 ? anti-parallel 
A 3 4 ? anti-parallel 
A 4 5 ? parallel      
B 1 2 ? anti-parallel 
B 2 3 ? anti-parallel 
B 3 4 ? anti-parallel 
# 
loop_
_struct_sheet_range.sheet_id 
_struct_sheet_range.id 
_struct_sheet_range.beg_label_comp_id 
_struct_sheet_range.beg_label_asym_id 
_struct_sheet_range.beg_label_seq_id 
_struct_sheet_range.pdbx_beg_PDB_ins_code 
_struct_sheet_range.end_label_comp_id 
_struct_sheet_range.end_label_asym_id 
_struct_sheet_range.end_label_seq_id 
_struct_sheet_range.pdbx_end_PDB_ins_code 
_struct_sheet_range.beg_auth_comp_id 
_struct_sheet_range.beg_auth_asym_id 
_struct_sheet_range.beg_auth_seq_id 
_struct_sheet_range.end_auth_comp_id 
_struct_sheet_range.end_auth_asym_id 
_struct_sheet_range.end_auth_seq_id 
A 1 ILE A 14  ? ASP A 17  ? ILE A 14  ASP A 17  
A 2 VAL A 28  ? ALA A 32  ? VAL A 28  ALA A 32  
A 3 THR A 35  ? GLU A 44  ? THR A 35  GLU A 44  
A 4 THR A 111 ? GLN A 120 ? THR A 111 GLN A 120 
A 5 TRP A 58  ? SER A 64  ? TRP A 58  SER A 64  
B 1 GLY A 171 ? LEU A 174 ? GLY A 171 LEU A 174 
B 2 LEU A 159 ? ASP A 167 ? LEU A 159 ASP A 167 
B 3 VAL A 186 ? THR A 193 ? VAL A 186 THR A 193 
B 4 PHE A 198 ? GLY A 205 ? PHE A 198 GLY A 205 
# 
loop_
_pdbx_struct_sheet_hbond.sheet_id 
_pdbx_struct_sheet_hbond.range_id_1 
_pdbx_struct_sheet_hbond.range_id_2 
_pdbx_struct_sheet_hbond.range_1_label_atom_id 
_pdbx_struct_sheet_hbond.range_1_label_comp_id 
_pdbx_struct_sheet_hbond.range_1_label_asym_id 
_pdbx_struct_sheet_hbond.range_1_label_seq_id 
_pdbx_struct_sheet_hbond.range_1_PDB_ins_code 
_pdbx_struct_sheet_hbond.range_1_auth_atom_id 
_pdbx_struct_sheet_hbond.range_1_auth_comp_id 
_pdbx_struct_sheet_hbond.range_1_auth_asym_id 
_pdbx_struct_sheet_hbond.range_1_auth_seq_id 
_pdbx_struct_sheet_hbond.range_2_label_atom_id 
_pdbx_struct_sheet_hbond.range_2_label_comp_id 
_pdbx_struct_sheet_hbond.range_2_label_asym_id 
_pdbx_struct_sheet_hbond.range_2_label_seq_id 
_pdbx_struct_sheet_hbond.range_2_PDB_ins_code 
_pdbx_struct_sheet_hbond.range_2_auth_atom_id 
_pdbx_struct_sheet_hbond.range_2_auth_comp_id 
_pdbx_struct_sheet_hbond.range_2_auth_asym_id 
_pdbx_struct_sheet_hbond.range_2_auth_seq_id 
A 1 2 N ASP A 17  ? N ASP A 17  O LEU A 29  ? O LEU A 29  
A 2 3 N VAL A 28  ? N VAL A 28  O CYS A 39  ? O CYS A 39  
A 3 4 N SER A 42  ? N SER A 42  O TRP A 113 ? O TRP A 113 
A 4 5 O ILE A 114 ? O ILE A 114 N GLU A 62  ? N GLU A 62  
B 1 2 O GLY A 171 ? O GLY A 171 N ASP A 167 ? N ASP A 167 
B 2 3 N VAL A 164 ? N VAL A 164 O MET A 188 ? O MET A 188 
B 3 4 N ASP A 187 ? N ASP A 187 O THR A 204 ? O THR A 204 
# 
loop_
_pdbx_validate_torsion.id 
_pdbx_validate_torsion.PDB_model_num 
_pdbx_validate_torsion.auth_comp_id 
_pdbx_validate_torsion.auth_asym_id 
_pdbx_validate_torsion.auth_seq_id 
_pdbx_validate_torsion.PDB_ins_code 
_pdbx_validate_torsion.label_alt_id 
_pdbx_validate_torsion.phi 
_pdbx_validate_torsion.psi 
1 1 ASP A 45  ? ? -82.24  45.84   
2 1 PHE A 50  ? ? -65.11  4.18    
3 1 ASP A 122 ? ? -143.99 46.87   
4 1 ASP A 175 ? ? 58.32   81.39   
5 1 GLU A 206 ? ? -57.83  -101.03 
# 
loop_
_pdbx_unobs_or_zero_occ_residues.id 
_pdbx_unobs_or_zero_occ_residues.PDB_model_num 
_pdbx_unobs_or_zero_occ_residues.polymer_flag 
_pdbx_unobs_or_zero_occ_residues.occupancy_flag 
_pdbx_unobs_or_zero_occ_residues.auth_asym_id 
_pdbx_unobs_or_zero_occ_residues.auth_comp_id 
_pdbx_unobs_or_zero_occ_residues.auth_seq_id 
_pdbx_unobs_or_zero_occ_residues.PDB_ins_code 
_pdbx_unobs_or_zero_occ_residues.label_asym_id 
_pdbx_unobs_or_zero_occ_residues.label_comp_id 
_pdbx_unobs_or_zero_occ_residues.label_seq_id 
1  1 Y 1 A PHE 20  ? A PHE 20  
2  1 Y 1 A ILE 21  ? A ILE 21  
3  1 Y 1 A SER 22  ? A SER 22  
4  1 Y 1 A HIS 23  ? A HIS 23  
5  1 Y 1 A PRO 24  ? A PRO 24  
6  1 Y 1 A LEU 66  ? A LEU 66  
7  1 Y 1 A PRO 67  ? A PRO 67  
8  1 Y 1 A GLN 68  ? A GLN 68  
9  1 Y 1 A ALA 69  ? A ALA 69  
10 1 Y 1 A THR 70  ? A THR 70  
11 1 Y 1 A ASN 71  ? A ASN 71  
12 1 Y 1 A GLN 72  ? A GLN 72  
13 1 Y 1 A GLN 73  ? A GLN 73  
14 1 Y 1 A THR 74  ? A THR 74  
15 1 Y 1 A ILE 75  ? A ILE 75  
16 1 Y 1 A GLN 76  ? A GLN 76  
17 1 Y 1 A GLU 77  ? A GLU 77  
18 1 Y 1 A SER 78  ? A SER 78  
19 1 Y 1 A SER 79  ? A SER 79  
20 1 Y 1 A LYS 80  ? A LYS 80  
21 1 Y 1 A GLY 81  ? A GLY 81  
22 1 Y 1 A LYS 82  ? A LYS 82  
23 1 Y 1 A ILE 83  ? A ILE 83  
24 1 Y 1 A SER 84  ? A SER 84  
25 1 Y 1 A GLY 238 ? A GLY 238 
26 1 Y 1 A ASP 239 ? A ASP 239 
27 1 Y 1 A SER 240 ? A SER 240 
28 1 Y 1 A LEU 241 ? A LEU 241 
29 1 Y 1 A PRO 242 ? A PRO 242 
30 1 Y 1 A GLU 243 ? A GLU 243 
31 1 Y 1 A LEU 244 ? A LEU 244 
32 1 Y 1 A LYS 245 ? A LYS 245 
# 
loop_
_chem_comp_atom.comp_id 
_chem_comp_atom.atom_id 
_chem_comp_atom.type_symbol 
_chem_comp_atom.pdbx_aromatic_flag 
_chem_comp_atom.pdbx_stereo_config 
_chem_comp_atom.pdbx_ordinal 
ALA N    N N N 1   
ALA CA   C N S 2   
ALA C    C N N 3   
ALA O    O N N 4   
ALA CB   C N N 5   
ALA OXT  O N N 6   
ALA H    H N N 7   
ALA H2   H N N 8   
ALA HA   H N N 9   
ALA HB1  H N N 10  
ALA HB2  H N N 11  
ALA HB3  H N N 12  
ALA HXT  H N N 13  
ARG N    N N N 14  
ARG CA   C N S 15  
ARG C    C N N 16  
ARG O    O N N 17  
ARG CB   C N N 18  
ARG CG   C N N 19  
ARG CD   C N N 20  
ARG NE   N N N 21  
ARG CZ   C N N 22  
ARG NH1  N N N 23  
ARG NH2  N N N 24  
ARG OXT  O N N 25  
ARG H    H N N 26  
ARG H2   H N N 27  
ARG HA   H N N 28  
ARG HB2  H N N 29  
ARG HB3  H N N 30  
ARG HG2  H N N 31  
ARG HG3  H N N 32  
ARG HD2  H N N 33  
ARG HD3  H N N 34  
ARG HE   H N N 35  
ARG HH11 H N N 36  
ARG HH12 H N N 37  
ARG HH21 H N N 38  
ARG HH22 H N N 39  
ARG HXT  H N N 40  
ASN N    N N N 41  
ASN CA   C N S 42  
ASN C    C N N 43  
ASN O    O N N 44  
ASN CB   C N N 45  
ASN CG   C N N 46  
ASN OD1  O N N 47  
ASN ND2  N N N 48  
ASN OXT  O N N 49  
ASN H    H N N 50  
ASN H2   H N N 51  
ASN HA   H N N 52  
ASN HB2  H N N 53  
ASN HB3  H N N 54  
ASN HD21 H N N 55  
ASN HD22 H N N 56  
ASN HXT  H N N 57  
ASP N    N N N 58  
ASP CA   C N S 59  
ASP C    C N N 60  
ASP O    O N N 61  
ASP CB   C N N 62  
ASP CG   C N N 63  
ASP OD1  O N N 64  
ASP OD2  O N N 65  
ASP OXT  O N N 66  
ASP H    H N N 67  
ASP H2   H N N 68  
ASP HA   H N N 69  
ASP HB2  H N N 70  
ASP HB3  H N N 71  
ASP HD2  H N N 72  
ASP HXT  H N N 73  
CYS N    N N N 74  
CYS CA   C N R 75  
CYS C    C N N 76  
CYS O    O N N 77  
CYS CB   C N N 78  
CYS SG   S N N 79  
CYS OXT  O N N 80  
CYS H    H N N 81  
CYS H2   H N N 82  
CYS HA   H N N 83  
CYS HB2  H N N 84  
CYS HB3  H N N 85  
CYS HG   H N N 86  
CYS HXT  H N N 87  
GLN N    N N N 88  
GLN CA   C N S 89  
GLN C    C N N 90  
GLN O    O N N 91  
GLN CB   C N N 92  
GLN CG   C N N 93  
GLN CD   C N N 94  
GLN OE1  O N N 95  
GLN NE2  N N N 96  
GLN OXT  O N N 97  
GLN H    H N N 98  
GLN H2   H N N 99  
GLN HA   H N N 100 
GLN HB2  H N N 101 
GLN HB3  H N N 102 
GLN HG2  H N N 103 
GLN HG3  H N N 104 
GLN HE21 H N N 105 
GLN HE22 H N N 106 
GLN HXT  H N N 107 
GLU N    N N N 108 
GLU CA   C N S 109 
GLU C    C N N 110 
GLU O    O N N 111 
GLU CB   C N N 112 
GLU CG   C N N 113 
GLU CD   C N N 114 
GLU OE1  O N N 115 
GLU OE2  O N N 116 
GLU OXT  O N N 117 
GLU H    H N N 118 
GLU H2   H N N 119 
GLU HA   H N N 120 
GLU HB2  H N N 121 
GLU HB3  H N N 122 
GLU HG2  H N N 123 
GLU HG3  H N N 124 
GLU HE2  H N N 125 
GLU HXT  H N N 126 
GLY N    N N N 127 
GLY CA   C N N 128 
GLY C    C N N 129 
GLY O    O N N 130 
GLY OXT  O N N 131 
GLY H    H N N 132 
GLY H2   H N N 133 
GLY HA2  H N N 134 
GLY HA3  H N N 135 
GLY HXT  H N N 136 
HIS N    N N N 137 
HIS CA   C N S 138 
HIS C    C N N 139 
HIS O    O N N 140 
HIS CB   C N N 141 
HIS CG   C Y N 142 
HIS ND1  N Y N 143 
HIS CD2  C Y N 144 
HIS CE1  C Y N 145 
HIS NE2  N Y N 146 
HIS OXT  O N N 147 
HIS H    H N N 148 
HIS H2   H N N 149 
HIS HA   H N N 150 
HIS HB2  H N N 151 
HIS HB3  H N N 152 
HIS HD1  H N N 153 
HIS HD2  H N N 154 
HIS HE1  H N N 155 
HIS HE2  H N N 156 
HIS HXT  H N N 157 
ILE N    N N N 158 
ILE CA   C N S 159 
ILE C    C N N 160 
ILE O    O N N 161 
ILE CB   C N S 162 
ILE CG1  C N N 163 
ILE CG2  C N N 164 
ILE CD1  C N N 165 
ILE OXT  O N N 166 
ILE H    H N N 167 
ILE H2   H N N 168 
ILE HA   H N N 169 
ILE HB   H N N 170 
ILE HG12 H N N 171 
ILE HG13 H N N 172 
ILE HG21 H N N 173 
ILE HG22 H N N 174 
ILE HG23 H N N 175 
ILE HD11 H N N 176 
ILE HD12 H N N 177 
ILE HD13 H N N 178 
ILE HXT  H N N 179 
LEU N    N N N 180 
LEU CA   C N S 181 
LEU C    C N N 182 
LEU O    O N N 183 
LEU CB   C N N 184 
LEU CG   C N N 185 
LEU CD1  C N N 186 
LEU CD2  C N N 187 
LEU OXT  O N N 188 
LEU H    H N N 189 
LEU H2   H N N 190 
LEU HA   H N N 191 
LEU HB2  H N N 192 
LEU HB3  H N N 193 
LEU HG   H N N 194 
LEU HD11 H N N 195 
LEU HD12 H N N 196 
LEU HD13 H N N 197 
LEU HD21 H N N 198 
LEU HD22 H N N 199 
LEU HD23 H N N 200 
LEU HXT  H N N 201 
LYS N    N N N 202 
LYS CA   C N S 203 
LYS C    C N N 204 
LYS O    O N N 205 
LYS CB   C N N 206 
LYS CG   C N N 207 
LYS CD   C N N 208 
LYS CE   C N N 209 
LYS NZ   N N N 210 
LYS OXT  O N N 211 
LYS H    H N N 212 
LYS H2   H N N 213 
LYS HA   H N N 214 
LYS HB2  H N N 215 
LYS HB3  H N N 216 
LYS HG2  H N N 217 
LYS HG3  H N N 218 
LYS HD2  H N N 219 
LYS HD3  H N N 220 
LYS HE2  H N N 221 
LYS HE3  H N N 222 
LYS HZ1  H N N 223 
LYS HZ2  H N N 224 
LYS HZ3  H N N 225 
LYS HXT  H N N 226 
MET N    N N N 227 
MET CA   C N S 228 
MET C    C N N 229 
MET O    O N N 230 
MET CB   C N N 231 
MET CG   C N N 232 
MET SD   S N N 233 
MET CE   C N N 234 
MET OXT  O N N 235 
MET H    H N N 236 
MET H2   H N N 237 
MET HA   H N N 238 
MET HB2  H N N 239 
MET HB3  H N N 240 
MET HG2  H N N 241 
MET HG3  H N N 242 
MET HE1  H N N 243 
MET HE2  H N N 244 
MET HE3  H N N 245 
MET HXT  H N N 246 
PHE N    N N N 247 
PHE CA   C N S 248 
PHE C    C N N 249 
PHE O    O N N 250 
PHE CB   C N N 251 
PHE CG   C Y N 252 
PHE CD1  C Y N 253 
PHE CD2  C Y N 254 
PHE CE1  C Y N 255 
PHE CE2  C Y N 256 
PHE CZ   C Y N 257 
PHE OXT  O N N 258 
PHE H    H N N 259 
PHE H2   H N N 260 
PHE HA   H N N 261 
PHE HB2  H N N 262 
PHE HB3  H N N 263 
PHE HD1  H N N 264 
PHE HD2  H N N 265 
PHE HE1  H N N 266 
PHE HE2  H N N 267 
PHE HZ   H N N 268 
PHE HXT  H N N 269 
PRO N    N N N 270 
PRO CA   C N S 271 
PRO C    C N N 272 
PRO O    O N N 273 
PRO CB   C N N 274 
PRO CG   C N N 275 
PRO CD   C N N 276 
PRO OXT  O N N 277 
PRO H    H N N 278 
PRO HA   H N N 279 
PRO HB2  H N N 280 
PRO HB3  H N N 281 
PRO HG2  H N N 282 
PRO HG3  H N N 283 
PRO HD2  H N N 284 
PRO HD3  H N N 285 
PRO HXT  H N N 286 
SER N    N N N 287 
SER CA   C N S 288 
SER C    C N N 289 
SER O    O N N 290 
SER CB   C N N 291 
SER OG   O N N 292 
SER OXT  O N N 293 
SER H    H N N 294 
SER H2   H N N 295 
SER HA   H N N 296 
SER HB2  H N N 297 
SER HB3  H N N 298 
SER HG   H N N 299 
SER HXT  H N N 300 
THR N    N N N 301 
THR CA   C N S 302 
THR C    C N N 303 
THR O    O N N 304 
THR CB   C N R 305 
THR OG1  O N N 306 
THR CG2  C N N 307 
THR OXT  O N N 308 
THR H    H N N 309 
THR H2   H N N 310 
THR HA   H N N 311 
THR HB   H N N 312 
THR HG1  H N N 313 
THR HG21 H N N 314 
THR HG22 H N N 315 
THR HG23 H N N 316 
THR HXT  H N N 317 
TRP N    N N N 318 
TRP CA   C N S 319 
TRP C    C N N 320 
TRP O    O N N 321 
TRP CB   C N N 322 
TRP CG   C Y N 323 
TRP CD1  C Y N 324 
TRP CD2  C Y N 325 
TRP NE1  N Y N 326 
TRP CE2  C Y N 327 
TRP CE3  C Y N 328 
TRP CZ2  C Y N 329 
TRP CZ3  C Y N 330 
TRP CH2  C Y N 331 
TRP OXT  O N N 332 
TRP H    H N N 333 
TRP H2   H N N 334 
TRP HA   H N N 335 
TRP HB2  H N N 336 
TRP HB3  H N N 337 
TRP HD1  H N N 338 
TRP HE1  H N N 339 
TRP HE3  H N N 340 
TRP HZ2  H N N 341 
TRP HZ3  H N N 342 
TRP HH2  H N N 343 
TRP HXT  H N N 344 
TYR N    N N N 345 
TYR CA   C N S 346 
TYR C    C N N 347 
TYR O    O N N 348 
TYR CB   C N N 349 
TYR CG   C Y N 350 
TYR CD1  C Y N 351 
TYR CD2  C Y N 352 
TYR CE1  C Y N 353 
TYR CE2  C Y N 354 
TYR CZ   C Y N 355 
TYR OH   O N N 356 
TYR OXT  O N N 357 
TYR H    H N N 358 
TYR H2   H N N 359 
TYR HA   H N N 360 
TYR HB2  H N N 361 
TYR HB3  H N N 362 
TYR HD1  H N N 363 
TYR HD2  H N N 364 
TYR HE1  H N N 365 
TYR HE2  H N N 366 
TYR HH   H N N 367 
TYR HXT  H N N 368 
VAL N    N N N 369 
VAL CA   C N S 370 
VAL C    C N N 371 
VAL O    O N N 372 
VAL CB   C N N 373 
VAL CG1  C N N 374 
VAL CG2  C N N 375 
VAL OXT  O N N 376 
VAL H    H N N 377 
VAL H2   H N N 378 
VAL HA   H N N 379 
VAL HB   H N N 380 
VAL HG11 H N N 381 
VAL HG12 H N N 382 
VAL HG13 H N N 383 
VAL HG21 H N N 384 
VAL HG22 H N N 385 
VAL HG23 H N N 386 
VAL HXT  H N N 387 
# 
loop_
_chem_comp_bond.comp_id 
_chem_comp_bond.atom_id_1 
_chem_comp_bond.atom_id_2 
_chem_comp_bond.value_order 
_chem_comp_bond.pdbx_aromatic_flag 
_chem_comp_bond.pdbx_stereo_config 
_chem_comp_bond.pdbx_ordinal 
ALA N   CA   sing N N 1   
ALA N   H    sing N N 2   
ALA N   H2   sing N N 3   
ALA CA  C    sing N N 4   
ALA CA  CB   sing N N 5   
ALA CA  HA   sing N N 6   
ALA C   O    doub N N 7   
ALA C   OXT  sing N N 8   
ALA CB  HB1  sing N N 9   
ALA CB  HB2  sing N N 10  
ALA CB  HB3  sing N N 11  
ALA OXT HXT  sing N N 12  
ARG N   CA   sing N N 13  
ARG N   H    sing N N 14  
ARG N   H2   sing N N 15  
ARG CA  C    sing N N 16  
ARG CA  CB   sing N N 17  
ARG CA  HA   sing N N 18  
ARG C   O    doub N N 19  
ARG C   OXT  sing N N 20  
ARG CB  CG   sing N N 21  
ARG CB  HB2  sing N N 22  
ARG CB  HB3  sing N N 23  
ARG CG  CD   sing N N 24  
ARG CG  HG2  sing N N 25  
ARG CG  HG3  sing N N 26  
ARG CD  NE   sing N N 27  
ARG CD  HD2  sing N N 28  
ARG CD  HD3  sing N N 29  
ARG NE  CZ   sing N N 30  
ARG NE  HE   sing N N 31  
ARG CZ  NH1  sing N N 32  
ARG CZ  NH2  doub N N 33  
ARG NH1 HH11 sing N N 34  
ARG NH1 HH12 sing N N 35  
ARG NH2 HH21 sing N N 36  
ARG NH2 HH22 sing N N 37  
ARG OXT HXT  sing N N 38  
ASN N   CA   sing N N 39  
ASN N   H    sing N N 40  
ASN N   H2   sing N N 41  
ASN CA  C    sing N N 42  
ASN CA  CB   sing N N 43  
ASN CA  HA   sing N N 44  
ASN C   O    doub N N 45  
ASN C   OXT  sing N N 46  
ASN CB  CG   sing N N 47  
ASN CB  HB2  sing N N 48  
ASN CB  HB3  sing N N 49  
ASN CG  OD1  doub N N 50  
ASN CG  ND2  sing N N 51  
ASN ND2 HD21 sing N N 52  
ASN ND2 HD22 sing N N 53  
ASN OXT HXT  sing N N 54  
ASP N   CA   sing N N 55  
ASP N   H    sing N N 56  
ASP N   H2   sing N N 57  
ASP CA  C    sing N N 58  
ASP CA  CB   sing N N 59  
ASP CA  HA   sing N N 60  
ASP C   O    doub N N 61  
ASP C   OXT  sing N N 62  
ASP CB  CG   sing N N 63  
ASP CB  HB2  sing N N 64  
ASP CB  HB3  sing N N 65  
ASP CG  OD1  doub N N 66  
ASP CG  OD2  sing N N 67  
ASP OD2 HD2  sing N N 68  
ASP OXT HXT  sing N N 69  
CYS N   CA   sing N N 70  
CYS N   H    sing N N 71  
CYS N   H2   sing N N 72  
CYS CA  C    sing N N 73  
CYS CA  CB   sing N N 74  
CYS CA  HA   sing N N 75  
CYS C   O    doub N N 76  
CYS C   OXT  sing N N 77  
CYS CB  SG   sing N N 78  
CYS CB  HB2  sing N N 79  
CYS CB  HB3  sing N N 80  
CYS SG  HG   sing N N 81  
CYS OXT HXT  sing N N 82  
GLN N   CA   sing N N 83  
GLN N   H    sing N N 84  
GLN N   H2   sing N N 85  
GLN CA  C    sing N N 86  
GLN CA  CB   sing N N 87  
GLN CA  HA   sing N N 88  
GLN C   O    doub N N 89  
GLN C   OXT  sing N N 90  
GLN CB  CG   sing N N 91  
GLN CB  HB2  sing N N 92  
GLN CB  HB3  sing N N 93  
GLN CG  CD   sing N N 94  
GLN CG  HG2  sing N N 95  
GLN CG  HG3  sing N N 96  
GLN CD  OE1  doub N N 97  
GLN CD  NE2  sing N N 98  
GLN NE2 HE21 sing N N 99  
GLN NE2 HE22 sing N N 100 
GLN OXT HXT  sing N N 101 
GLU N   CA   sing N N 102 
GLU N   H    sing N N 103 
GLU N   H2   sing N N 104 
GLU CA  C    sing N N 105 
GLU CA  CB   sing N N 106 
GLU CA  HA   sing N N 107 
GLU C   O    doub N N 108 
GLU C   OXT  sing N N 109 
GLU CB  CG   sing N N 110 
GLU CB  HB2  sing N N 111 
GLU CB  HB3  sing N N 112 
GLU CG  CD   sing N N 113 
GLU CG  HG2  sing N N 114 
GLU CG  HG3  sing N N 115 
GLU CD  OE1  doub N N 116 
GLU CD  OE2  sing N N 117 
GLU OE2 HE2  sing N N 118 
GLU OXT HXT  sing N N 119 
GLY N   CA   sing N N 120 
GLY N   H    sing N N 121 
GLY N   H2   sing N N 122 
GLY CA  C    sing N N 123 
GLY CA  HA2  sing N N 124 
GLY CA  HA3  sing N N 125 
GLY C   O    doub N N 126 
GLY C   OXT  sing N N 127 
GLY OXT HXT  sing N N 128 
HIS N   CA   sing N N 129 
HIS N   H    sing N N 130 
HIS N   H2   sing N N 131 
HIS CA  C    sing N N 132 
HIS CA  CB   sing N N 133 
HIS CA  HA   sing N N 134 
HIS C   O    doub N N 135 
HIS C   OXT  sing N N 136 
HIS CB  CG   sing N N 137 
HIS CB  HB2  sing N N 138 
HIS CB  HB3  sing N N 139 
HIS CG  ND1  sing Y N 140 
HIS CG  CD2  doub Y N 141 
HIS ND1 CE1  doub Y N 142 
HIS ND1 HD1  sing N N 143 
HIS CD2 NE2  sing Y N 144 
HIS CD2 HD2  sing N N 145 
HIS CE1 NE2  sing Y N 146 
HIS CE1 HE1  sing N N 147 
HIS NE2 HE2  sing N N 148 
HIS OXT HXT  sing N N 149 
ILE N   CA   sing N N 150 
ILE N   H    sing N N 151 
ILE N   H2   sing N N 152 
ILE CA  C    sing N N 153 
ILE CA  CB   sing N N 154 
ILE CA  HA   sing N N 155 
ILE C   O    doub N N 156 
ILE C   OXT  sing N N 157 
ILE CB  CG1  sing N N 158 
ILE CB  CG2  sing N N 159 
ILE CB  HB   sing N N 160 
ILE CG1 CD1  sing N N 161 
ILE CG1 HG12 sing N N 162 
ILE CG1 HG13 sing N N 163 
ILE CG2 HG21 sing N N 164 
ILE CG2 HG22 sing N N 165 
ILE CG2 HG23 sing N N 166 
ILE CD1 HD11 sing N N 167 
ILE CD1 HD12 sing N N 168 
ILE CD1 HD13 sing N N 169 
ILE OXT HXT  sing N N 170 
LEU N   CA   sing N N 171 
LEU N   H    sing N N 172 
LEU N   H2   sing N N 173 
LEU CA  C    sing N N 174 
LEU CA  CB   sing N N 175 
LEU CA  HA   sing N N 176 
LEU C   O    doub N N 177 
LEU C   OXT  sing N N 178 
LEU CB  CG   sing N N 179 
LEU CB  HB2  sing N N 180 
LEU CB  HB3  sing N N 181 
LEU CG  CD1  sing N N 182 
LEU CG  CD2  sing N N 183 
LEU CG  HG   sing N N 184 
LEU CD1 HD11 sing N N 185 
LEU CD1 HD12 sing N N 186 
LEU CD1 HD13 sing N N 187 
LEU CD2 HD21 sing N N 188 
LEU CD2 HD22 sing N N 189 
LEU CD2 HD23 sing N N 190 
LEU OXT HXT  sing N N 191 
LYS N   CA   sing N N 192 
LYS N   H    sing N N 193 
LYS N   H2   sing N N 194 
LYS CA  C    sing N N 195 
LYS CA  CB   sing N N 196 
LYS CA  HA   sing N N 197 
LYS C   O    doub N N 198 
LYS C   OXT  sing N N 199 
LYS CB  CG   sing N N 200 
LYS CB  HB2  sing N N 201 
LYS CB  HB3  sing N N 202 
LYS CG  CD   sing N N 203 
LYS CG  HG2  sing N N 204 
LYS CG  HG3  sing N N 205 
LYS CD  CE   sing N N 206 
LYS CD  HD2  sing N N 207 
LYS CD  HD3  sing N N 208 
LYS CE  NZ   sing N N 209 
LYS CE  HE2  sing N N 210 
LYS CE  HE3  sing N N 211 
LYS NZ  HZ1  sing N N 212 
LYS NZ  HZ2  sing N N 213 
LYS NZ  HZ3  sing N N 214 
LYS OXT HXT  sing N N 215 
MET N   CA   sing N N 216 
MET N   H    sing N N 217 
MET N   H2   sing N N 218 
MET CA  C    sing N N 219 
MET CA  CB   sing N N 220 
MET CA  HA   sing N N 221 
MET C   O    doub N N 222 
MET C   OXT  sing N N 223 
MET CB  CG   sing N N 224 
MET CB  HB2  sing N N 225 
MET CB  HB3  sing N N 226 
MET CG  SD   sing N N 227 
MET CG  HG2  sing N N 228 
MET CG  HG3  sing N N 229 
MET SD  CE   sing N N 230 
MET CE  HE1  sing N N 231 
MET CE  HE2  sing N N 232 
MET CE  HE3  sing N N 233 
MET OXT HXT  sing N N 234 
PHE N   CA   sing N N 235 
PHE N   H    sing N N 236 
PHE N   H2   sing N N 237 
PHE CA  C    sing N N 238 
PHE CA  CB   sing N N 239 
PHE CA  HA   sing N N 240 
PHE C   O    doub N N 241 
PHE C   OXT  sing N N 242 
PHE CB  CG   sing N N 243 
PHE CB  HB2  sing N N 244 
PHE CB  HB3  sing N N 245 
PHE CG  CD1  doub Y N 246 
PHE CG  CD2  sing Y N 247 
PHE CD1 CE1  sing Y N 248 
PHE CD1 HD1  sing N N 249 
PHE CD2 CE2  doub Y N 250 
PHE CD2 HD2  sing N N 251 
PHE CE1 CZ   doub Y N 252 
PHE CE1 HE1  sing N N 253 
PHE CE2 CZ   sing Y N 254 
PHE CE2 HE2  sing N N 255 
PHE CZ  HZ   sing N N 256 
PHE OXT HXT  sing N N 257 
PRO N   CA   sing N N 258 
PRO N   CD   sing N N 259 
PRO N   H    sing N N 260 
PRO CA  C    sing N N 261 
PRO CA  CB   sing N N 262 
PRO CA  HA   sing N N 263 
PRO C   O    doub N N 264 
PRO C   OXT  sing N N 265 
PRO CB  CG   sing N N 266 
PRO CB  HB2  sing N N 267 
PRO CB  HB3  sing N N 268 
PRO CG  CD   sing N N 269 
PRO CG  HG2  sing N N 270 
PRO CG  HG3  sing N N 271 
PRO CD  HD2  sing N N 272 
PRO CD  HD3  sing N N 273 
PRO OXT HXT  sing N N 274 
SER N   CA   sing N N 275 
SER N   H    sing N N 276 
SER N   H2   sing N N 277 
SER CA  C    sing N N 278 
SER CA  CB   sing N N 279 
SER CA  HA   sing N N 280 
SER C   O    doub N N 281 
SER C   OXT  sing N N 282 
SER CB  OG   sing N N 283 
SER CB  HB2  sing N N 284 
SER CB  HB3  sing N N 285 
SER OG  HG   sing N N 286 
SER OXT HXT  sing N N 287 
THR N   CA   sing N N 288 
THR N   H    sing N N 289 
THR N   H2   sing N N 290 
THR CA  C    sing N N 291 
THR CA  CB   sing N N 292 
THR CA  HA   sing N N 293 
THR C   O    doub N N 294 
THR C   OXT  sing N N 295 
THR CB  OG1  sing N N 296 
THR CB  CG2  sing N N 297 
THR CB  HB   sing N N 298 
THR OG1 HG1  sing N N 299 
THR CG2 HG21 sing N N 300 
THR CG2 HG22 sing N N 301 
THR CG2 HG23 sing N N 302 
THR OXT HXT  sing N N 303 
TRP N   CA   sing N N 304 
TRP N   H    sing N N 305 
TRP N   H2   sing N N 306 
TRP CA  C    sing N N 307 
TRP CA  CB   sing N N 308 
TRP CA  HA   sing N N 309 
TRP C   O    doub N N 310 
TRP C   OXT  sing N N 311 
TRP CB  CG   sing N N 312 
TRP CB  HB2  sing N N 313 
TRP CB  HB3  sing N N 314 
TRP CG  CD1  doub Y N 315 
TRP CG  CD2  sing Y N 316 
TRP CD1 NE1  sing Y N 317 
TRP CD1 HD1  sing N N 318 
TRP CD2 CE2  doub Y N 319 
TRP CD2 CE3  sing Y N 320 
TRP NE1 CE2  sing Y N 321 
TRP NE1 HE1  sing N N 322 
TRP CE2 CZ2  sing Y N 323 
TRP CE3 CZ3  doub Y N 324 
TRP CE3 HE3  sing N N 325 
TRP CZ2 CH2  doub Y N 326 
TRP CZ2 HZ2  sing N N 327 
TRP CZ3 CH2  sing Y N 328 
TRP CZ3 HZ3  sing N N 329 
TRP CH2 HH2  sing N N 330 
TRP OXT HXT  sing N N 331 
TYR N   CA   sing N N 332 
TYR N   H    sing N N 333 
TYR N   H2   sing N N 334 
TYR CA  C    sing N N 335 
TYR CA  CB   sing N N 336 
TYR CA  HA   sing N N 337 
TYR C   O    doub N N 338 
TYR C   OXT  sing N N 339 
TYR CB  CG   sing N N 340 
TYR CB  HB2  sing N N 341 
TYR CB  HB3  sing N N 342 
TYR CG  CD1  doub Y N 343 
TYR CG  CD2  sing Y N 344 
TYR CD1 CE1  sing Y N 345 
TYR CD1 HD1  sing N N 346 
TYR CD2 CE2  doub Y N 347 
TYR CD2 HD2  sing N N 348 
TYR CE1 CZ   doub Y N 349 
TYR CE1 HE1  sing N N 350 
TYR CE2 CZ   sing Y N 351 
TYR CE2 HE2  sing N N 352 
TYR CZ  OH   sing N N 353 
TYR OH  HH   sing N N 354 
TYR OXT HXT  sing N N 355 
VAL N   CA   sing N N 356 
VAL N   H    sing N N 357 
VAL N   H2   sing N N 358 
VAL CA  C    sing N N 359 
VAL CA  CB   sing N N 360 
VAL CA  HA   sing N N 361 
VAL C   O    doub N N 362 
VAL C   OXT  sing N N 363 
VAL CB  CG1  sing N N 364 
VAL CB  CG2  sing N N 365 
VAL CB  HB   sing N N 366 
VAL CG1 HG11 sing N N 367 
VAL CG1 HG12 sing N N 368 
VAL CG1 HG13 sing N N 369 
VAL CG2 HG21 sing N N 370 
VAL CG2 HG22 sing N N 371 
VAL CG2 HG23 sing N N 372 
VAL OXT HXT  sing N N 373 
# 
_atom_sites.entry_id                    1OYS 
_atom_sites.fract_transf_matrix[1][1]   0.00457563 
_atom_sites.fract_transf_matrix[1][2]   -0.01357653 
_atom_sites.fract_transf_matrix[1][3]   0.00669745 
_atom_sites.fract_transf_matrix[2][1]   0.01477106 
_atom_sites.fract_transf_matrix[2][2]   0.00553626 
_atom_sites.fract_transf_matrix[2][3]   0.00113123 
_atom_sites.fract_transf_matrix[3][1]   -0.00103275 
_atom_sites.fract_transf_matrix[3][2]   0.00184645 
_atom_sites.fract_transf_matrix[3][3]   0.00444854 
_atom_sites.fract_transf_vector[1]      0.309000 
_atom_sites.fract_transf_vector[2]      0.666767 
_atom_sites.fract_transf_vector[3]      0.179469 
# 
loop_
_atom_type.symbol 
C 
N 
O 
S 
# 
loop_
_atom_site.group_PDB 
_atom_site.id 
_atom_site.type_symbol 
_atom_site.label_atom_id 
_atom_site.label_alt_id 
_atom_site.label_comp_id 
_atom_site.label_asym_id 
_atom_site.label_entity_id 
_atom_site.label_seq_id 
_atom_site.pdbx_PDB_ins_code 
_atom_site.Cartn_x 
_atom_site.Cartn_y 
_atom_site.Cartn_z 
_atom_site.occupancy 
_atom_site.B_iso_or_equiv 
_atom_site.pdbx_formal_charge 
_atom_site.auth_seq_id 
_atom_site.auth_comp_id 
_atom_site.auth_asym_id 
_atom_site.auth_atom_id 
_atom_site.pdbx_PDB_model_num 
ATOM 1    N N   . MET A 1 1   ? -26.907 0.130   -1.894  1.00 69.02 ? 1   MET A N   1 
ATOM 2    C CA  . MET A 1 1   ? -26.995 0.895   -0.616  1.00 69.22 ? 1   MET A CA  1 
ATOM 3    C C   . MET A 1 1   ? -26.066 2.103   -0.610  1.00 66.62 ? 1   MET A C   1 
ATOM 4    O O   . MET A 1 1   ? -26.449 3.174   -0.130  1.00 66.37 ? 1   MET A O   1 
ATOM 5    C CB  . MET A 1 1   ? -26.645 -0.009  0.572   1.00 74.85 ? 1   MET A CB  1 
ATOM 6    C CG  . MET A 1 1   ? -26.669 0.720   1.917   1.00 79.32 ? 1   MET A CG  1 
ATOM 7    S SD  . MET A 1 1   ? -28.314 1.442   2.234   1.00 86.10 ? 1   MET A SD  1 
ATOM 8    C CE  . MET A 1 1   ? -27.986 3.296   2.176   1.00 84.04 ? 1   MET A CE  1 
ATOM 9    N N   . ARG A 1 2   ? -24.843 1.916   -1.120  1.00 63.06 ? 2   ARG A N   1 
ATOM 10   C CA  . ARG A 1 2   ? -23.836 2.986   -1.200  1.00 59.03 ? 2   ARG A CA  1 
ATOM 11   C C   . ARG A 1 2   ? -24.150 3.837   -2.430  1.00 58.37 ? 2   ARG A C   1 
ATOM 12   O O   . ARG A 1 2   ? -24.618 3.303   -3.441  1.00 58.31 ? 2   ARG A O   1 
ATOM 13   C CB  . ARG A 1 2   ? -22.425 2.382   -1.324  1.00 56.06 ? 2   ARG A CB  1 
ATOM 14   C CG  . ARG A 1 2   ? -22.059 1.419   -0.184  1.00 52.05 ? 2   ARG A CG  1 
ATOM 15   C CD  . ARG A 1 2   ? -20.747 0.662   -0.408  1.00 49.14 ? 2   ARG A CD  1 
ATOM 16   N NE  . ARG A 1 2   ? -19.554 1.490   -0.206  1.00 45.29 ? 2   ARG A NE  1 
ATOM 17   C CZ  . ARG A 1 2   ? -18.314 1.012   -0.122  1.00 43.03 ? 2   ARG A CZ  1 
ATOM 18   N NH1 . ARG A 1 2   ? -18.090 -0.296  -0.219  1.00 38.65 ? 2   ARG A NH1 1 
ATOM 19   N NH2 . ARG A 1 2   ? -17.293 1.843   0.067   1.00 42.76 ? 2   ARG A NH2 1 
ATOM 20   N N   . HIS A 1 3   ? -23.910 5.148   -2.350  1.00 58.25 ? 3   HIS A N   1 
ATOM 21   C CA  . HIS A 1 3   ? -24.196 6.042   -3.482  1.00 60.09 ? 3   HIS A CA  1 
ATOM 22   C C   . HIS A 1 3   ? -23.419 5.589   -4.716  1.00 58.73 ? 3   HIS A C   1 
ATOM 23   O O   . HIS A 1 3   ? -23.746 5.952   -5.841  1.00 58.80 ? 3   HIS A O   1 
ATOM 24   C CB  . HIS A 1 3   ? -23.801 7.489   -3.157  1.00 64.22 ? 3   HIS A CB  1 
ATOM 25   C CG  . HIS A 1 3   ? -24.227 7.949   -1.796  1.00 70.98 ? 3   HIS A CG  1 
ATOM 26   N ND1 . HIS A 1 3   ? -25.520 7.810   -1.325  1.00 73.15 ? 3   HIS A ND1 1 
ATOM 27   C CD2 . HIS A 1 3   ? -23.529 8.565   -0.806  1.00 72.88 ? 3   HIS A CD2 1 
ATOM 28   C CE1 . HIS A 1 3   ? -25.600 8.320   -0.106  1.00 74.47 ? 3   HIS A CE1 1 
ATOM 29   N NE2 . HIS A 1 3   ? -24.406 8.785   0.232   1.00 75.23 ? 3   HIS A NE2 1 
ATOM 30   N N   . ASP A 1 4   ? -22.386 4.797   -4.451  1.00 57.66 ? 4   ASP A N   1 
ATOM 31   C CA  . ASP A 1 4   ? -21.459 4.213   -5.410  1.00 55.31 ? 4   ASP A CA  1 
ATOM 32   C C   . ASP A 1 4   ? -22.121 3.163   -6.284  1.00 54.74 ? 4   ASP A C   1 
ATOM 33   O O   . ASP A 1 4   ? -21.782 2.994   -7.459  1.00 53.75 ? 4   ASP A O   1 
ATOM 34   C CB  . ASP A 1 4   ? -20.346 3.510   -4.629  1.00 56.71 ? 4   ASP A CB  1 
ATOM 35   C CG  . ASP A 1 4   ? -18.988 3.893   -5.096  1.00 58.69 ? 4   ASP A CG  1 
ATOM 36   O OD1 . ASP A 1 4   ? -18.007 3.512   -4.434  1.00 59.55 ? 4   ASP A OD1 1 
ATOM 37   O OD2 . ASP A 1 4   ? -18.897 4.588   -6.130  1.00 65.64 ? 4   ASP A OD2 1 
ATOM 38   N N   . GLY A 1 5   ? -23.037 2.422   -5.672  1.00 52.22 ? 5   GLY A N   1 
ATOM 39   C CA  . GLY A 1 5   ? -23.711 1.346   -6.369  1.00 50.10 ? 5   GLY A CA  1 
ATOM 40   C C   . GLY A 1 5   ? -23.112 0.042   -5.876  1.00 48.01 ? 5   GLY A C   1 
ATOM 41   O O   . GLY A 1 5   ? -23.634 -1.040  -6.141  1.00 48.81 ? 5   GLY A O   1 
ATOM 42   N N   . ARG A 1 6   ? -22.016 0.150   -5.130  1.00 45.17 ? 6   ARG A N   1 
ATOM 43   C CA  . ARG A 1 6   ? -21.324 -1.018  -4.593  1.00 44.94 ? 6   ARG A CA  1 
ATOM 44   C C   . ARG A 1 6   ? -21.975 -1.647  -3.361  1.00 44.10 ? 6   ARG A C   1 
ATOM 45   O O   . ARG A 1 6   ? -22.817 -1.033  -2.711  1.00 45.28 ? 6   ARG A O   1 
ATOM 46   C CB  . ARG A 1 6   ? -19.878 -0.642  -4.236  1.00 43.40 ? 6   ARG A CB  1 
ATOM 47   C CG  . ARG A 1 6   ? -18.941 -0.521  -5.427  1.00 41.58 ? 6   ARG A CG  1 
ATOM 48   C CD  . ARG A 1 6   ? -17.515 -0.299  -4.951  1.00 41.50 ? 6   ARG A CD  1 
ATOM 49   N NE  . ARG A 1 6   ? -17.390 0.980   -4.260  1.00 42.21 ? 6   ARG A NE  1 
ATOM 50   C CZ  . ARG A 1 6   ? -16.561 1.222   -3.247  1.00 39.25 ? 6   ARG A CZ  1 
ATOM 51   N NH1 . ARG A 1 6   ? -15.769 0.268   -2.780  1.00 38.64 ? 6   ARG A NH1 1 
ATOM 52   N NH2 . ARG A 1 6   ? -16.521 2.432   -2.708  1.00 39.33 ? 6   ARG A NH2 1 
ATOM 53   N N   . GLN A 1 7   ? -21.586 -2.884  -3.065  1.00 44.70 ? 7   GLN A N   1 
ATOM 54   C CA  . GLN A 1 7   ? -22.044 -3.586  -1.867  1.00 44.50 ? 7   GLN A CA  1 
ATOM 55   C C   . GLN A 1 7   ? -21.085 -3.090  -0.772  1.00 45.95 ? 7   GLN A C   1 
ATOM 56   O O   . GLN A 1 7   ? -20.027 -2.532  -1.077  1.00 45.31 ? 7   GLN A O   1 
ATOM 57   C CB  . GLN A 1 7   ? -21.882 -5.100  -2.015  1.00 46.08 ? 7   GLN A CB  1 
ATOM 58   C CG  . GLN A 1 7   ? -22.830 -5.782  -2.999  1.00 51.28 ? 7   GLN A CG  1 
ATOM 59   C CD  . GLN A 1 7   ? -24.295 -5.651  -2.613  1.00 54.64 ? 7   GLN A CD  1 
ATOM 60   O OE1 . GLN A 1 7   ? -24.955 -4.653  -2.933  1.00 56.68 ? 7   GLN A OE1 1 
ATOM 61   N NE2 . GLN A 1 7   ? -24.810 -6.653  -1.905  1.00 57.31 ? 7   GLN A NE2 1 
ATOM 62   N N   . HIS A 1 8   ? -21.434 -3.300  0.491   1.00 46.75 ? 8   HIS A N   1 
ATOM 63   C CA  . HIS A 1 8   ? -20.593 -2.838  1.594   1.00 45.11 ? 8   HIS A CA  1 
ATOM 64   C C   . HIS A 1 8   ? -19.202 -3.478  1.603   1.00 44.96 ? 8   HIS A C   1 
ATOM 65   O O   . HIS A 1 8   ? -18.240 -2.858  2.055   1.00 45.42 ? 8   HIS A O   1 
ATOM 66   C CB  . HIS A 1 8   ? -21.280 -3.107  2.942   1.00 45.91 ? 8   HIS A CB  1 
ATOM 67   C CG  . HIS A 1 8   ? -21.145 -4.521  3.410   1.00 46.16 ? 8   HIS A CG  1 
ATOM 68   N ND1 . HIS A 1 8   ? -21.767 -5.576  2.777   1.00 49.17 ? 8   HIS A ND1 1 
ATOM 69   C CD2 . HIS A 1 8   ? -20.408 -5.064  4.408   1.00 48.59 ? 8   HIS A CD2 1 
ATOM 70   C CE1 . HIS A 1 8   ? -21.416 -6.707  3.364   1.00 50.07 ? 8   HIS A CE1 1 
ATOM 71   N NE2 . HIS A 1 8   ? -20.591 -6.424  4.357   1.00 47.71 ? 8   HIS A NE2 1 
ATOM 72   N N   . ASP A 1 9   ? -19.094 -4.705  1.098   1.00 43.76 ? 9   ASP A N   1 
ATOM 73   C CA  . ASP A 1 9   ? -17.815 -5.415  1.083   1.00 42.90 ? 9   ASP A CA  1 
ATOM 74   C C   . ASP A 1 9   ? -17.221 -5.585  -0.312  1.00 41.30 ? 9   ASP A C   1 
ATOM 75   O O   . ASP A 1 9   ? -16.466 -6.523  -0.556  1.00 40.52 ? 9   ASP A O   1 
ATOM 76   C CB  . ASP A 1 9   ? -17.979 -6.795  1.740   1.00 44.84 ? 9   ASP A CB  1 
ATOM 77   C CG  . ASP A 1 9   ? -19.017 -7.665  1.036   1.00 47.38 ? 9   ASP A CG  1 
ATOM 78   O OD1 . ASP A 1 9   ? -19.193 -8.837  1.448   1.00 48.79 ? 9   ASP A OD1 1 
ATOM 79   O OD2 . ASP A 1 9   ? -19.656 -7.182  0.072   1.00 45.53 ? 9   ASP A OD2 1 
ATOM 80   N N   . GLU A 1 10  ? -17.552 -4.658  -1.208  1.00 40.37 ? 10  GLU A N   1 
ATOM 81   C CA  . GLU A 1 10  ? -17.091 -4.683  -2.595  1.00 39.28 ? 10  GLU A CA  1 
ATOM 82   C C   . GLU A 1 10  ? -16.035 -3.611  -2.911  1.00 39.55 ? 10  GLU A C   1 
ATOM 83   O O   . GLU A 1 10  ? -16.237 -2.428  -2.636  1.00 38.13 ? 10  GLU A O   1 
ATOM 84   C CB  . GLU A 1 10  ? -18.301 -4.493  -3.524  1.00 40.69 ? 10  GLU A CB  1 
ATOM 85   C CG  . GLU A 1 10  ? -17.982 -4.397  -5.028  1.00 41.71 ? 10  GLU A CG  1 
ATOM 86   C CD  . GLU A 1 10  ? -19.215 -4.059  -5.890  1.00 43.43 ? 10  GLU A CD  1 
ATOM 87   O OE1 . GLU A 1 10  ? -20.364 -4.199  -5.416  1.00 42.83 ? 10  GLU A OE1 1 
ATOM 88   O OE2 . GLU A 1 10  ? -19.028 -3.662  -7.054  1.00 43.76 ? 10  GLU A OE2 1 
ATOM 89   N N   . LEU A 1 11  ? -14.914 -4.026  -3.496  1.00 39.58 ? 11  LEU A N   1 
ATOM 90   C CA  . LEU A 1 11  ? -13.862 -3.083  -3.876  1.00 40.36 ? 11  LEU A CA  1 
ATOM 91   C C   . LEU A 1 11  ? -14.236 -2.355  -5.159  1.00 40.60 ? 11  LEU A C   1 
ATOM 92   O O   . LEU A 1 11  ? -14.991 -2.874  -5.987  1.00 40.31 ? 11  LEU A O   1 
ATOM 93   C CB  . LEU A 1 11  ? -12.537 -3.794  -4.144  1.00 38.41 ? 11  LEU A CB  1 
ATOM 94   C CG  . LEU A 1 11  ? -11.698 -4.401  -3.032  1.00 41.55 ? 11  LEU A CG  1 
ATOM 95   C CD1 . LEU A 1 11  ? -10.407 -4.897  -3.657  1.00 41.07 ? 11  LEU A CD1 1 
ATOM 96   C CD2 . LEU A 1 11  ? -11.398 -3.379  -1.954  1.00 41.94 ? 11  LEU A CD2 1 
ATOM 97   N N   . ARG A 1 12  ? -13.712 -1.144  -5.314  1.00 40.68 ? 12  ARG A N   1 
ATOM 98   C CA  . ARG A 1 12  ? -13.929 -0.370  -6.531  1.00 39.19 ? 12  ARG A CA  1 
ATOM 99   C C   . ARG A 1 12  ? -13.092 -1.097  -7.583  1.00 38.88 ? 12  ARG A C   1 
ATOM 100  O O   . ARG A 1 12  ? -12.231 -1.917  -7.246  1.00 38.14 ? 12  ARG A O   1 
ATOM 101  C CB  . ARG A 1 12  ? -13.398 1.061   -6.370  1.00 37.90 ? 12  ARG A CB  1 
ATOM 102  C CG  . ARG A 1 12  ? -14.241 1.975   -5.495  1.00 38.73 ? 12  ARG A CG  1 
ATOM 103  C CD  . ARG A 1 12  ? -13.548 3.308   -5.251  1.00 38.07 ? 12  ARG A CD  1 
ATOM 104  N NE  . ARG A 1 12  ? -12.340 3.124   -4.459  1.00 37.05 ? 12  ARG A NE  1 
ATOM 105  C CZ  . ARG A 1 12  ? -11.551 4.109   -4.045  1.00 38.08 ? 12  ARG A CZ  1 
ATOM 106  N NH1 . ARG A 1 12  ? -11.834 5.369   -4.346  1.00 33.92 ? 12  ARG A NH1 1 
ATOM 107  N NH2 . ARG A 1 12  ? -10.475 3.825   -3.322  1.00 38.40 ? 12  ARG A NH2 1 
ATOM 108  N N   . PRO A 1 13  ? -13.344 -0.830  -8.868  1.00 39.02 ? 13  PRO A N   1 
ATOM 109  C CA  . PRO A 1 13  ? -12.567 -1.492  -9.922  1.00 39.25 ? 13  PRO A CA  1 
ATOM 110  C C   . PRO A 1 13  ? -11.071 -1.216  -9.728  1.00 40.47 ? 13  PRO A C   1 
ATOM 111  O O   . PRO A 1 13  ? -10.672 -0.063  -9.556  1.00 41.84 ? 13  PRO A O   1 
ATOM 112  C CB  . PRO A 1 13  ? -13.105 -0.847  -11.190 1.00 38.73 ? 13  PRO A CB  1 
ATOM 113  C CG  . PRO A 1 13  ? -14.534 -0.552  -10.829 1.00 39.01 ? 13  PRO A CG  1 
ATOM 114  C CD  . PRO A 1 13  ? -14.398 0.020   -9.446  1.00 37.35 ? 13  PRO A CD  1 
ATOM 115  N N   . ILE A 1 14  ? -10.254 -2.270  -9.742  1.00 39.80 ? 14  ILE A N   1 
ATOM 116  C CA  . ILE A 1 14  ? -8.815  -2.126  -9.562  1.00 41.49 ? 14  ILE A CA  1 
ATOM 117  C C   . ILE A 1 14  ? -8.061  -2.374  -10.858 1.00 42.71 ? 14  ILE A C   1 
ATOM 118  O O   . ILE A 1 14  ? -8.319  -3.347  -11.561 1.00 43.75 ? 14  ILE A O   1 
ATOM 119  C CB  . ILE A 1 14  ? -8.265  -3.116  -8.526  1.00 43.37 ? 14  ILE A CB  1 
ATOM 120  C CG1 . ILE A 1 14  ? -8.950  -2.909  -7.181  1.00 45.77 ? 14  ILE A CG1 1 
ATOM 121  C CG2 . ILE A 1 14  ? -6.769  -2.917  -8.376  1.00 41.98 ? 14  ILE A CG2 1 
ATOM 122  C CD1 . ILE A 1 14  ? -8.663  -1.565  -6.534  1.00 49.96 ? 14  ILE A CD1 1 
ATOM 123  N N   . THR A 1 15  ? -7.114  -1.500  -11.166 1.00 42.04 ? 15  THR A N   1 
ATOM 124  C CA  . THR A 1 15  ? -6.322  -1.647  -12.383 1.00 42.24 ? 15  THR A CA  1 
ATOM 125  C C   . THR A 1 15  ? -4.842  -1.414  -12.112 1.00 41.08 ? 15  THR A C   1 
ATOM 126  O O   . THR A 1 15  ? -4.471  -0.419  -11.504 1.00 42.14 ? 15  THR A O   1 
ATOM 127  C CB  . THR A 1 15  ? -6.755  -0.638  -13.475 1.00 40.69 ? 15  THR A CB  1 
ATOM 128  O OG1 . THR A 1 15  ? -8.156  -0.769  -13.721 1.00 45.23 ? 15  THR A OG1 1 
ATOM 129  C CG2 . THR A 1 15  ? -5.985  -0.887  -14.771 1.00 40.68 ? 15  THR A CG2 1 
ATOM 130  N N   . PHE A 1 16  ? -4.003  -2.339  -12.559 1.00 43.39 ? 16  PHE A N   1 
ATOM 131  C CA  . PHE A 1 16  ? -2.554  -2.207  -12.410 1.00 45.08 ? 16  PHE A CA  1 
ATOM 132  C C   . PHE A 1 16  ? -1.991  -2.111  -13.832 1.00 46.26 ? 16  PHE A C   1 
ATOM 133  O O   . PHE A 1 16  ? -1.722  -3.118  -14.491 1.00 46.79 ? 16  PHE A O   1 
ATOM 134  C CB  . PHE A 1 16  ? -1.951  -3.416  -11.680 1.00 43.85 ? 16  PHE A CB  1 
ATOM 135  C CG  . PHE A 1 16  ? -2.467  -3.608  -10.274 1.00 44.52 ? 16  PHE A CG  1 
ATOM 136  C CD1 . PHE A 1 16  ? -3.004  -2.545  -9.554  1.00 46.76 ? 16  PHE A CD1 1 
ATOM 137  C CD2 . PHE A 1 16  ? -2.389  -4.852  -9.659  1.00 44.45 ? 16  PHE A CD2 1 
ATOM 138  C CE1 . PHE A 1 16  ? -3.454  -2.723  -8.245  1.00 47.87 ? 16  PHE A CE1 1 
ATOM 139  C CE2 . PHE A 1 16  ? -2.830  -5.039  -8.360  1.00 44.99 ? 16  PHE A CE2 1 
ATOM 140  C CZ  . PHE A 1 16  ? -3.366  -3.974  -7.650  1.00 47.07 ? 16  PHE A CZ  1 
ATOM 141  N N   . ASP A 1 17  ? -1.829  -0.882  -14.299 1.00 47.38 ? 17  ASP A N   1 
ATOM 142  C CA  . ASP A 1 17  ? -1.338  -0.627  -15.637 1.00 47.70 ? 17  ASP A CA  1 
ATOM 143  C C   . ASP A 1 17  ? 0.184   -0.465  -15.685 1.00 49.97 ? 17  ASP A C   1 
ATOM 144  O O   . ASP A 1 17  ? 0.733   0.460   -15.087 1.00 49.53 ? 17  ASP A O   1 
ATOM 145  C CB  . ASP A 1 17  ? -2.025  0.635   -16.163 1.00 46.74 ? 17  ASP A CB  1 
ATOM 146  C CG  . ASP A 1 17  ? -1.757  0.890   -17.639 1.00 46.64 ? 17  ASP A CG  1 
ATOM 147  O OD1 . ASP A 1 17  ? -0.978  0.131   -18.260 1.00 46.35 ? 17  ASP A OD1 1 
ATOM 148  O OD2 . ASP A 1 17  ? -2.338  1.861   -18.171 1.00 45.40 ? 17  ASP A OD2 1 
ATOM 149  N N   . LEU A 1 18  ? 0.869   -1.364  -16.396 1.00 52.47 ? 18  LEU A N   1 
ATOM 150  C CA  . LEU A 1 18  ? 2.327   -1.272  -16.537 1.00 53.33 ? 18  LEU A CA  1 
ATOM 151  C C   . LEU A 1 18  ? 2.709   -0.638  -17.880 1.00 56.42 ? 18  LEU A C   1 
ATOM 152  O O   . LEU A 1 18  ? 3.801   -0.885  -18.403 1.00 58.34 ? 18  LEU A O   1 
ATOM 153  C CB  . LEU A 1 18  ? 2.985   -2.648  -16.434 1.00 49.88 ? 18  LEU A CB  1 
ATOM 154  C CG  . LEU A 1 18  ? 2.765   -3.471  -15.165 1.00 49.21 ? 18  LEU A CG  1 
ATOM 155  C CD1 . LEU A 1 18  ? 3.884   -4.488  -15.042 1.00 48.38 ? 18  LEU A CD1 1 
ATOM 156  C CD2 . LEU A 1 18  ? 2.760   -2.586  -13.947 1.00 47.38 ? 18  LEU A CD2 1 
ATOM 157  N N   . ASP A 1 19  ? 1.803   0.166   -18.434 1.00 58.72 ? 19  ASP A N   1 
ATOM 158  C CA  . ASP A 1 19  ? 2.021   0.862   -19.708 1.00 60.88 ? 19  ASP A CA  1 
ATOM 159  C C   . ASP A 1 19  ? 1.390   2.251   -19.682 1.00 60.95 ? 19  ASP A C   1 
ATOM 160  O O   . ASP A 1 19  ? 0.783   2.681   -20.658 1.00 60.73 ? 19  ASP A O   1 
ATOM 161  C CB  . ASP A 1 19  ? 1.424   0.068   -20.870 1.00 63.35 ? 19  ASP A CB  1 
ATOM 162  C CG  . ASP A 1 19  ? 2.310   -1.077  -21.303 1.00 67.04 ? 19  ASP A CG  1 
ATOM 163  O OD1 . ASP A 1 19  ? 3.478   -0.801  -21.674 1.00 69.58 ? 19  ASP A OD1 1 
ATOM 164  O OD2 . ASP A 1 19  ? 1.846   -2.245  -21.277 1.00 68.24 ? 19  ASP A OD2 1 
ATOM 165  N N   . GLU A 1 25  ? 11.285  2.078   -18.143 1.00 59.85 ? 25  GLU A N   1 
ATOM 166  C CA  . GLU A 1 25  ? 10.697  2.330   -16.825 1.00 61.53 ? 25  GLU A CA  1 
ATOM 167  C C   . GLU A 1 25  ? 9.800   1.204   -16.360 1.00 60.51 ? 25  GLU A C   1 
ATOM 168  O O   . GLU A 1 25  ? 9.000   0.674   -17.134 1.00 61.34 ? 25  GLU A O   1 
ATOM 169  C CB  . GLU A 1 25  ? 9.832   3.594   -16.822 1.00 63.43 ? 25  GLU A CB  1 
ATOM 170  C CG  . GLU A 1 25  ? 10.554  4.904   -17.010 1.00 67.39 ? 25  GLU A CG  1 
ATOM 171  C CD  . GLU A 1 25  ? 9.637   6.077   -16.701 1.00 71.11 ? 25  GLU A CD  1 
ATOM 172  O OE1 . GLU A 1 25  ? 8.418   5.950   -16.987 1.00 71.36 ? 25  GLU A OE1 1 
ATOM 173  O OE2 . GLU A 1 25  ? 10.127  7.113   -16.177 1.00 72.43 ? 25  GLU A OE2 1 
ATOM 174  N N   . GLY A 1 26  ? 9.912   0.860   -15.083 1.00 58.75 ? 26  GLY A N   1 
ATOM 175  C CA  . GLY A 1 26  ? 9.057   -0.182  -14.528 1.00 55.69 ? 26  GLY A CA  1 
ATOM 176  C C   . GLY A 1 26  ? 7.913   0.479   -13.768 1.00 52.91 ? 26  GLY A C   1 
ATOM 177  O O   . GLY A 1 26  ? 7.413   -0.040  -12.765 1.00 52.29 ? 26  GLY A O   1 
ATOM 178  N N   . SER A 1 27  ? 7.519   1.647   -14.274 1.00 50.76 ? 27  SER A N   1 
ATOM 179  C CA  . SER A 1 27  ? 6.455   2.478   -13.724 1.00 48.52 ? 27  SER A CA  1 
ATOM 180  C C   . SER A 1 27  ? 5.100   1.750   -13.632 1.00 47.69 ? 27  SER A C   1 
ATOM 181  O O   . SER A 1 27  ? 4.731   0.965   -14.514 1.00 44.77 ? 27  SER A O   1 
ATOM 182  C CB  . SER A 1 27  ? 6.339   3.730   -14.591 1.00 49.73 ? 27  SER A CB  1 
ATOM 183  O OG  . SER A 1 27  ? 5.577   4.737   -13.969 1.00 52.44 ? 27  SER A OG  1 
ATOM 184  N N   . VAL A 1 28  ? 4.369   2.018   -12.551 1.00 45.83 ? 28  VAL A N   1 
ATOM 185  C CA  . VAL A 1 28  ? 3.070   1.393   -12.313 1.00 44.20 ? 28  VAL A CA  1 
ATOM 186  C C   . VAL A 1 28  ? 1.957   2.407   -12.063 1.00 44.07 ? 28  VAL A C   1 
ATOM 187  O O   . VAL A 1 28  ? 2.068   3.286   -11.203 1.00 43.56 ? 28  VAL A O   1 
ATOM 188  C CB  . VAL A 1 28  ? 3.109   0.441   -11.089 1.00 44.91 ? 28  VAL A CB  1 
ATOM 189  C CG1 . VAL A 1 28  ? 1.710   -0.096  -10.806 1.00 45.37 ? 28  VAL A CG1 1 
ATOM 190  C CG2 . VAL A 1 28  ? 4.075   -0.709  -11.341 1.00 42.42 ? 28  VAL A CG2 1 
ATOM 191  N N   . LEU A 1 29  ? 0.875   2.285   -12.818 1.00 41.90 ? 29  LEU A N   1 
ATOM 192  C CA  . LEU A 1 29  ? -0.240  3.182   -12.626 1.00 42.11 ? 29  LEU A CA  1 
ATOM 193  C C   . LEU A 1 29  ? -1.379  2.358   -12.063 1.00 42.19 ? 29  LEU A C   1 
ATOM 194  O O   . LEU A 1 29  ? -1.923  1.487   -12.735 1.00 42.18 ? 29  LEU A O   1 
ATOM 195  C CB  . LEU A 1 29  ? -0.654  3.829   -13.938 1.00 41.94 ? 29  LEU A CB  1 
ATOM 196  C CG  . LEU A 1 29  ? -1.847  4.768   -13.797 1.00 45.68 ? 29  LEU A CG  1 
ATOM 197  C CD1 . LEU A 1 29  ? -1.545  5.811   -12.734 1.00 44.78 ? 29  LEU A CD1 1 
ATOM 198  C CD2 . LEU A 1 29  ? -2.132  5.434   -15.137 1.00 45.49 ? 29  LEU A CD2 1 
ATOM 199  N N   . ILE A 1 30  ? -1.717  2.614   -10.808 1.00 42.07 ? 30  ILE A N   1 
ATOM 200  C CA  . ILE A 1 30  ? -2.784  1.878   -10.168 1.00 41.50 ? 30  ILE A CA  1 
ATOM 201  C C   . ILE A 1 30  ? -4.040  2.729   -10.121 1.00 40.97 ? 30  ILE A C   1 
ATOM 202  O O   . ILE A 1 30  ? -3.994  3.927   -9.856  1.00 41.54 ? 30  ILE A O   1 
ATOM 203  C CB  . ILE A 1 30  ? -2.376  1.430   -8.737  1.00 41.90 ? 30  ILE A CB  1 
ATOM 204  C CG1 . ILE A 1 30  ? -3.589  0.865   -7.997  1.00 43.02 ? 30  ILE A CG1 1 
ATOM 205  C CG2 . ILE A 1 30  ? -1.779  2.596   -7.970  1.00 42.72 ? 30  ILE A CG2 1 
ATOM 206  C CD1 . ILE A 1 30  ? -3.279  0.361   -6.615  1.00 41.85 ? 30  ILE A CD1 1 
ATOM 207  N N   . THR A 1 31  ? -5.165  2.097   -10.412 1.00 40.74 ? 31  THR A N   1 
ATOM 208  C CA  . THR A 1 31  ? -6.446  2.776   -10.402 1.00 40.71 ? 31  THR A CA  1 
ATOM 209  C C   . THR A 1 31  ? -7.423  2.032   -9.508  1.00 41.64 ? 31  THR A C   1 
ATOM 210  O O   . THR A 1 31  ? -7.579  0.809   -9.612  1.00 39.87 ? 31  THR A O   1 
ATOM 211  C CB  . THR A 1 31  ? -7.067  2.845   -11.801 1.00 39.65 ? 31  THR A CB  1 
ATOM 212  O OG1 . THR A 1 31  ? -6.199  3.561   -12.682 1.00 39.86 ? 31  THR A OG1 1 
ATOM 213  C CG2 . THR A 1 31  ? -8.414  3.536   -11.739 1.00 37.44 ? 31  THR A CG2 1 
ATOM 214  N N   . ALA A 1 32  ? -8.065  2.789   -8.628  1.00 40.64 ? 32  ALA A N   1 
ATOM 215  C CA  . ALA A 1 32  ? -9.064  2.268   -7.714  1.00 42.86 ? 32  ALA A CA  1 
ATOM 216  C C   . ALA A 1 32  ? -10.239 3.227   -7.865  1.00 43.04 ? 32  ALA A C   1 
ATOM 217  O O   . ALA A 1 32  ? -10.250 4.315   -7.277  1.00 41.48 ? 32  ALA A O   1 
ATOM 218  C CB  . ALA A 1 32  ? -8.542  2.286   -6.286  1.00 40.33 ? 32  ALA A CB  1 
ATOM 219  N N   . GLY A 1 33  ? -11.224 2.829   -8.667  1.00 42.50 ? 33  GLY A N   1 
ATOM 220  C CA  . GLY A 1 33  ? -12.363 3.699   -8.877  1.00 43.05 ? 33  GLY A CA  1 
ATOM 221  C C   . GLY A 1 33  ? -11.831 4.934   -9.565  1.00 43.96 ? 33  GLY A C   1 
ATOM 222  O O   . GLY A 1 33  ? -11.285 4.826   -10.654 1.00 45.47 ? 33  GLY A O   1 
ATOM 223  N N   . ASN A 1 34  ? -11.954 6.100   -8.937  1.00 43.65 ? 34  ASN A N   1 
ATOM 224  C CA  . ASN A 1 34  ? -11.452 7.324   -9.548  1.00 42.09 ? 34  ASN A CA  1 
ATOM 225  C C   . ASN A 1 34  ? -10.097 7.722   -8.987  1.00 43.73 ? 34  ASN A C   1 
ATOM 226  O O   . ASN A 1 34  ? -9.503  8.708   -9.425  1.00 44.49 ? 34  ASN A O   1 
ATOM 227  C CB  . ASN A 1 34  ? -12.440 8.471   -9.359  1.00 42.51 ? 34  ASN A CB  1 
ATOM 228  C CG  . ASN A 1 34  ? -13.790 8.178   -9.979  1.00 45.20 ? 34  ASN A CG  1 
ATOM 229  O OD1 . ASN A 1 34  ? -13.880 7.788   -11.145 1.00 45.50 ? 34  ASN A OD1 1 
ATOM 230  N ND2 . ASN A 1 34  ? -14.849 8.368   -9.204  1.00 41.69 ? 34  ASN A ND2 1 
ATOM 231  N N   . THR A 1 35  ? -9.603  6.966   -8.016  1.00 41.61 ? 35  THR A N   1 
ATOM 232  C CA  . THR A 1 35  ? -8.303  7.278   -7.461  1.00 40.60 ? 35  THR A CA  1 
ATOM 233  C C   . THR A 1 35  ? -7.260  6.685   -8.392  1.00 41.25 ? 35  THR A C   1 
ATOM 234  O O   . THR A 1 35  ? -7.382  5.543   -8.826  1.00 42.19 ? 35  THR A O   1 
ATOM 235  C CB  . THR A 1 35  ? -8.126  6.703   -6.033  1.00 39.03 ? 35  THR A CB  1 
ATOM 236  O OG1 . THR A 1 35  ? -8.876  7.497   -5.110  1.00 37.05 ? 35  THR A OG1 1 
ATOM 237  C CG2 . THR A 1 35  ? -6.656  6.732   -5.618  1.00 38.28 ? 35  THR A CG2 1 
ATOM 238  N N   . LYS A 1 36  ? -6.248  7.480   -8.715  1.00 40.61 ? 36  LYS A N   1 
ATOM 239  C CA  . LYS A 1 36  ? -5.181  7.041   -9.594  1.00 41.37 ? 36  LYS A CA  1 
ATOM 240  C C   . LYS A 1 36  ? -3.849  7.553   -9.080  1.00 40.74 ? 36  LYS A C   1 
ATOM 241  O O   . LYS A 1 36  ? -3.711  8.730   -8.752  1.00 40.41 ? 36  LYS A O   1 
ATOM 242  C CB  . LYS A 1 36  ? -5.426  7.549   -11.016 1.00 41.02 ? 36  LYS A CB  1 
ATOM 243  C CG  . LYS A 1 36  ? -6.557  6.846   -11.728 1.00 41.78 ? 36  LYS A CG  1 
ATOM 244  C CD  . LYS A 1 36  ? -6.840  7.494   -13.074 1.00 44.36 ? 36  LYS A CD  1 
ATOM 245  C CE  . LYS A 1 36  ? -7.774  6.634   -13.918 1.00 42.98 ? 36  LYS A CE  1 
ATOM 246  N NZ  . LYS A 1 36  ? -7.096  5.385   -14.352 1.00 42.32 ? 36  LYS A NZ  1 
ATOM 247  N N   . VAL A 1 37  ? -2.873  6.660   -9.009  1.00 40.65 ? 37  VAL A N   1 
ATOM 248  C CA  . VAL A 1 37  ? -1.549  7.017   -8.523  1.00 40.52 ? 37  VAL A CA  1 
ATOM 249  C C   . VAL A 1 37  ? -0.481  6.384   -9.400  1.00 41.00 ? 37  VAL A C   1 
ATOM 250  O O   . VAL A 1 37  ? -0.581  5.219   -9.771  1.00 41.67 ? 37  VAL A O   1 
ATOM 251  C CB  . VAL A 1 37  ? -1.338  6.523   -7.058  1.00 41.63 ? 37  VAL A CB  1 
ATOM 252  C CG1 . VAL A 1 37  ? 0.039   6.925   -6.556  1.00 38.65 ? 37  VAL A CG1 1 
ATOM 253  C CG2 . VAL A 1 37  ? -2.419  7.084   -6.152  1.00 40.26 ? 37  VAL A CG2 1 
ATOM 254  N N   . ILE A 1 38  ? 0.542   7.156   -9.738  1.00 42.00 ? 38  ILE A N   1 
ATOM 255  C CA  . ILE A 1 38  ? 1.635   6.636   -10.542 1.00 42.78 ? 38  ILE A CA  1 
ATOM 256  C C   . ILE A 1 38  ? 2.787   6.315   -9.578  1.00 44.05 ? 38  ILE A C   1 
ATOM 257  O O   . ILE A 1 38  ? 3.219   7.167   -8.802  1.00 43.13 ? 38  ILE A O   1 
ATOM 258  C CB  . ILE A 1 38  ? 2.085   7.673   -11.588 1.00 43.42 ? 38  ILE A CB  1 
ATOM 259  C CG1 . ILE A 1 38  ? 0.880   8.098   -12.425 1.00 44.75 ? 38  ILE A CG1 1 
ATOM 260  C CG2 . ILE A 1 38  ? 3.153   7.083   -12.492 1.00 43.76 ? 38  ILE A CG2 1 
ATOM 261  C CD1 . ILE A 1 38  ? 1.167   9.205   -13.414 1.00 48.00 ? 38  ILE A CD1 1 
ATOM 262  N N   . CYS A 1 39  ? 3.274   5.081   -9.619  1.00 44.49 ? 39  CYS A N   1 
ATOM 263  C CA  . CYS A 1 39  ? 4.347   4.676   -8.729  1.00 46.21 ? 39  CYS A CA  1 
ATOM 264  C C   . CYS A 1 39  ? 5.588   4.210   -9.459  1.00 47.06 ? 39  CYS A C   1 
ATOM 265  O O   . CYS A 1 39  ? 5.510   3.412   -10.387 1.00 46.82 ? 39  CYS A O   1 
ATOM 266  C CB  . CYS A 1 39  ? 3.856   3.568   -7.804  1.00 46.91 ? 39  CYS A CB  1 
ATOM 267  S SG  . CYS A 1 39  ? 2.477   4.073   -6.751  1.00 51.82 ? 39  CYS A SG  1 
ATOM 268  N N   . ASN A 1 40  ? 6.741   4.706   -9.026  1.00 48.18 ? 40  ASN A N   1 
ATOM 269  C CA  . ASN A 1 40  ? 7.992   4.329   -9.656  1.00 50.07 ? 40  ASN A CA  1 
ATOM 270  C C   . ASN A 1 40  ? 9.029   3.884   -8.635  1.00 49.37 ? 40  ASN A C   1 
ATOM 271  O O   . ASN A 1 40  ? 9.117   4.426   -7.525  1.00 49.98 ? 40  ASN A O   1 
ATOM 272  C CB  . ASN A 1 40  ? 8.543   5.500   -10.484 1.00 53.87 ? 40  ASN A CB  1 
ATOM 273  C CG  . ASN A 1 40  ? 9.670   5.070   -11.421 1.00 59.18 ? 40  ASN A CG  1 
ATOM 274  O OD1 . ASN A 1 40  ? 9.524   4.118   -12.194 1.00 61.33 ? 40  ASN A OD1 1 
ATOM 275  N ND2 . ASN A 1 40  ? 10.799  5.774   -11.358 1.00 62.04 ? 40  ASN A ND2 1 
ATOM 276  N N   . ALA A 1 41  ? 9.796   2.868   -9.002  1.00 47.45 ? 41  ALA A N   1 
ATOM 277  C CA  . ALA A 1 41  ? 10.840  2.358   -8.133  1.00 47.98 ? 41  ALA A CA  1 
ATOM 278  C C   . ALA A 1 41  ? 12.162  2.546   -8.864  1.00 49.05 ? 41  ALA A C   1 
ATOM 279  O O   . ALA A 1 41  ? 12.265  2.290   -10.064 1.00 49.40 ? 41  ALA A O   1 
ATOM 280  C CB  . ALA A 1 41  ? 10.606  0.892   -7.812  1.00 45.60 ? 41  ALA A CB  1 
ATOM 281  N N   . SER A 1 42  ? 13.167  3.009   -8.132  1.00 49.22 ? 42  SER A N   1 
ATOM 282  C CA  . SER A 1 42  ? 14.484  3.257   -8.702  1.00 49.77 ? 42  SER A CA  1 
ATOM 283  C C   . SER A 1 42  ? 15.555  2.704   -7.758  1.00 49.03 ? 42  SER A C   1 
ATOM 284  O O   . SER A 1 42  ? 15.447  2.869   -6.556  1.00 50.90 ? 42  SER A O   1 
ATOM 285  C CB  . SER A 1 42  ? 14.650  4.762   -8.886  1.00 49.72 ? 42  SER A CB  1 
ATOM 286  O OG  . SER A 1 42  ? 15.963  5.082   -9.273  1.00 54.94 ? 42  SER A OG  1 
ATOM 287  N N   . VAL A 1 43  ? 16.581  2.050   -8.294  1.00 48.62 ? 43  VAL A N   1 
ATOM 288  C CA  . VAL A 1 43  ? 17.633  1.487   -7.455  1.00 46.95 ? 43  VAL A CA  1 
ATOM 289  C C   . VAL A 1 43  ? 18.958  2.241   -7.572  1.00 48.45 ? 43  VAL A C   1 
ATOM 290  O O   . VAL A 1 43  ? 19.423  2.549   -8.673  1.00 49.76 ? 43  VAL A O   1 
ATOM 291  C CB  . VAL A 1 43  ? 17.880  0.007   -7.789  1.00 46.17 ? 43  VAL A CB  1 
ATOM 292  C CG1 . VAL A 1 43  ? 18.853  -0.593  -6.775  1.00 46.30 ? 43  VAL A CG1 1 
ATOM 293  C CG2 . VAL A 1 43  ? 16.565  -0.755  -7.786  1.00 44.00 ? 43  VAL A CG2 1 
ATOM 294  N N   . GLU A 1 44  ? 19.569  2.520   -6.426  1.00 47.79 ? 44  GLU A N   1 
ATOM 295  C CA  . GLU A 1 44  ? 20.831  3.250   -6.369  1.00 49.22 ? 44  GLU A CA  1 
ATOM 296  C C   . GLU A 1 44  ? 21.791  2.499   -5.461  1.00 48.65 ? 44  GLU A C   1 
ATOM 297  O O   . GLU A 1 44  ? 21.413  2.064   -4.370  1.00 47.74 ? 44  GLU A O   1 
ATOM 298  C CB  . GLU A 1 44  ? 20.572  4.655   -5.832  1.00 53.14 ? 44  GLU A CB  1 
ATOM 299  C CG  . GLU A 1 44  ? 21.795  5.539   -5.666  1.00 60.14 ? 44  GLU A CG  1 
ATOM 300  C CD  . GLU A 1 44  ? 21.415  6.940   -5.162  1.00 62.92 ? 44  GLU A CD  1 
ATOM 301  O OE1 . GLU A 1 44  ? 22.327  7.745   -4.849  1.00 63.12 ? 44  GLU A OE1 1 
ATOM 302  O OE2 . GLU A 1 44  ? 20.193  7.229   -5.081  1.00 64.07 ? 44  GLU A OE2 1 
ATOM 303  N N   . ASP A 1 45  ? 23.030  2.343   -5.908  1.00 46.80 ? 45  ASP A N   1 
ATOM 304  C CA  . ASP A 1 45  ? 24.010  1.611   -5.122  1.00 49.39 ? 45  ASP A CA  1 
ATOM 305  C C   . ASP A 1 45  ? 24.704  2.387   -4.013  1.00 49.04 ? 45  ASP A C   1 
ATOM 306  O O   . ASP A 1 45  ? 25.918  2.316   -3.838  1.00 49.64 ? 45  ASP A O   1 
ATOM 307  C CB  . ASP A 1 45  ? 25.034  0.959   -6.053  1.00 48.45 ? 45  ASP A CB  1 
ATOM 308  C CG  . ASP A 1 45  ? 24.612  -0.432  -6.478  1.00 47.83 ? 45  ASP A CG  1 
ATOM 309  O OD1 . ASP A 1 45  ? 23.397  -0.650  -6.670  1.00 46.07 ? 45  ASP A OD1 1 
ATOM 310  O OD2 . ASP A 1 45  ? 25.488  -1.306  -6.621  1.00 47.85 ? 45  ASP A OD2 1 
ATOM 311  N N   . ARG A 1 46  ? 23.898  3.119   -3.256  1.00 50.80 ? 46  ARG A N   1 
ATOM 312  C CA  . ARG A 1 46  ? 24.364  3.896   -2.120  1.00 51.64 ? 46  ARG A CA  1 
ATOM 313  C C   . ARG A 1 46  ? 23.401  3.600   -0.980  1.00 51.59 ? 46  ARG A C   1 
ATOM 314  O O   . ARG A 1 46  ? 22.419  2.888   -1.168  1.00 49.55 ? 46  ARG A O   1 
ATOM 315  C CB  . ARG A 1 46  ? 24.359  5.392   -2.440  1.00 52.34 ? 46  ARG A CB  1 
ATOM 316  C CG  . ARG A 1 46  ? 25.488  5.805   -3.368  1.00 58.64 ? 46  ARG A CG  1 
ATOM 317  C CD  . ARG A 1 46  ? 25.712  7.300   -3.332  1.00 62.65 ? 46  ARG A CD  1 
ATOM 318  N NE  . ARG A 1 46  ? 24.489  8.032   -3.646  1.00 64.59 ? 46  ARG A NE  1 
ATOM 319  C CZ  . ARG A 1 46  ? 24.032  9.052   -2.917  1.00 67.59 ? 46  ARG A CZ  1 
ATOM 320  N NH1 . ARG A 1 46  ? 24.709  9.454   -1.831  1.00 65.32 ? 46  ARG A NH1 1 
ATOM 321  N NH2 . ARG A 1 46  ? 22.892  9.658   -3.264  1.00 67.36 ? 46  ARG A NH2 1 
ATOM 322  N N   . VAL A 1 47  ? 23.681  4.140   0.199   1.00 52.03 ? 47  VAL A N   1 
ATOM 323  C CA  . VAL A 1 47  ? 22.823  3.902   1.345   1.00 53.29 ? 47  VAL A CA  1 
ATOM 324  C C   . VAL A 1 47  ? 23.032  5.046   2.342   1.00 54.29 ? 47  VAL A C   1 
ATOM 325  O O   . VAL A 1 47  ? 24.096  5.670   2.376   1.00 54.14 ? 47  VAL A O   1 
ATOM 326  C CB  . VAL A 1 47  ? 23.152  2.495   1.960   1.00 53.57 ? 47  VAL A CB  1 
ATOM 327  C CG1 . VAL A 1 47  ? 24.340  2.569   2.892   1.00 53.27 ? 47  VAL A CG1 1 
ATOM 328  C CG2 . VAL A 1 47  ? 21.941  1.930   2.653   1.00 56.25 ? 47  VAL A CG2 1 
ATOM 329  N N   . PRO A 1 48  ? 22.012  5.365   3.151   1.00 54.99 ? 48  PRO A N   1 
ATOM 330  C CA  . PRO A 1 48  ? 22.209  6.463   4.104   1.00 56.15 ? 48  PRO A CA  1 
ATOM 331  C C   . PRO A 1 48  ? 23.470  6.260   4.942   1.00 56.32 ? 48  PRO A C   1 
ATOM 332  O O   . PRO A 1 48  ? 23.832  5.131   5.292   1.00 55.20 ? 48  PRO A O   1 
ATOM 333  C CB  . PRO A 1 48  ? 20.935  6.428   4.934   1.00 55.96 ? 48  PRO A CB  1 
ATOM 334  C CG  . PRO A 1 48  ? 19.914  5.944   3.922   1.00 55.92 ? 48  PRO A CG  1 
ATOM 335  C CD  . PRO A 1 48  ? 20.659  4.804   3.266   1.00 54.81 ? 48  PRO A CD  1 
ATOM 336  N N   . PRO A 1 49  ? 24.151  7.359   5.283   1.00 56.78 ? 49  PRO A N   1 
ATOM 337  C CA  . PRO A 1 49  ? 25.381  7.291   6.072   1.00 57.57 ? 49  PRO A CA  1 
ATOM 338  C C   . PRO A 1 49  ? 25.367  6.332   7.265   1.00 59.09 ? 49  PRO A C   1 
ATOM 339  O O   . PRO A 1 49  ? 26.320  5.573   7.464   1.00 58.83 ? 49  PRO A O   1 
ATOM 340  C CB  . PRO A 1 49  ? 25.628  8.752   6.458   1.00 56.84 ? 49  PRO A CB  1 
ATOM 341  C CG  . PRO A 1 49  ? 24.279  9.404   6.318   1.00 57.38 ? 49  PRO A CG  1 
ATOM 342  C CD  . PRO A 1 49  ? 23.711  8.750   5.105   1.00 56.06 ? 49  PRO A CD  1 
ATOM 343  N N   . PHE A 1 50  ? 24.287  6.329   8.042   1.00 60.81 ? 50  PHE A N   1 
ATOM 344  C CA  . PHE A 1 50  ? 24.244  5.444   9.198   1.00 62.82 ? 50  PHE A CA  1 
ATOM 345  C C   . PHE A 1 50  ? 24.251  3.956   8.828   1.00 62.71 ? 50  PHE A C   1 
ATOM 346  O O   . PHE A 1 50  ? 24.175  3.088   9.708   1.00 62.47 ? 50  PHE A O   1 
ATOM 347  C CB  . PHE A 1 50  ? 23.043  5.799   10.095  1.00 65.30 ? 50  PHE A CB  1 
ATOM 348  C CG  . PHE A 1 50  ? 21.714  5.281   9.605   1.00 67.70 ? 50  PHE A CG  1 
ATOM 349  C CD1 . PHE A 1 50  ? 21.299  3.981   9.911   1.00 68.76 ? 50  PHE A CD1 1 
ATOM 350  C CD2 . PHE A 1 50  ? 20.857  6.104   8.873   1.00 68.64 ? 50  PHE A CD2 1 
ATOM 351  C CE1 . PHE A 1 50  ? 20.039  3.506   9.497   1.00 69.27 ? 50  PHE A CE1 1 
ATOM 352  C CE2 . PHE A 1 50  ? 19.594  5.643   8.452   1.00 68.73 ? 50  PHE A CE2 1 
ATOM 353  C CZ  . PHE A 1 50  ? 19.186  4.344   8.767   1.00 69.04 ? 50  PHE A CZ  1 
ATOM 354  N N   . LEU A 1 51  ? 24.381  3.662   7.534   1.00 61.79 ? 51  LEU A N   1 
ATOM 355  C CA  . LEU A 1 51  ? 24.396  2.274   7.055   1.00 59.70 ? 51  LEU A CA  1 
ATOM 356  C C   . LEU A 1 51  ? 25.615  1.927   6.199   1.00 59.53 ? 51  LEU A C   1 
ATOM 357  O O   . LEU A 1 51  ? 25.907  0.743   5.976   1.00 58.09 ? 51  LEU A O   1 
ATOM 358  C CB  . LEU A 1 51  ? 23.133  1.981   6.241   1.00 59.68 ? 51  LEU A CB  1 
ATOM 359  C CG  . LEU A 1 51  ? 21.787  1.874   6.957   1.00 58.95 ? 51  LEU A CG  1 
ATOM 360  C CD1 . LEU A 1 51  ? 20.675  1.811   5.909   1.00 57.62 ? 51  LEU A CD1 1 
ATOM 361  C CD2 . LEU A 1 51  ? 21.767  0.622   7.840   1.00 58.01 ? 51  LEU A CD2 1 
ATOM 362  N N   . ARG A 1 52  ? 26.314  2.952   5.708   1.00 59.22 ? 52  ARG A N   1 
ATOM 363  C CA  . ARG A 1 52  ? 27.497  2.744   4.866   1.00 60.15 ? 52  ARG A CA  1 
ATOM 364  C C   . ARG A 1 52  ? 28.382  1.652   5.463   1.00 59.88 ? 52  ARG A C   1 
ATOM 365  O O   . ARG A 1 52  ? 28.697  1.688   6.652   1.00 60.70 ? 52  ARG A O   1 
ATOM 366  C CB  . ARG A 1 52  ? 28.305  4.042   4.749   1.00 61.59 ? 52  ARG A CB  1 
ATOM 367  C CG  . ARG A 1 52  ? 27.490  5.259   4.292   1.00 63.89 ? 52  ARG A CG  1 
ATOM 368  C CD  . ARG A 1 52  ? 27.770  5.633   2.843   1.00 62.61 ? 52  ARG A CD  1 
ATOM 369  N NE  . ARG A 1 52  ? 26.744  6.546   2.334   1.00 64.32 ? 52  ARG A NE  1 
ATOM 370  C CZ  . ARG A 1 52  ? 26.773  7.873   2.439   1.00 64.11 ? 52  ARG A CZ  1 
ATOM 371  N NH1 . ARG A 1 52  ? 27.797  8.491   3.040   1.00 65.12 ? 52  ARG A NH1 1 
ATOM 372  N NH2 . ARG A 1 52  ? 25.769  8.588   1.945   1.00 62.36 ? 52  ARG A NH2 1 
ATOM 373  N N   . GLY A 1 53  ? 28.772  0.678   4.648   1.00 59.55 ? 53  GLY A N   1 
ATOM 374  C CA  . GLY A 1 53  ? 29.618  -0.387  5.148   1.00 59.58 ? 53  GLY A CA  1 
ATOM 375  C C   . GLY A 1 53  ? 28.851  -1.548  5.748   1.00 60.72 ? 53  GLY A C   1 
ATOM 376  O O   . GLY A 1 53  ? 29.333  -2.692  5.751   1.00 61.58 ? 53  GLY A O   1 
ATOM 377  N N   . GLY A 1 54  ? 27.647  -1.268  6.241   1.00 59.91 ? 54  GLY A N   1 
ATOM 378  C CA  . GLY A 1 54  ? 26.836  -2.312  6.844   1.00 57.94 ? 54  GLY A CA  1 
ATOM 379  C C   . GLY A 1 54  ? 26.525  -3.526  5.980   1.00 57.37 ? 54  GLY A C   1 
ATOM 380  O O   . GLY A 1 54  ? 26.332  -4.616  6.513   1.00 57.86 ? 54  GLY A O   1 
ATOM 381  N N   . GLY A 1 55  ? 26.465  -3.356  4.661   1.00 56.56 ? 55  GLY A N   1 
ATOM 382  C CA  . GLY A 1 55  ? 26.161  -4.482  3.790   1.00 54.43 ? 55  GLY A CA  1 
ATOM 383  C C   . GLY A 1 55  ? 24.663  -4.755  3.684   1.00 54.00 ? 55  GLY A C   1 
ATOM 384  O O   . GLY A 1 55  ? 24.239  -5.718  3.033   1.00 51.98 ? 55  GLY A O   1 
ATOM 385  N N   . LYS A 1 56  ? 23.866  -3.904  4.329   1.00 53.37 ? 56  LYS A N   1 
ATOM 386  C CA  . LYS A 1 56  ? 22.406  -4.022  4.325   1.00 52.90 ? 56  LYS A CA  1 
ATOM 387  C C   . LYS A 1 56  ? 21.763  -2.845  3.580   1.00 51.69 ? 56  LYS A C   1 
ATOM 388  O O   . LYS A 1 56  ? 22.193  -1.699  3.720   1.00 51.14 ? 56  LYS A O   1 
ATOM 389  C CB  . LYS A 1 56  ? 21.885  -4.068  5.764   1.00 54.18 ? 56  LYS A CB  1 
ATOM 390  C CG  . LYS A 1 56  ? 22.211  -5.356  6.509   1.00 57.21 ? 56  LYS A CG  1 
ATOM 391  C CD  . LYS A 1 56  ? 21.716  -5.297  7.950   1.00 60.16 ? 56  LYS A CD  1 
ATOM 392  C CE  . LYS A 1 56  ? 21.613  -6.694  8.586   1.00 63.14 ? 56  LYS A CE  1 
ATOM 393  N NZ  . LYS A 1 56  ? 22.922  -7.431  8.626   1.00 63.74 ? 56  LYS A NZ  1 
ATOM 394  N N   . GLY A 1 57  ? 20.717  -3.132  2.810   1.00 50.70 ? 57  GLY A N   1 
ATOM 395  C CA  . GLY A 1 57  ? 20.049  -2.098  2.032   1.00 49.48 ? 57  GLY A CA  1 
ATOM 396  C C   . GLY A 1 57  ? 19.051  -1.209  2.751   1.00 48.89 ? 57  GLY A C   1 
ATOM 397  O O   . GLY A 1 57  ? 18.926  -1.233  3.972   1.00 49.87 ? 57  GLY A O   1 
ATOM 398  N N   . TRP A 1 58  ? 18.315  -0.424  1.973   1.00 47.93 ? 58  TRP A N   1 
ATOM 399  C CA  . TRP A 1 58  ? 17.332  0.496   2.523   1.00 45.45 ? 58  TRP A CA  1 
ATOM 400  C C   . TRP A 1 58  ? 16.262  0.826   1.485   1.00 46.10 ? 58  TRP A C   1 
ATOM 401  O O   . TRP A 1 58  ? 16.506  0.741   0.286   1.00 46.75 ? 58  TRP A O   1 
ATOM 402  C CB  . TRP A 1 58  ? 18.046  1.776   2.968   1.00 45.06 ? 58  TRP A CB  1 
ATOM 403  C CG  . TRP A 1 58  ? 17.172  2.783   3.637   1.00 45.46 ? 58  TRP A CG  1 
ATOM 404  C CD1 . TRP A 1 58  ? 16.782  3.998   3.140   1.00 45.91 ? 58  TRP A CD1 1 
ATOM 405  C CD2 . TRP A 1 58  ? 16.565  2.666   4.929   1.00 46.22 ? 58  TRP A CD2 1 
ATOM 406  N NE1 . TRP A 1 58  ? 15.971  4.643   4.047   1.00 46.69 ? 58  TRP A NE1 1 
ATOM 407  C CE2 . TRP A 1 58  ? 15.820  3.846   5.152   1.00 46.64 ? 58  TRP A CE2 1 
ATOM 408  C CE3 . TRP A 1 58  ? 16.577  1.675   5.919   1.00 46.18 ? 58  TRP A CE3 1 
ATOM 409  C CZ2 . TRP A 1 58  ? 15.095  4.060   6.325   1.00 47.46 ? 58  TRP A CZ2 1 
ATOM 410  C CZ3 . TRP A 1 58  ? 15.859  1.888   7.083   1.00 46.28 ? 58  TRP A CZ3 1 
ATOM 411  C CH2 . TRP A 1 58  ? 15.127  3.074   7.275   1.00 48.03 ? 58  TRP A CH2 1 
ATOM 412  N N   . ILE A 1 59  ? 15.067  1.184   1.945   1.00 46.26 ? 59  ILE A N   1 
ATOM 413  C CA  . ILE A 1 59  ? 13.988  1.557   1.034   1.00 44.69 ? 59  ILE A CA  1 
ATOM 414  C C   . ILE A 1 59  ? 13.434  2.874   1.543   1.00 46.89 ? 59  ILE A C   1 
ATOM 415  O O   . ILE A 1 59  ? 13.207  3.028   2.739   1.00 48.65 ? 59  ILE A O   1 
ATOM 416  C CB  . ILE A 1 59  ? 12.860  0.526   1.031   1.00 42.96 ? 59  ILE A CB  1 
ATOM 417  C CG1 . ILE A 1 59  ? 13.421  -0.861  0.717   1.00 42.87 ? 59  ILE A CG1 1 
ATOM 418  C CG2 . ILE A 1 59  ? 11.803  0.928   0.010   1.00 42.38 ? 59  ILE A CG2 1 
ATOM 419  C CD1 . ILE A 1 59  ? 12.384  -1.971  0.776   1.00 42.10 ? 59  ILE A CD1 1 
ATOM 420  N N   . THR A 1 60  ? 13.230  3.832   0.649   1.00 47.40 ? 60  THR A N   1 
ATOM 421  C CA  . THR A 1 60  ? 12.699  5.128   1.057   1.00 48.15 ? 60  THR A CA  1 
ATOM 422  C C   . THR A 1 60  ? 11.799  5.626   -0.056  1.00 49.66 ? 60  THR A C   1 
ATOM 423  O O   . THR A 1 60  ? 11.970  5.241   -1.216  1.00 50.22 ? 60  THR A O   1 
ATOM 424  C CB  . THR A 1 60  ? 13.838  6.153   1.321   1.00 49.12 ? 60  THR A CB  1 
ATOM 425  O OG1 . THR A 1 60  ? 13.279  7.377   1.812   1.00 50.76 ? 60  THR A OG1 1 
ATOM 426  C CG2 . THR A 1 60  ? 14.621  6.438   0.041   1.00 47.03 ? 60  THR A CG2 1 
ATOM 427  N N   . ALA A 1 61  ? 10.849  6.487   0.279   1.00 50.88 ? 61  ALA A N   1 
ATOM 428  C CA  . ALA A 1 61  ? 9.927   6.971   -0.734  1.00 53.15 ? 61  ALA A CA  1 
ATOM 429  C C   . ALA A 1 61  ? 9.645   8.457   -0.769  1.00 55.84 ? 61  ALA A C   1 
ATOM 430  O O   . ALA A 1 61  ? 9.670   9.153   0.250   1.00 53.75 ? 61  ALA A O   1 
ATOM 431  C CB  . ALA A 1 61  ? 8.620   6.228   -0.614  1.00 52.54 ? 61  ALA A CB  1 
ATOM 432  N N   . GLU A 1 62  ? 9.381   8.925   -1.983  1.00 60.49 ? 62  GLU A N   1 
ATOM 433  C CA  . GLU A 1 62  ? 9.022   10.308  -2.240  1.00 65.52 ? 62  GLU A CA  1 
ATOM 434  C C   . GLU A 1 62  ? 7.540   10.145  -2.603  1.00 67.19 ? 62  GLU A C   1 
ATOM 435  O O   . GLU A 1 62  ? 7.164   9.197   -3.311  1.00 67.48 ? 62  GLU A O   1 
ATOM 436  C CB  . GLU A 1 62  ? 9.817   10.876  -3.432  1.00 69.11 ? 62  GLU A CB  1 
ATOM 437  C CG  . GLU A 1 62  ? 11.354  10.977  -3.224  1.00 75.09 ? 62  GLU A CG  1 
ATOM 438  C CD  . GLU A 1 62  ? 11.753  12.061  -2.206  1.00 78.89 ? 62  GLU A CD  1 
ATOM 439  O OE1 . GLU A 1 62  ? 11.329  13.238  -2.405  1.00 80.38 ? 62  GLU A OE1 1 
ATOM 440  O OE2 . GLU A 1 62  ? 12.484  11.741  -1.221  1.00 79.13 ? 62  GLU A OE2 1 
ATOM 441  N N   . TYR A 1 63  ? 6.706   11.051  -2.104  1.00 67.77 ? 63  TYR A N   1 
ATOM 442  C CA  . TYR A 1 63  ? 5.274   10.994  -2.342  1.00 68.74 ? 63  TYR A CA  1 
ATOM 443  C C   . TYR A 1 63  ? 4.709   12.397  -2.507  1.00 69.84 ? 63  TYR A C   1 
ATOM 444  O O   . TYR A 1 63  ? 4.946   13.266  -1.654  1.00 70.75 ? 63  TYR A O   1 
ATOM 445  C CB  . TYR A 1 63  ? 4.590   10.298  -1.154  1.00 68.13 ? 63  TYR A CB  1 
ATOM 446  C CG  . TYR A 1 63  ? 3.077   10.352  -1.175  1.00 67.38 ? 63  TYR A CG  1 
ATOM 447  C CD1 . TYR A 1 63  ? 2.389   11.499  -0.763  1.00 67.22 ? 63  TYR A CD1 1 
ATOM 448  C CD2 . TYR A 1 63  ? 2.325   9.257   -1.632  1.00 67.46 ? 63  TYR A CD2 1 
ATOM 449  C CE1 . TYR A 1 63  ? 0.992   11.554  -0.806  1.00 67.09 ? 63  TYR A CE1 1 
ATOM 450  C CE2 . TYR A 1 63  ? 0.934   9.304   -1.676  1.00 66.21 ? 63  TYR A CE2 1 
ATOM 451  C CZ  . TYR A 1 63  ? 0.276   10.450  -1.261  1.00 67.54 ? 63  TYR A CZ  1 
ATOM 452  O OH  . TYR A 1 63  ? -1.099  10.491  -1.283  1.00 69.34 ? 63  TYR A OH  1 
ATOM 453  N N   . SER A 1 64  ? 3.949   12.609  -3.584  1.00 70.10 ? 64  SER A N   1 
ATOM 454  C CA  . SER A 1 64  ? 3.342   13.911  -3.853  1.00 71.11 ? 64  SER A CA  1 
ATOM 455  C C   . SER A 1 64  ? 1.918   13.829  -4.401  1.00 72.11 ? 64  SER A C   1 
ATOM 456  O O   . SER A 1 64  ? 1.533   12.846  -5.042  1.00 72.62 ? 64  SER A O   1 
ATOM 457  C CB  . SER A 1 64  ? 4.218   14.686  -4.823  1.00 69.93 ? 64  SER A CB  1 
ATOM 458  O OG  . SER A 1 64  ? 4.589   13.848  -5.893  1.00 71.72 ? 64  SER A OG  1 
ATOM 459  N N   . MET A 1 65  ? 1.143   14.879  -4.152  1.00 73.44 ? 65  MET A N   1 
ATOM 460  C CA  . MET A 1 65  ? -0.241  14.934  -4.601  1.00 75.07 ? 65  MET A CA  1 
ATOM 461  C C   . MET A 1 65  ? -0.569  16.299  -5.202  1.00 76.05 ? 65  MET A C   1 
ATOM 462  O O   . MET A 1 65  ? -1.056  17.200  -4.494  1.00 76.62 ? 65  MET A O   1 
ATOM 463  C CB  . MET A 1 65  ? -1.176  14.668  -3.419  1.00 76.48 ? 65  MET A CB  1 
ATOM 464  C CG  . MET A 1 65  ? -2.580  14.284  -3.849  1.00 79.73 ? 65  MET A CG  1 
ATOM 465  S SD  . MET A 1 65  ? -3.726  13.995  -2.470  1.00 83.13 ? 65  MET A SD  1 
ATOM 466  C CE  . MET A 1 65  ? -2.910  12.569  -1.557  1.00 80.65 ? 65  MET A CE  1 
ATOM 467  N N   . GLY A 1 85  ? 4.020   18.271  4.995   1.00 78.27 ? 85  GLY A N   1 
ATOM 468  C CA  . GLY A 1 85  ? 3.532   18.121  6.360   1.00 79.07 ? 85  GLY A CA  1 
ATOM 469  C C   . GLY A 1 85  ? 3.016   16.713  6.594   1.00 79.44 ? 85  GLY A C   1 
ATOM 470  O O   . GLY A 1 85  ? 3.735   15.843  7.114   1.00 78.76 ? 85  GLY A O   1 
ATOM 471  N N   . ARG A 1 86  ? 1.760   16.481  6.223   1.00 80.08 ? 86  ARG A N   1 
ATOM 472  C CA  . ARG A 1 86  ? 1.188   15.153  6.373   1.00 81.25 ? 86  ARG A CA  1 
ATOM 473  C C   . ARG A 1 86  ? 1.778   14.301  5.248   1.00 80.62 ? 86  ARG A C   1 
ATOM 474  O O   . ARG A 1 86  ? 1.693   13.059  5.248   1.00 80.54 ? 86  ARG A O   1 
ATOM 475  C CB  . ARG A 1 86  ? -0.339  15.211  6.271   1.00 83.05 ? 86  ARG A CB  1 
ATOM 476  C CG  . ARG A 1 86  ? -1.003  15.796  7.516   1.00 85.86 ? 86  ARG A CG  1 
ATOM 477  C CD  . ARG A 1 86  ? -2.098  14.857  8.006   1.00 87.50 ? 86  ARG A CD  1 
ATOM 478  N NE  . ARG A 1 86  ? -3.212  14.778  7.058   1.00 88.88 ? 86  ARG A NE  1 
ATOM 479  C CZ  . ARG A 1 86  ? -4.118  13.797  7.047   1.00 89.56 ? 86  ARG A CZ  1 
ATOM 480  N NH1 . ARG A 1 86  ? -4.046  12.792  7.932   1.00 88.59 ? 86  ARG A NH1 1 
ATOM 481  N NH2 . ARG A 1 86  ? -5.108  13.825  6.155   1.00 89.36 ? 86  ARG A NH2 1 
ATOM 482  N N   . THR A 1 87  ? 2.386   14.987  4.286   1.00 78.96 ? 87  THR A N   1 
ATOM 483  C CA  . THR A 1 87  ? 3.021   14.307  3.174   1.00 77.46 ? 87  THR A CA  1 
ATOM 484  C C   . THR A 1 87  ? 4.160   13.463  3.747   1.00 76.26 ? 87  THR A C   1 
ATOM 485  O O   . THR A 1 87  ? 4.270   12.276  3.424   1.00 76.15 ? 87  THR A O   1 
ATOM 486  C CB  . THR A 1 87  ? 3.546   15.326  2.136   1.00 77.42 ? 87  THR A CB  1 
ATOM 487  O OG1 . THR A 1 87  ? 2.426   15.929  1.468   1.00 77.00 ? 87  THR A OG1 1 
ATOM 488  C CG2 . THR A 1 87  ? 4.443   14.644  1.099   1.00 76.83 ? 87  THR A CG2 1 
ATOM 489  N N   . MET A 1 88  ? 4.987   14.056  4.612   1.00 74.80 ? 88  MET A N   1 
ATOM 490  C CA  . MET A 1 88  ? 6.097   13.317  5.228   1.00 75.04 ? 88  MET A CA  1 
ATOM 491  C C   . MET A 1 88  ? 5.583   12.022  5.856   1.00 73.42 ? 88  MET A C   1 
ATOM 492  O O   . MET A 1 88  ? 6.210   10.970  5.734   1.00 72.22 ? 88  MET A O   1 
ATOM 493  C CB  . MET A 1 88  ? 6.776   14.140  6.335   1.00 77.56 ? 88  MET A CB  1 
ATOM 494  C CG  . MET A 1 88  ? 7.769   15.195  5.880   1.00 82.10 ? 88  MET A CG  1 
ATOM 495  S SD  . MET A 1 88  ? 8.542   16.038  7.332   1.00 88.64 ? 88  MET A SD  1 
ATOM 496  C CE  . MET A 1 88  ? 10.118  16.687  6.561   1.00 85.52 ? 88  MET A CE  1 
ATOM 497  N N   . GLU A 1 89  ? 4.442   12.126  6.540   1.00 72.30 ? 89  GLU A N   1 
ATOM 498  C CA  . GLU A 1 89  ? 3.805   11.001  7.221   1.00 71.33 ? 89  GLU A CA  1 
ATOM 499  C C   . GLU A 1 89  ? 3.594   9.834   6.258   1.00 69.19 ? 89  GLU A C   1 
ATOM 500  O O   . GLU A 1 89  ? 3.963   8.692   6.559   1.00 68.26 ? 89  GLU A O   1 
ATOM 501  C CB  . GLU A 1 89  ? 2.458   11.465  7.794   1.00 74.27 ? 89  GLU A CB  1 
ATOM 502  C CG  . GLU A 1 89  ? 1.717   10.464  8.699   1.00 77.56 ? 89  GLU A CG  1 
ATOM 503  C CD  . GLU A 1 89  ? 0.440   11.085  9.315   1.00 80.30 ? 89  GLU A CD  1 
ATOM 504  O OE1 . GLU A 1 89  ? -0.547  11.321  8.563   1.00 81.35 ? 89  GLU A OE1 1 
ATOM 505  O OE2 . GLU A 1 89  ? 0.430   11.349  10.546  1.00 80.26 ? 89  GLU A OE2 1 
ATOM 506  N N   . ILE A 1 90  ? 3.008   10.127  5.096   1.00 66.88 ? 90  ILE A N   1 
ATOM 507  C CA  . ILE A 1 90  ? 2.739   9.098   4.091   1.00 64.64 ? 90  ILE A CA  1 
ATOM 508  C C   . ILE A 1 90  ? 4.013   8.535   3.473   1.00 63.42 ? 90  ILE A C   1 
ATOM 509  O O   . ILE A 1 90  ? 4.090   7.332   3.170   1.00 63.39 ? 90  ILE A O   1 
ATOM 510  C CB  . ILE A 1 90  ? 1.833   9.637   2.976   1.00 65.62 ? 90  ILE A CB  1 
ATOM 511  C CG1 . ILE A 1 90  ? 0.529   10.164  3.590   1.00 66.57 ? 90  ILE A CG1 1 
ATOM 512  C CG2 . ILE A 1 90  ? 1.518   8.520   1.968   1.00 64.62 ? 90  ILE A CG2 1 
ATOM 513  C CD1 . ILE A 1 90  ? -0.447  10.750  2.575   1.00 66.34 ? 90  ILE A CD1 1 
ATOM 514  N N   . GLN A 1 91  ? 5.006   9.398   3.272   1.00 60.34 ? 91  GLN A N   1 
ATOM 515  C CA  . GLN A 1 91  ? 6.279   8.947   2.727   1.00 58.62 ? 91  GLN A CA  1 
ATOM 516  C C   . GLN A 1 91  ? 6.908   7.950   3.698   1.00 56.18 ? 91  GLN A C   1 
ATOM 517  O O   . GLN A 1 91  ? 7.454   6.923   3.291   1.00 54.88 ? 91  GLN A O   1 
ATOM 518  C CB  . GLN A 1 91  ? 7.241   10.133  2.523   1.00 58.47 ? 91  GLN A CB  1 
ATOM 519  C CG  . GLN A 1 91  ? 6.961   10.965  1.267   1.00 60.52 ? 91  GLN A CG  1 
ATOM 520  C CD  . GLN A 1 91  ? 8.012   12.051  1.005   1.00 61.68 ? 91  GLN A CD  1 
ATOM 521  O OE1 . GLN A 1 91  ? 8.049   12.643  -0.079  1.00 61.88 ? 91  GLN A OE1 1 
ATOM 522  N NE2 . GLN A 1 91  ? 8.859   12.318  1.995   1.00 59.81 ? 91  GLN A NE2 1 
ATOM 523  N N   . ARG A 1 92  ? 6.829   8.264   4.986   1.00 55.17 ? 92  ARG A N   1 
ATOM 524  C CA  . ARG A 1 92  ? 7.399   7.408   6.021   1.00 54.43 ? 92  ARG A CA  1 
ATOM 525  C C   . ARG A 1 92  ? 6.661   6.081   6.114   1.00 51.92 ? 92  ARG A C   1 
ATOM 526  O O   . ARG A 1 92  ? 7.284   5.042   6.303   1.00 52.14 ? 92  ARG A O   1 
ATOM 527  C CB  . ARG A 1 92  ? 7.398   8.145   7.373   1.00 58.80 ? 92  ARG A CB  1 
ATOM 528  C CG  . ARG A 1 92  ? 8.602   9.100   7.557   1.00 64.26 ? 92  ARG A CG  1 
ATOM 529  C CD  . ARG A 1 92  ? 8.208   10.517  8.015   1.00 67.80 ? 92  ARG A CD  1 
ATOM 530  N NE  . ARG A 1 92  ? 7.513   10.524  9.301   1.00 71.30 ? 92  ARG A NE  1 
ATOM 531  C CZ  . ARG A 1 92  ? 6.866   11.581  9.796   1.00 74.34 ? 92  ARG A CZ  1 
ATOM 532  N NH1 . ARG A 1 92  ? 6.826   12.718  9.112   1.00 74.24 ? 92  ARG A NH1 1 
ATOM 533  N NH2 . ARG A 1 92  ? 6.237   11.502  10.970  1.00 74.77 ? 92  ARG A NH2 1 
ATOM 534  N N   . LEU A 1 93  ? 5.342   6.116   5.957   1.00 49.59 ? 93  LEU A N   1 
ATOM 535  C CA  . LEU A 1 93  ? 4.526   4.906   6.012   1.00 46.82 ? 93  LEU A CA  1 
ATOM 536  C C   . LEU A 1 93  ? 4.883   3.977   4.858   1.00 45.85 ? 93  LEU A C   1 
ATOM 537  O O   . LEU A 1 93  ? 5.016   2.765   5.029   1.00 45.08 ? 93  LEU A O   1 
ATOM 538  C CB  . LEU A 1 93  ? 3.048   5.270   5.931   1.00 47.32 ? 93  LEU A CB  1 
ATOM 539  C CG  . LEU A 1 93  ? 2.026   4.134   5.994   1.00 47.35 ? 93  LEU A CG  1 
ATOM 540  C CD1 . LEU A 1 93  ? 1.940   3.583   7.404   1.00 48.13 ? 93  LEU A CD1 1 
ATOM 541  C CD2 . LEU A 1 93  ? 0.679   4.664   5.585   1.00 47.50 ? 93  LEU A CD2 1 
ATOM 542  N N   . ILE A 1 94  ? 5.033   4.556   3.673   1.00 44.69 ? 94  ILE A N   1 
ATOM 543  C CA  . ILE A 1 94  ? 5.380   3.784   2.493   1.00 42.63 ? 94  ILE A CA  1 
ATOM 544  C C   . ILE A 1 94  ? 6.743   3.110   2.695   1.00 43.30 ? 94  ILE A C   1 
ATOM 545  O O   . ILE A 1 94  ? 6.903   1.916   2.432   1.00 40.87 ? 94  ILE A O   1 
ATOM 546  C CB  . ILE A 1 94  ? 5.392   4.687   1.238   1.00 41.76 ? 94  ILE A CB  1 
ATOM 547  C CG1 . ILE A 1 94  ? 3.978   5.212   0.977   1.00 43.48 ? 94  ILE A CG1 1 
ATOM 548  C CG2 . ILE A 1 94  ? 5.911   3.917   0.031   1.00 39.16 ? 94  ILE A CG2 1 
ATOM 549  C CD1 . ILE A 1 94  ? 3.819   5.968   -0.317  1.00 43.51 ? 94  ILE A CD1 1 
ATOM 550  N N   . GLY A 1 95  ? 7.724   3.870   3.170   1.00 42.31 ? 95  GLY A N   1 
ATOM 551  C CA  . GLY A 1 95  ? 9.032   3.293   3.406   1.00 42.73 ? 95  GLY A CA  1 
ATOM 552  C C   . GLY A 1 95  ? 8.994   2.165   4.432   1.00 43.25 ? 95  GLY A C   1 
ATOM 553  O O   . GLY A 1 95  ? 9.668   1.145   4.253   1.00 42.73 ? 95  GLY A O   1 
ATOM 554  N N   . ARG A 1 96  ? 8.218   2.359   5.504   1.00 43.68 ? 96  ARG A N   1 
ATOM 555  C CA  . ARG A 1 96  ? 8.055   1.372   6.587   1.00 43.90 ? 96  ARG A CA  1 
ATOM 556  C C   . ARG A 1 96  ? 7.436   0.065   6.116   1.00 41.11 ? 96  ARG A C   1 
ATOM 557  O O   . ARG A 1 96  ? 7.973   -1.015  6.348   1.00 41.40 ? 96  ARG A O   1 
ATOM 558  C CB  . ARG A 1 96  ? 7.132   1.903   7.685   1.00 46.96 ? 96  ARG A CB  1 
ATOM 559  C CG  . ARG A 1 96  ? 7.753   2.798   8.701   1.00 51.14 ? 96  ARG A CG  1 
ATOM 560  C CD  . ARG A 1 96  ? 6.986   2.679   10.014  1.00 54.50 ? 96  ARG A CD  1 
ATOM 561  N NE  . ARG A 1 96  ? 5.579   3.090   9.923   1.00 56.62 ? 96  ARG A NE  1 
ATOM 562  C CZ  . ARG A 1 96  ? 5.158   4.355   9.820   1.00 58.56 ? 96  ARG A CZ  1 
ATOM 563  N NH1 . ARG A 1 96  ? 6.027   5.361   9.780   1.00 59.97 ? 96  ARG A NH1 1 
ATOM 564  N NH2 . ARG A 1 96  ? 3.856   4.625   9.798   1.00 59.76 ? 96  ARG A NH2 1 
ATOM 565  N N   . ALA A 1 97  ? 6.269   0.185   5.497   1.00 40.22 ? 97  ALA A N   1 
ATOM 566  C CA  . ALA A 1 97  ? 5.534   -0.963  5.003   1.00 39.89 ? 97  ALA A CA  1 
ATOM 567  C C   . ALA A 1 97  ? 6.377   -1.832  4.073   1.00 40.65 ? 97  ALA A C   1 
ATOM 568  O O   . ALA A 1 97  ? 6.418   -3.053  4.214   1.00 42.70 ? 97  ALA A O   1 
ATOM 569  C CB  . ALA A 1 97  ? 4.279   -0.491  4.298   1.00 39.85 ? 97  ALA A CB  1 
ATOM 570  N N   . LEU A 1 98  ? 7.064   -1.209  3.126   1.00 39.85 ? 98  LEU A N   1 
ATOM 571  C CA  . LEU A 1 98  ? 7.893   -1.977  2.207   1.00 39.45 ? 98  LEU A CA  1 
ATOM 572  C C   . LEU A 1 98  ? 9.027   -2.686  2.931   1.00 40.35 ? 98  LEU A C   1 
ATOM 573  O O   . LEU A 1 98  ? 9.271   -3.864  2.694   1.00 41.05 ? 98  LEU A O   1 
ATOM 574  C CB  . LEU A 1 98  ? 8.470   -1.075  1.109   1.00 38.37 ? 98  LEU A CB  1 
ATOM 575  C CG  . LEU A 1 98  ? 7.447   -0.388  0.210   1.00 37.26 ? 98  LEU A CG  1 
ATOM 576  C CD1 . LEU A 1 98  ? 8.170   0.386   -0.864  1.00 38.78 ? 98  LEU A CD1 1 
ATOM 577  C CD2 . LEU A 1 98  ? 6.508   -1.422  -0.397  1.00 36.79 ? 98  LEU A CD2 1 
ATOM 578  N N   . ARG A 1 99  ? 9.718   -1.961  3.809   1.00 40.48 ? 99  ARG A N   1 
ATOM 579  C CA  . ARG A 1 99  ? 10.834  -2.526  4.555   1.00 40.82 ? 99  ARG A CA  1 
ATOM 580  C C   . ARG A 1 99  ? 10.427  -3.741  5.375   1.00 42.55 ? 99  ARG A C   1 
ATOM 581  O O   . ARG A 1 99  ? 11.251  -4.612  5.648   1.00 41.95 ? 99  ARG A O   1 
ATOM 582  C CB  . ARG A 1 99  ? 11.456  -1.467  5.462   1.00 41.03 ? 99  ARG A CB  1 
ATOM 583  C CG  . ARG A 1 99  ? 12.713  -0.840  4.887   1.00 40.49 ? 99  ARG A CG  1 
ATOM 584  C CD  . ARG A 1 99  ? 13.240  0.247   5.795   1.00 42.15 ? 99  ARG A CD  1 
ATOM 585  N NE  . ARG A 1 99  ? 12.621  1.532   5.507   1.00 45.02 ? 99  ARG A NE  1 
ATOM 586  C CZ  . ARG A 1 99  ? 12.117  2.342   6.423   1.00 44.27 ? 99  ARG A CZ  1 
ATOM 587  N NH1 . ARG A 1 99  ? 12.157  2.000   7.697   1.00 47.37 ? 99  ARG A NH1 1 
ATOM 588  N NH2 . ARG A 1 99  ? 11.568  3.490   6.063   1.00 47.64 ? 99  ARG A NH2 1 
ATOM 589  N N   . ALA A 1 100 ? 9.150   -3.794  5.750   1.00 43.05 ? 100 ALA A N   1 
ATOM 590  C CA  . ALA A 1 100 ? 8.620   -4.904  6.529   1.00 43.28 ? 100 ALA A CA  1 
ATOM 591  C C   . ALA A 1 100 ? 8.613   -6.219  5.748   1.00 44.13 ? 100 ALA A C   1 
ATOM 592  O O   . ALA A 1 100 ? 8.725   -7.275  6.350   1.00 46.09 ? 100 ALA A O   1 
ATOM 593  C CB  . ALA A 1 100 ? 7.203   -4.577  7.022   1.00 41.29 ? 100 ALA A CB  1 
ATOM 594  N N   . VAL A 1 101 ? 8.485   -6.167  4.422   1.00 43.73 ? 101 VAL A N   1 
ATOM 595  C CA  . VAL A 1 101 ? 8.471   -7.399  3.623   1.00 42.79 ? 101 VAL A CA  1 
ATOM 596  C C   . VAL A 1 101 ? 9.680   -7.580  2.701   1.00 44.03 ? 101 VAL A C   1 
ATOM 597  O O   . VAL A 1 101 ? 9.586   -8.239  1.660   1.00 43.62 ? 101 VAL A O   1 
ATOM 598  C CB  . VAL A 1 101 ? 7.190   -7.522  2.749   1.00 40.92 ? 101 VAL A CB  1 
ATOM 599  C CG1 . VAL A 1 101 ? 5.955   -7.516  3.634   1.00 40.51 ? 101 VAL A CG1 1 
ATOM 600  C CG2 . VAL A 1 101 ? 7.137   -6.394  1.721   1.00 41.81 ? 101 VAL A CG2 1 
ATOM 601  N N   . VAL A 1 102 ? 10.809  -6.994  3.078   1.00 44.02 ? 102 VAL A N   1 
ATOM 602  C CA  . VAL A 1 102 ? 12.023  -7.133  2.286   1.00 44.83 ? 102 VAL A CA  1 
ATOM 603  C C   . VAL A 1 102 ? 13.231  -7.373  3.184   1.00 45.05 ? 102 VAL A C   1 
ATOM 604  O O   . VAL A 1 102 ? 13.510  -6.578  4.077   1.00 47.14 ? 102 VAL A O   1 
ATOM 605  C CB  . VAL A 1 102 ? 12.308  -5.871  1.405   1.00 45.03 ? 102 VAL A CB  1 
ATOM 606  C CG1 . VAL A 1 102 ? 13.625  -6.044  0.676   1.00 44.18 ? 102 VAL A CG1 1 
ATOM 607  C CG2 . VAL A 1 102 ? 11.195  -5.658  0.386   1.00 44.78 ? 102 VAL A CG2 1 
ATOM 608  N N   . ASP A 1 103 ? 13.929  -8.480  2.947   1.00 45.07 ? 103 ASP A N   1 
ATOM 609  C CA  . ASP A 1 103 ? 15.134  -8.827  3.696   1.00 45.66 ? 103 ASP A CA  1 
ATOM 610  C C   . ASP A 1 103 ? 16.207  -7.866  3.184   1.00 44.54 ? 103 ASP A C   1 
ATOM 611  O O   . ASP A 1 103 ? 16.831  -8.107  2.145   1.00 42.62 ? 103 ASP A O   1 
ATOM 612  C CB  . ASP A 1 103 ? 15.551  -10.272 3.392   1.00 47.55 ? 103 ASP A CB  1 
ATOM 613  C CG  . ASP A 1 103 ? 16.760  -10.724 4.200   1.00 49.33 ? 103 ASP A CG  1 
ATOM 614  O OD1 . ASP A 1 103 ? 17.664  -9.901  4.467   1.00 49.65 ? 103 ASP A OD1 1 
ATOM 615  O OD2 . ASP A 1 103 ? 16.811  -11.923 4.555   1.00 52.39 ? 103 ASP A OD2 1 
ATOM 616  N N   . LEU A 1 104 ? 16.404  -6.772  3.910   1.00 43.54 ? 104 LEU A N   1 
ATOM 617  C CA  . LEU A 1 104 ? 17.372  -5.763  3.514   1.00 44.41 ? 104 LEU A CA  1 
ATOM 618  C C   . LEU A 1 104 ? 18.808  -6.267  3.369   1.00 45.12 ? 104 LEU A C   1 
ATOM 619  O O   . LEU A 1 104 ? 19.601  -5.658  2.656   1.00 44.05 ? 104 LEU A O   1 
ATOM 620  C CB  . LEU A 1 104 ? 17.304  -4.581  4.480   1.00 42.38 ? 104 LEU A CB  1 
ATOM 621  C CG  . LEU A 1 104 ? 15.977  -3.825  4.368   1.00 42.50 ? 104 LEU A CG  1 
ATOM 622  C CD1 . LEU A 1 104 ? 15.877  -2.747  5.426   1.00 40.61 ? 104 LEU A CD1 1 
ATOM 623  C CD2 . LEU A 1 104 ? 15.875  -3.206  2.976   1.00 43.18 ? 104 LEU A CD2 1 
ATOM 624  N N   . GLU A 1 105 ? 19.139  -7.377  4.025   1.00 46.06 ? 105 GLU A N   1 
ATOM 625  C CA  . GLU A 1 105 ? 20.484  -7.927  3.912   1.00 47.65 ? 105 GLU A CA  1 
ATOM 626  C C   . GLU A 1 105 ? 20.684  -8.573  2.558   1.00 47.56 ? 105 GLU A C   1 
ATOM 627  O O   . GLU A 1 105 ? 21.758  -8.453  1.962   1.00 46.22 ? 105 GLU A O   1 
ATOM 628  C CB  . GLU A 1 105 ? 20.770  -8.975  4.986   1.00 51.36 ? 105 GLU A CB  1 
ATOM 629  C CG  . GLU A 1 105 ? 22.120  -9.669  4.771   1.00 57.12 ? 105 GLU A CG  1 
ATOM 630  C CD  . GLU A 1 105 ? 22.708  -10.228 6.057   1.00 63.29 ? 105 GLU A CD  1 
ATOM 631  O OE1 . GLU A 1 105 ? 22.719  -9.489  7.075   1.00 66.24 ? 105 GLU A OE1 1 
ATOM 632  O OE2 . GLU A 1 105 ? 23.169  -11.398 6.055   1.00 65.20 ? 105 GLU A OE2 1 
ATOM 633  N N   . LYS A 1 106 ? 19.653  -9.269  2.087   1.00 46.61 ? 106 LYS A N   1 
ATOM 634  C CA  . LYS A 1 106 ? 19.704  -9.942  0.793   1.00 48.75 ? 106 LYS A CA  1 
ATOM 635  C C   . LYS A 1 106 ? 19.677  -8.959  -0.369  1.00 48.64 ? 106 LYS A C   1 
ATOM 636  O O   . LYS A 1 106 ? 20.002  -9.313  -1.500  1.00 50.46 ? 106 LYS A O   1 
ATOM 637  C CB  . LYS A 1 106 ? 18.532  -10.909 0.657   1.00 49.62 ? 106 LYS A CB  1 
ATOM 638  C CG  . LYS A 1 106 ? 18.522  -11.983 1.719   1.00 53.11 ? 106 LYS A CG  1 
ATOM 639  C CD  . LYS A 1 106 ? 17.565  -13.093 1.358   1.00 55.26 ? 106 LYS A CD  1 
ATOM 640  C CE  . LYS A 1 106 ? 17.728  -14.263 2.306   1.00 55.23 ? 106 LYS A CE  1 
ATOM 641  N NZ  . LYS A 1 106 ? 16.942  -15.426 1.834   1.00 56.97 ? 106 LYS A NZ  1 
ATOM 642  N N   . LEU A 1 107 ? 19.277  -7.729  -0.079  1.00 48.44 ? 107 LEU A N   1 
ATOM 643  C CA  . LEU A 1 107 ? 19.195  -6.682  -1.081  1.00 48.05 ? 107 LEU A CA  1 
ATOM 644  C C   . LEU A 1 107 ? 20.581  -6.109  -1.340  1.00 48.26 ? 107 LEU A C   1 
ATOM 645  O O   . LEU A 1 107 ? 20.845  -5.578  -2.418  1.00 50.05 ? 107 LEU A O   1 
ATOM 646  C CB  . LEU A 1 107 ? 18.257  -5.566  -0.598  1.00 47.18 ? 107 LEU A CB  1 
ATOM 647  C CG  . LEU A 1 107 ? 18.135  -4.328  -1.491  1.00 50.30 ? 107 LEU A CG  1 
ATOM 648  C CD1 . LEU A 1 107 ? 17.406  -4.695  -2.779  1.00 50.49 ? 107 LEU A CD1 1 
ATOM 649  C CD2 . LEU A 1 107 ? 17.384  -3.228  -0.768  1.00 50.30 ? 107 LEU A CD2 1 
ATOM 650  N N   . GLY A 1 108 ? 21.470  -6.226  -0.357  1.00 47.13 ? 108 GLY A N   1 
ATOM 651  C CA  . GLY A 1 108 ? 22.806  -5.685  -0.520  1.00 45.20 ? 108 GLY A CA  1 
ATOM 652  C C   . GLY A 1 108 ? 22.814  -4.226  -0.103  1.00 45.67 ? 108 GLY A C   1 
ATOM 653  O O   . GLY A 1 108 ? 21.761  -3.642  0.166   1.00 43.59 ? 108 GLY A O   1 
ATOM 654  N N   . GLU A 1 109 ? 23.995  -3.625  -0.051  1.00 44.60 ? 109 GLU A N   1 
ATOM 655  C CA  . GLU A 1 109 ? 24.118  -2.233  0.354   1.00 46.36 ? 109 GLU A CA  1 
ATOM 656  C C   . GLU A 1 109 ? 23.741  -1.274  -0.776  1.00 46.89 ? 109 GLU A C   1 
ATOM 657  O O   . GLU A 1 109 ? 24.601  -0.784  -1.521  1.00 47.79 ? 109 GLU A O   1 
ATOM 658  C CB  . GLU A 1 109 ? 25.548  -1.961  0.823   1.00 47.83 ? 109 GLU A CB  1 
ATOM 659  C CG  . GLU A 1 109 ? 25.680  -0.832  1.821   1.00 48.84 ? 109 GLU A CG  1 
ATOM 660  C CD  . GLU A 1 109 ? 27.116  -0.610  2.237   1.00 50.86 ? 109 GLU A CD  1 
ATOM 661  O OE1 . GLU A 1 109 ? 27.788  -1.607  2.584   1.00 51.38 ? 109 GLU A OE1 1 
ATOM 662  O OE2 . GLU A 1 109 ? 27.569  0.556   2.219   1.00 51.65 ? 109 GLU A OE2 1 
ATOM 663  N N   . ARG A 1 110 ? 22.443  -1.019  -0.900  1.00 45.27 ? 110 ARG A N   1 
ATOM 664  C CA  . ARG A 1 110 ? 21.911  -0.126  -1.919  1.00 44.93 ? 110 ARG A CA  1 
ATOM 665  C C   . ARG A 1 110 ? 20.508  0.234   -1.488  1.00 45.42 ? 110 ARG A C   1 
ATOM 666  O O   . ARG A 1 110 ? 19.883  -0.508  -0.727  1.00 44.76 ? 110 ARG A O   1 
ATOM 667  C CB  . ARG A 1 110 ? 21.882  -0.821  -3.287  1.00 45.42 ? 110 ARG A CB  1 
ATOM 668  C CG  . ARG A 1 110 ? 21.125  -2.132  -3.322  1.00 45.60 ? 110 ARG A CG  1 
ATOM 669  C CD  . ARG A 1 110 ? 21.216  -2.788  -4.695  1.00 46.42 ? 110 ARG A CD  1 
ATOM 670  N NE  . ARG A 1 110 ? 21.916  -4.065  -4.607  1.00 49.49 ? 110 ARG A NE  1 
ATOM 671  C CZ  . ARG A 1 110 ? 23.165  -4.277  -5.001  1.00 45.87 ? 110 ARG A CZ  1 
ATOM 672  N NH1 . ARG A 1 110 ? 23.880  -3.303  -5.534  1.00 45.62 ? 110 ARG A NH1 1 
ATOM 673  N NH2 . ARG A 1 110 ? 23.700  -5.468  -4.833  1.00 47.37 ? 110 ARG A NH2 1 
ATOM 674  N N   . THR A 1 111 ? 20.006  1.372   -1.942  1.00 44.35 ? 111 THR A N   1 
ATOM 675  C CA  . THR A 1 111 ? 18.665  1.748   -1.546  1.00 44.17 ? 111 THR A CA  1 
ATOM 676  C C   . THR A 1 111 ? 17.668  1.825   -2.700  1.00 44.29 ? 111 THR A C   1 
ATOM 677  O O   . THR A 1 111 ? 18.014  2.194   -3.821  1.00 44.23 ? 111 THR A O   1 
ATOM 678  C CB  . THR A 1 111 ? 18.658  3.080   -0.729  1.00 43.74 ? 111 THR A CB  1 
ATOM 679  O OG1 . THR A 1 111 ? 17.619  3.941   -1.205  1.00 43.85 ? 111 THR A OG1 1 
ATOM 680  C CG2 . THR A 1 111 ? 19.971  3.781   -0.820  1.00 45.08 ? 111 THR A CG2 1 
ATOM 681  N N   . ILE A 1 112 ? 16.429  1.438   -2.416  1.00 44.58 ? 112 ILE A N   1 
ATOM 682  C CA  . ILE A 1 112 ? 15.365  1.474   -3.403  1.00 43.83 ? 112 ILE A CA  1 
ATOM 683  C C   . ILE A 1 112 ? 14.537  2.729   -3.204  1.00 44.51 ? 112 ILE A C   1 
ATOM 684  O O   . ILE A 1 112 ? 13.920  2.899   -2.155  1.00 47.09 ? 112 ILE A O   1 
ATOM 685  C CB  . ILE A 1 112 ? 14.426  0.262   -3.265  1.00 43.84 ? 112 ILE A CB  1 
ATOM 686  C CG1 . ILE A 1 112 ? 15.193  -1.031  -3.531  1.00 42.83 ? 112 ILE A CG1 1 
ATOM 687  C CG2 . ILE A 1 112 ? 13.266  0.394   -4.242  1.00 44.02 ? 112 ILE A CG2 1 
ATOM 688  C CD1 . ILE A 1 112 ? 14.342  -2.273  -3.462  1.00 41.81 ? 112 ILE A CD1 1 
ATOM 689  N N   . TRP A 1 113 ? 14.522  3.606   -4.204  1.00 44.53 ? 113 TRP A N   1 
ATOM 690  C CA  . TRP A 1 113 ? 13.738  4.841   -4.129  1.00 45.06 ? 113 TRP A CA  1 
ATOM 691  C C   . TRP A 1 113 ? 12.362  4.675   -4.762  1.00 43.97 ? 113 TRP A C   1 
ATOM 692  O O   . TRP A 1 113 ? 12.246  4.347   -5.938  1.00 43.74 ? 113 TRP A O   1 
ATOM 693  C CB  . TRP A 1 113 ? 14.455  5.993   -4.830  1.00 46.57 ? 113 TRP A CB  1 
ATOM 694  C CG  . TRP A 1 113 ? 15.644  6.520   -4.087  1.00 53.55 ? 113 TRP A CG  1 
ATOM 695  C CD1 . TRP A 1 113 ? 16.921  6.007   -4.082  1.00 52.77 ? 113 TRP A CD1 1 
ATOM 696  C CD2 . TRP A 1 113 ? 15.673  7.673   -3.235  1.00 54.89 ? 113 TRP A CD2 1 
ATOM 697  N NE1 . TRP A 1 113 ? 17.736  6.774   -3.281  1.00 55.66 ? 113 TRP A NE1 1 
ATOM 698  C CE2 . TRP A 1 113 ? 16.999  7.803   -2.749  1.00 55.67 ? 113 TRP A CE2 1 
ATOM 699  C CE3 . TRP A 1 113 ? 14.708  8.608   -2.833  1.00 55.35 ? 113 TRP A CE3 1 
ATOM 700  C CZ2 . TRP A 1 113 ? 17.380  8.831   -1.885  1.00 55.52 ? 113 TRP A CZ2 1 
ATOM 701  C CZ3 . TRP A 1 113 ? 15.086  9.626   -1.974  1.00 55.75 ? 113 TRP A CZ3 1 
ATOM 702  C CH2 . TRP A 1 113 ? 16.415  9.731   -1.509  1.00 56.45 ? 113 TRP A CH2 1 
ATOM 703  N N   . ILE A 1 114 ? 11.319  4.903   -3.979  1.00 43.03 ? 114 ILE A N   1 
ATOM 704  C CA  . ILE A 1 114 ? 9.967   4.783   -4.496  1.00 43.85 ? 114 ILE A CA  1 
ATOM 705  C C   . ILE A 1 114 ? 9.406   6.180   -4.657  1.00 43.91 ? 114 ILE A C   1 
ATOM 706  O O   . ILE A 1 114 ? 9.598   7.036   -3.800  1.00 45.74 ? 114 ILE A O   1 
ATOM 707  C CB  . ILE A 1 114 ? 9.048   3.962   -3.542  1.00 42.93 ? 114 ILE A CB  1 
ATOM 708  C CG1 . ILE A 1 114 ? 9.331   2.470   -3.700  1.00 42.89 ? 114 ILE A CG1 1 
ATOM 709  C CG2 . ILE A 1 114 ? 7.586   4.214   -3.856  1.00 42.18 ? 114 ILE A CG2 1 
ATOM 710  C CD1 . ILE A 1 114 ? 10.511  2.008   -2.940  1.00 46.70 ? 114 ILE A CD1 1 
ATOM 711  N N   . ASP A 1 115 ? 8.729   6.422   -5.763  1.00 45.01 ? 115 ASP A N   1 
ATOM 712  C CA  . ASP A 1 115 ? 8.149   7.728   -5.980  1.00 48.73 ? 115 ASP A CA  1 
ATOM 713  C C   . ASP A 1 115 ? 6.701   7.595   -6.405  1.00 48.40 ? 115 ASP A C   1 
ATOM 714  O O   . ASP A 1 115 ? 6.401   6.921   -7.391  1.00 49.16 ? 115 ASP A O   1 
ATOM 715  C CB  . ASP A 1 115 ? 8.935   8.487   -7.036  1.00 51.47 ? 115 ASP A CB  1 
ATOM 716  C CG  . ASP A 1 115 ? 8.416   9.885   -7.229  1.00 57.41 ? 115 ASP A CG  1 
ATOM 717  O OD1 . ASP A 1 115 ? 7.963   10.504  -6.231  1.00 58.85 ? 115 ASP A OD1 1 
ATOM 718  O OD2 . ASP A 1 115 ? 8.462   10.372  -8.374  1.00 60.34 ? 115 ASP A OD2 1 
ATOM 719  N N   . CYS A 1 116 ? 5.808   8.220   -5.641  1.00 49.19 ? 116 CYS A N   1 
ATOM 720  C CA  . CYS A 1 116 ? 4.374   8.187   -5.925  1.00 49.91 ? 116 CYS A CA  1 
ATOM 721  C C   . CYS A 1 116 ? 3.851   9.577   -6.230  1.00 49.76 ? 116 CYS A C   1 
ATOM 722  O O   . CYS A 1 116 ? 4.225   10.549  -5.579  1.00 50.02 ? 116 CYS A O   1 
ATOM 723  C CB  . CYS A 1 116 ? 3.593   7.640   -4.734  1.00 50.34 ? 116 CYS A CB  1 
ATOM 724  S SG  . CYS A 1 116 ? 3.912   5.918   -4.347  1.00 57.81 ? 116 CYS A SG  1 
ATOM 725  N N   . ASP A 1 117 ? 2.984   9.656   -7.229  1.00 50.04 ? 117 ASP A N   1 
ATOM 726  C CA  . ASP A 1 117 ? 2.370   10.914  -7.622  1.00 51.89 ? 117 ASP A CA  1 
ATOM 727  C C   . ASP A 1 117 ? 0.884   10.654  -7.784  1.00 49.60 ? 117 ASP A C   1 
ATOM 728  O O   . ASP A 1 117 ? 0.460   9.901   -8.665  1.00 49.75 ? 117 ASP A O   1 
ATOM 729  C CB  . ASP A 1 117 ? 2.949   11.438  -8.945  1.00 54.92 ? 117 ASP A CB  1 
ATOM 730  C CG  . ASP A 1 117 ? 4.403   11.915  -8.814  1.00 61.28 ? 117 ASP A CG  1 
ATOM 731  O OD1 . ASP A 1 117 ? 4.709   12.677  -7.863  1.00 63.27 ? 117 ASP A OD1 1 
ATOM 732  O OD2 . ASP A 1 117 ? 5.242   11.537  -9.672  1.00 62.95 ? 117 ASP A OD2 1 
ATOM 733  N N   . VAL A 1 118 ? 0.094   11.261  -6.917  1.00 47.11 ? 118 VAL A N   1 
ATOM 734  C CA  . VAL A 1 118 ? -1.341  11.098  -6.984  1.00 46.08 ? 118 VAL A CA  1 
ATOM 735  C C   . VAL A 1 118 ? -1.846  11.984  -8.111  1.00 46.60 ? 118 VAL A C   1 
ATOM 736  O O   . VAL A 1 118 ? -1.770  13.203  -8.025  1.00 47.19 ? 118 VAL A O   1 
ATOM 737  C CB  . VAL A 1 118 ? -1.988  11.519  -5.657  1.00 46.27 ? 118 VAL A CB  1 
ATOM 738  C CG1 . VAL A 1 118 ? -3.501  11.353  -5.730  1.00 47.56 ? 118 VAL A CG1 1 
ATOM 739  C CG2 . VAL A 1 118 ? -1.415  10.682  -4.524  1.00 46.54 ? 118 VAL A CG2 1 
ATOM 740  N N   . ILE A 1 119 ? -2.347  11.383  -9.182  1.00 46.70 ? 119 ILE A N   1 
ATOM 741  C CA  . ILE A 1 119 ? -2.845  12.176  -10.295 1.00 46.75 ? 119 ILE A CA  1 
ATOM 742  C C   . ILE A 1 119 ? -4.351  12.406  -10.219 1.00 46.80 ? 119 ILE A C   1 
ATOM 743  O O   . ILE A 1 119 ? -4.875  13.312  -10.864 1.00 47.08 ? 119 ILE A O   1 
ATOM 744  C CB  . ILE A 1 119 ? -2.461  11.543  -11.653 1.00 47.20 ? 119 ILE A CB  1 
ATOM 745  C CG1 . ILE A 1 119 ? -3.037  10.142  -11.769 1.00 48.37 ? 119 ILE A CG1 1 
ATOM 746  C CG2 . ILE A 1 119 ? -0.937  11.488  -11.785 1.00 45.79 ? 119 ILE A CG2 1 
ATOM 747  C CD1 . ILE A 1 119 ? -2.540  9.406   -12.991 1.00 50.54 ? 119 ILE A CD1 1 
ATOM 748  N N   . GLN A 1 120 ? -5.037  11.604  -9.412  1.00 44.77 ? 120 GLN A N   1 
ATOM 749  C CA  . GLN A 1 120 ? -6.474  11.754  -9.230  1.00 45.94 ? 120 GLN A CA  1 
ATOM 750  C C   . GLN A 1 120 ? -6.869  11.223  -7.849  1.00 45.17 ? 120 GLN A C   1 
ATOM 751  O O   . GLN A 1 120 ? -6.566  10.078  -7.498  1.00 44.66 ? 120 GLN A O   1 
ATOM 752  C CB  . GLN A 1 120 ? -7.222  11.015  -10.338 1.00 47.92 ? 120 GLN A CB  1 
ATOM 753  C CG  . GLN A 1 120 ? -8.691  11.355  -10.423 1.00 53.40 ? 120 GLN A CG  1 
ATOM 754  C CD  . GLN A 1 120 ? -9.278  11.013  -11.789 1.00 58.16 ? 120 GLN A CD  1 
ATOM 755  O OE1 . GLN A 1 120 ? -9.235  11.826  -12.722 1.00 58.43 ? 120 GLN A OE1 1 
ATOM 756  N NE2 . GLN A 1 120 ? -9.806  9.794   -11.919 1.00 56.38 ? 120 GLN A NE2 1 
ATOM 757  N N   . ALA A 1 121 ? -7.537  12.060  -7.059  1.00 43.23 ? 121 ALA A N   1 
ATOM 758  C CA  . ALA A 1 121 ? -7.917  11.664  -5.710  1.00 43.82 ? 121 ALA A CA  1 
ATOM 759  C C   . ALA A 1 121 ? -9.417  11.530  -5.434  1.00 44.03 ? 121 ALA A C   1 
ATOM 760  O O   . ALA A 1 121 ? -10.178 12.491  -5.525  1.00 45.76 ? 121 ALA A O   1 
ATOM 761  C CB  . ALA A 1 121 ? -7.300  12.627  -4.715  1.00 42.58 ? 121 ALA A CB  1 
ATOM 762  N N   . ASP A 1 122 ? -9.839  10.323  -5.086  1.00 42.20 ? 122 ASP A N   1 
ATOM 763  C CA  . ASP A 1 122 ? -11.236 10.093  -4.766  1.00 41.11 ? 122 ASP A CA  1 
ATOM 764  C C   . ASP A 1 122 ? -11.336 9.074   -3.644  1.00 40.66 ? 122 ASP A C   1 
ATOM 765  O O   . ASP A 1 122 ? -12.115 8.129   -3.725  1.00 40.98 ? 122 ASP A O   1 
ATOM 766  C CB  . ASP A 1 122 ? -12.003 9.598   -5.992  1.00 40.06 ? 122 ASP A CB  1 
ATOM 767  C CG  . ASP A 1 122 ? -13.468 9.393   -5.703  1.00 43.09 ? 122 ASP A CG  1 
ATOM 768  O OD1 . ASP A 1 122 ? -13.994 10.134  -4.850  1.00 40.97 ? 122 ASP A OD1 1 
ATOM 769  O OD2 . ASP A 1 122 ? -14.089 8.505   -6.328  1.00 46.36 ? 122 ASP A OD2 1 
ATOM 770  N N   . GLY A 1 123 ? -10.530 9.272   -2.603  1.00 38.17 ? 123 GLY A N   1 
ATOM 771  C CA  . GLY A 1 123 ? -10.535 8.367   -1.469  1.00 36.68 ? 123 GLY A CA  1 
ATOM 772  C C   . GLY A 1 123 ? -9.570  7.199   -1.597  1.00 37.16 ? 123 GLY A C   1 
ATOM 773  O O   . GLY A 1 123 ? -9.419  6.622   -2.667  1.00 35.97 ? 123 GLY A O   1 
ATOM 774  N N   . GLY A 1 124 ? -8.910  6.856   -0.497  1.00 37.80 ? 124 GLY A N   1 
ATOM 775  C CA  . GLY A 1 124 ? -7.973  5.744   -0.505  1.00 39.29 ? 124 GLY A CA  1 
ATOM 776  C C   . GLY A 1 124 ? -6.637  5.934   -1.217  1.00 40.54 ? 124 GLY A C   1 
ATOM 777  O O   . GLY A 1 124 ? -5.990  4.961   -1.587  1.00 40.51 ? 124 GLY A O   1 
ATOM 778  N N   . THR A 1 125 ? -6.207  7.173   -1.407  1.00 41.86 ? 125 THR A N   1 
ATOM 779  C CA  . THR A 1 125 ? -4.938  7.417   -2.082  1.00 44.94 ? 125 THR A CA  1 
ATOM 780  C C   . THR A 1 125 ? -3.741  6.811   -1.351  1.00 45.84 ? 125 THR A C   1 
ATOM 781  O O   . THR A 1 125 ? -2.877  6.175   -1.952  1.00 48.63 ? 125 THR A O   1 
ATOM 782  C CB  . THR A 1 125 ? -4.671  8.915   -2.236  1.00 45.45 ? 125 THR A CB  1 
ATOM 783  O OG1 . THR A 1 125 ? -4.530  9.507   -0.940  1.00 46.57 ? 125 THR A OG1 1 
ATOM 784  C CG2 . THR A 1 125 ? -5.821  9.585   -2.968  1.00 48.07 ? 125 THR A CG2 1 
ATOM 785  N N   . ARG A 1 126 ? -3.694  7.008   -0.048  1.00 47.42 ? 126 ARG A N   1 
ATOM 786  C CA  . ARG A 1 126 ? -2.586  6.517   0.749   1.00 50.86 ? 126 ARG A CA  1 
ATOM 787  C C   . ARG A 1 126 ? -2.386  5.001   0.679   1.00 49.22 ? 126 ARG A C   1 
ATOM 788  O O   . ARG A 1 126 ? -1.265  4.517   0.531   1.00 48.17 ? 126 ARG A O   1 
ATOM 789  C CB  . ARG A 1 126 ? -2.789  6.964   2.193   1.00 55.70 ? 126 ARG A CB  1 
ATOM 790  C CG  . ARG A 1 126 ? -1.707  6.527   3.143   1.00 62.72 ? 126 ARG A CG  1 
ATOM 791  C CD  . ARG A 1 126 ? -2.093  6.965   4.545   1.00 68.11 ? 126 ARG A CD  1 
ATOM 792  N NE  . ARG A 1 126 ? -2.559  8.352   4.528   1.00 72.20 ? 126 ARG A NE  1 
ATOM 793  C CZ  . ARG A 1 126 ? -2.831  9.057   5.622   1.00 74.99 ? 126 ARG A CZ  1 
ATOM 794  N NH1 . ARG A 1 126 ? -2.684  8.496   6.828   1.00 75.11 ? 126 ARG A NH1 1 
ATOM 795  N NH2 . ARG A 1 126 ? -3.232  10.325  5.509   1.00 75.94 ? 126 ARG A NH2 1 
ATOM 796  N N   . THR A 1 127 ? -3.470  4.249   0.797   1.00 47.64 ? 127 THR A N   1 
ATOM 797  C CA  . THR A 1 127 ? -3.360  2.805   0.727   1.00 47.61 ? 127 THR A CA  1 
ATOM 798  C C   . THR A 1 127 ? -3.118  2.355   -0.719  1.00 44.33 ? 127 THR A C   1 
ATOM 799  O O   . THR A 1 127 ? -2.408  1.375   -0.948  1.00 45.63 ? 127 THR A O   1 
ATOM 800  C CB  . THR A 1 127 ? -4.609  2.120   1.350   1.00 48.73 ? 127 THR A CB  1 
ATOM 801  O OG1 . THR A 1 127 ? -5.807  2.635   0.755   1.00 49.67 ? 127 THR A OG1 1 
ATOM 802  C CG2 . THR A 1 127 ? -4.643  2.383   2.852   1.00 48.16 ? 127 THR A CG2 1 
ATOM 803  N N   . ALA A 1 128 ? -3.684  3.080   -1.687  1.00 42.25 ? 128 ALA A N   1 
ATOM 804  C CA  . ALA A 1 128 ? -3.476  2.770   -3.111  1.00 42.06 ? 128 ALA A CA  1 
ATOM 805  C C   . ALA A 1 128 ? -1.997  3.000   -3.494  1.00 42.47 ? 128 ALA A C   1 
ATOM 806  O O   . ALA A 1 128 ? -1.447  2.297   -4.342  1.00 42.27 ? 128 ALA A O   1 
ATOM 807  C CB  . ALA A 1 128 ? -4.378  3.636   -3.978  1.00 39.91 ? 128 ALA A CB  1 
ATOM 808  N N   . SER A 1 129 ? -1.360  3.981   -2.858  1.00 40.63 ? 129 SER A N   1 
ATOM 809  C CA  . SER A 1 129 ? 0.053   4.269   -3.118  1.00 41.27 ? 129 SER A CA  1 
ATOM 810  C C   . SER A 1 129 ? 0.924   3.114   -2.641  1.00 40.59 ? 129 SER A C   1 
ATOM 811  O O   . SER A 1 129 ? 1.907   2.761   -3.284  1.00 39.87 ? 129 SER A O   1 
ATOM 812  C CB  . SER A 1 129 ? 0.488   5.547   -2.402  1.00 38.94 ? 129 SER A CB  1 
ATOM 813  O OG  . SER A 1 129 ? -0.222  6.663   -2.891  1.00 41.29 ? 129 SER A OG  1 
ATOM 814  N N   . ILE A 1 130 ? 0.551   2.531   -1.506  1.00 40.54 ? 130 ILE A N   1 
ATOM 815  C CA  . ILE A 1 130 ? 1.292   1.417   -0.935  1.00 39.81 ? 130 ILE A CA  1 
ATOM 816  C C   . ILE A 1 130 ? 1.250   0.205   -1.857  1.00 39.49 ? 130 ILE A C   1 
ATOM 817  O O   . ILE A 1 130 ? 2.283   -0.387  -2.165  1.00 40.56 ? 130 ILE A O   1 
ATOM 818  C CB  . ILE A 1 130 ? 0.733   1.054   0.454   1.00 40.91 ? 130 ILE A CB  1 
ATOM 819  C CG1 . ILE A 1 130 ? 1.056   2.184   1.431   1.00 40.86 ? 130 ILE A CG1 1 
ATOM 820  C CG2 . ILE A 1 130 ? 1.337   -0.255  0.950   1.00 40.72 ? 130 ILE A CG2 1 
ATOM 821  C CD1 . ILE A 1 130 ? 0.261   2.153   2.690   1.00 41.65 ? 130 ILE A CD1 1 
ATOM 822  N N   . THR A 1 131 ? 0.052   -0.141  -2.303  1.00 38.41 ? 131 THR A N   1 
ATOM 823  C CA  . THR A 1 131 ? -0.148  -1.264  -3.201  1.00 37.98 ? 131 THR A CA  1 
ATOM 824  C C   . THR A 1 131 ? 0.642   -1.023  -4.483  1.00 39.14 ? 131 THR A C   1 
ATOM 825  O O   . THR A 1 131 ? 1.361   -1.903  -4.937  1.00 40.38 ? 131 THR A O   1 
ATOM 826  C CB  . THR A 1 131 ? -1.652  -1.435  -3.532  1.00 39.55 ? 131 THR A CB  1 
ATOM 827  O OG1 . THR A 1 131 ? -2.404  -1.507  -2.314  1.00 40.82 ? 131 THR A OG1 1 
ATOM 828  C CG2 . THR A 1 131 ? -1.889  -2.691  -4.323  1.00 35.56 ? 131 THR A CG2 1 
ATOM 829  N N   . GLY A 1 132 ? 0.506   0.169   -5.067  1.00 40.86 ? 132 GLY A N   1 
ATOM 830  C CA  . GLY A 1 132 ? 1.238   0.491   -6.284  1.00 40.62 ? 132 GLY A CA  1 
ATOM 831  C C   . GLY A 1 132 ? 2.741   0.524   -6.053  1.00 42.01 ? 132 GLY A C   1 
ATOM 832  O O   . GLY A 1 132 ? 3.521   0.040   -6.877  1.00 41.95 ? 132 GLY A O   1 
ATOM 833  N N   . ALA A 1 133 ? 3.149   1.096   -4.920  1.00 41.80 ? 133 ALA A N   1 
ATOM 834  C CA  . ALA A 1 133 ? 4.561   1.182   -4.553  1.00 40.93 ? 133 ALA A CA  1 
ATOM 835  C C   . ALA A 1 133 ? 5.186   -0.208  -4.431  1.00 41.40 ? 133 ALA A C   1 
ATOM 836  O O   . ALA A 1 133 ? 6.365   -0.392  -4.754  1.00 41.63 ? 133 ALA A O   1 
ATOM 837  C CB  . ALA A 1 133 ? 4.724   1.939   -3.233  1.00 38.36 ? 133 ALA A CB  1 
ATOM 838  N N   . PHE A 1 134 ? 4.404   -1.181  -3.962  1.00 40.64 ? 134 PHE A N   1 
ATOM 839  C CA  . PHE A 1 134 ? 4.913   -2.545  -3.817  1.00 40.41 ? 134 PHE A CA  1 
ATOM 840  C C   . PHE A 1 134 ? 5.231   -3.172  -5.165  1.00 40.95 ? 134 PHE A C   1 
ATOM 841  O O   . PHE A 1 134 ? 6.309   -3.719  -5.355  1.00 41.31 ? 134 PHE A O   1 
ATOM 842  C CB  . PHE A 1 134 ? 3.921   -3.449  -3.102  1.00 39.10 ? 134 PHE A CB  1 
ATOM 843  C CG  . PHE A 1 134 ? 4.385   -4.866  -3.019  1.00 37.10 ? 134 PHE A CG  1 
ATOM 844  C CD1 . PHE A 1 134 ? 5.358   -5.238  -2.099  1.00 35.15 ? 134 PHE A CD1 1 
ATOM 845  C CD2 . PHE A 1 134 ? 3.900   -5.823  -3.906  1.00 36.64 ? 134 PHE A CD2 1 
ATOM 846  C CE1 . PHE A 1 134 ? 5.844   -6.538  -2.064  1.00 35.46 ? 134 PHE A CE1 1 
ATOM 847  C CE2 . PHE A 1 134 ? 4.379   -7.126  -3.881  1.00 34.77 ? 134 PHE A CE2 1 
ATOM 848  C CZ  . PHE A 1 134 ? 5.353   -7.485  -2.959  1.00 34.67 ? 134 PHE A CZ  1 
ATOM 849  N N   . LEU A 1 135 ? 4.279   -3.114  -6.089  1.00 41.82 ? 135 LEU A N   1 
ATOM 850  C CA  . LEU A 1 135 ? 4.482   -3.655  -7.427  1.00 42.35 ? 135 LEU A CA  1 
ATOM 851  C C   . LEU A 1 135 ? 5.714   -3.043  -8.080  1.00 42.35 ? 135 LEU A C   1 
ATOM 852  O O   . LEU A 1 135 ? 6.566   -3.762  -8.590  1.00 43.70 ? 135 LEU A O   1 
ATOM 853  C CB  . LEU A 1 135 ? 3.269   -3.377  -8.306  1.00 44.37 ? 135 LEU A CB  1 
ATOM 854  C CG  . LEU A 1 135 ? 2.171   -4.423  -8.330  1.00 45.81 ? 135 LEU A CG  1 
ATOM 855  C CD1 . LEU A 1 135 ? 1.010   -3.912  -9.159  1.00 47.80 ? 135 LEU A CD1 1 
ATOM 856  C CD2 . LEU A 1 135 ? 2.733   -5.707  -8.917  1.00 47.29 ? 135 LEU A CD2 1 
ATOM 857  N N   . ALA A 1 136 ? 5.795   -1.714  -8.067  1.00 41.23 ? 136 ALA A N   1 
ATOM 858  C CA  . ALA A 1 136 ? 6.929   -1.012  -8.657  1.00 41.39 ? 136 ALA A CA  1 
ATOM 859  C C   . ALA A 1 136 ? 8.233   -1.546  -8.072  1.00 41.23 ? 136 ALA A C   1 
ATOM 860  O O   . ALA A 1 136 ? 9.201   -1.765  -8.790  1.00 42.22 ? 136 ALA A O   1 
ATOM 861  C CB  . ALA A 1 136 ? 6.808   0.491   -8.411  1.00 40.66 ? 136 ALA A CB  1 
ATOM 862  N N   . MET A 1 137 ? 8.254   -1.757  -6.761  1.00 42.80 ? 137 MET A N   1 
ATOM 863  C CA  . MET A 1 137 ? 9.443   -2.278  -6.101  1.00 41.78 ? 137 MET A CA  1 
ATOM 864  C C   . MET A 1 137 ? 9.707   -3.689  -6.597  1.00 42.11 ? 137 MET A C   1 
ATOM 865  O O   . MET A 1 137 ? 10.840  -4.044  -6.909  1.00 43.65 ? 137 MET A O   1 
ATOM 866  C CB  . MET A 1 137 ? 9.250   -2.295  -4.585  1.00 41.20 ? 137 MET A CB  1 
ATOM 867  C CG  . MET A 1 137 ? 10.416  -2.896  -3.808  1.00 42.52 ? 137 MET A CG  1 
ATOM 868  S SD  . MET A 1 137 ? 10.041  -3.067  -2.051  1.00 43.05 ? 137 MET A SD  1 
ATOM 869  C CE  . MET A 1 137 ? 8.895   -4.422  -2.097  1.00 40.95 ? 137 MET A CE  1 
ATOM 870  N N   . ALA A 1 138 ? 8.651   -4.489  -6.668  1.00 41.74 ? 138 ALA A N   1 
ATOM 871  C CA  . ALA A 1 138 ? 8.764   -5.858  -7.133  1.00 40.62 ? 138 ALA A CA  1 
ATOM 872  C C   . ALA A 1 138 ? 9.380   -5.870  -8.525  1.00 40.95 ? 138 ALA A C   1 
ATOM 873  O O   . ALA A 1 138 ? 10.266  -6.679  -8.813  1.00 42.53 ? 138 ALA A O   1 
ATOM 874  C CB  . ALA A 1 138 ? 7.401   -6.515  -7.158  1.00 39.27 ? 138 ALA A CB  1 
ATOM 875  N N   . ILE A 1 139 ? 8.921   -4.963  -9.387  1.00 40.73 ? 139 ILE A N   1 
ATOM 876  C CA  . ILE A 1 139 ? 9.440   -4.886  -10.743 1.00 39.52 ? 139 ILE A CA  1 
ATOM 877  C C   . ILE A 1 139 ? 10.931  -4.535  -10.768 1.00 40.17 ? 139 ILE A C   1 
ATOM 878  O O   . ILE A 1 139 ? 11.701  -5.152  -11.495 1.00 41.93 ? 139 ILE A O   1 
ATOM 879  C CB  . ILE A 1 139 ? 8.620   -3.882  -11.587 1.00 40.55 ? 139 ILE A CB  1 
ATOM 880  C CG1 . ILE A 1 139 ? 7.241   -4.484  -11.892 1.00 42.29 ? 139 ILE A CG1 1 
ATOM 881  C CG2 . ILE A 1 139 ? 9.338   -3.578  -12.889 1.00 40.77 ? 139 ILE A CG2 1 
ATOM 882  C CD1 . ILE A 1 139 ? 6.294   -3.567  -12.642 1.00 41.30 ? 139 ILE A CD1 1 
ATOM 883  N N   . ALA A 1 140 ? 11.348  -3.565  -9.965  1.00 39.44 ? 140 ALA A N   1 
ATOM 884  C CA  . ALA A 1 140 ? 12.759  -3.188  -9.927  1.00 39.65 ? 140 ALA A CA  1 
ATOM 885  C C   . ALA A 1 140 ? 13.630  -4.303  -9.351  1.00 40.85 ? 140 ALA A C   1 
ATOM 886  O O   . ALA A 1 140 ? 14.741  -4.524  -9.816  1.00 42.82 ? 140 ALA A O   1 
ATOM 887  C CB  . ALA A 1 140 ? 12.943  -1.913  -9.125  1.00 38.27 ? 140 ALA A CB  1 
ATOM 888  N N   . ILE A 1 141 ? 13.123  -5.018  -8.349  1.00 40.27 ? 141 ILE A N   1 
ATOM 889  C CA  . ILE A 1 141 ? 13.887  -6.095  -7.738  1.00 40.58 ? 141 ILE A CA  1 
ATOM 890  C C   . ILE A 1 141 ? 14.013  -7.279  -8.695  1.00 42.62 ? 141 ILE A C   1 
ATOM 891  O O   . ILE A 1 141 ? 15.006  -8.008  -8.674  1.00 42.73 ? 141 ILE A O   1 
ATOM 892  C CB  . ILE A 1 141 ? 13.247  -6.541  -6.396  1.00 40.35 ? 141 ILE A CB  1 
ATOM 893  C CG1 . ILE A 1 141 ? 13.500  -5.458  -5.341  1.00 40.34 ? 141 ILE A CG1 1 
ATOM 894  C CG2 . ILE A 1 141 ? 13.798  -7.888  -5.965  1.00 38.99 ? 141 ILE A CG2 1 
ATOM 895  C CD1 . ILE A 1 141 ? 13.021  -5.780  -3.943  1.00 40.50 ? 141 ILE A CD1 1 
ATOM 896  N N   . GLY A 1 142 ? 12.998  -7.460  -9.537  1.00 43.23 ? 142 GLY A N   1 
ATOM 897  C CA  . GLY A 1 142 ? 13.027  -8.532  -10.512 1.00 42.25 ? 142 GLY A CA  1 
ATOM 898  C C   . GLY A 1 142 ? 14.175  -8.308  -11.486 1.00 42.35 ? 142 GLY A C   1 
ATOM 899  O O   . GLY A 1 142 ? 14.879  -9.246  -11.845 1.00 42.79 ? 142 GLY A O   1 
ATOM 900  N N   . LYS A 1 143 ? 14.376  -7.062  -11.907 1.00 42.49 ? 143 LYS A N   1 
ATOM 901  C CA  . LYS A 1 143 ? 15.460  -6.737  -12.833 1.00 43.44 ? 143 LYS A CA  1 
ATOM 902  C C   . LYS A 1 143 ? 16.816  -6.875  -12.146 1.00 42.77 ? 143 LYS A C   1 
ATOM 903  O O   . LYS A 1 143 ? 17.816  -7.191  -12.777 1.00 44.98 ? 143 LYS A O   1 
ATOM 904  C CB  . LYS A 1 143 ? 15.307  -5.308  -13.371 1.00 43.88 ? 143 LYS A CB  1 
ATOM 905  C CG  . LYS A 1 143 ? 14.146  -5.109  -14.329 1.00 43.64 ? 143 LYS A CG  1 
ATOM 906  C CD  . LYS A 1 143 ? 13.898  -3.627  -14.575 1.00 48.13 ? 143 LYS A CD  1 
ATOM 907  C CE  . LYS A 1 143 ? 12.592  -3.394  -15.315 1.00 46.28 ? 143 LYS A CE  1 
ATOM 908  N NZ  . LYS A 1 143 ? 12.273  -1.946  -15.428 1.00 47.35 ? 143 LYS A NZ  1 
ATOM 909  N N   . LEU A 1 144 ? 16.839  -6.616  -10.848 1.00 42.78 ? 144 LEU A N   1 
ATOM 910  C CA  . LEU A 1 144 ? 18.050  -6.724  -10.057 1.00 42.19 ? 144 LEU A CA  1 
ATOM 911  C C   . LEU A 1 144 ? 18.465  -8.202  -10.037 1.00 41.95 ? 144 LEU A C   1 
ATOM 912  O O   . LEU A 1 144 ? 19.639  -8.538  -10.172 1.00 39.41 ? 144 LEU A O   1 
ATOM 913  C CB  . LEU A 1 144 ? 17.755  -6.225  -8.640  1.00 42.27 ? 144 LEU A CB  1 
ATOM 914  C CG  . LEU A 1 144 ? 18.690  -5.245  -7.928  1.00 44.77 ? 144 LEU A CG  1 
ATOM 915  C CD1 . LEU A 1 144 ? 19.189  -4.147  -8.860  1.00 38.47 ? 144 LEU A CD1 1 
ATOM 916  C CD2 . LEU A 1 144 ? 17.927  -4.643  -6.760  1.00 39.32 ? 144 LEU A CD2 1 
ATOM 917  N N   . ILE A 1 145 ? 17.478  -9.078  -9.883  1.00 41.35 ? 145 ILE A N   1 
ATOM 918  C CA  . ILE A 1 145 ? 17.718  -10.518 -9.842  1.00 43.45 ? 145 ILE A CA  1 
ATOM 919  C C   . ILE A 1 145 ? 18.125  -11.072 -11.209 1.00 44.96 ? 145 ILE A C   1 
ATOM 920  O O   . ILE A 1 145 ? 19.000  -11.928 -11.306 1.00 46.40 ? 145 ILE A O   1 
ATOM 921  C CB  . ILE A 1 145 ? 16.452  -11.282 -9.367  1.00 43.38 ? 145 ILE A CB  1 
ATOM 922  C CG1 . ILE A 1 145 ? 16.135  -10.921 -7.913  1.00 43.27 ? 145 ILE A CG1 1 
ATOM 923  C CG2 . ILE A 1 145 ? 16.662  -12.779 -9.513  1.00 40.76 ? 145 ILE A CG2 1 
ATOM 924  C CD1 . ILE A 1 145 ? 14.816  -11.473 -7.425  1.00 44.99 ? 145 ILE A CD1 1 
ATOM 925  N N   . LYS A 1 146 ? 17.473  -10.586 -12.260 1.00 44.03 ? 146 LYS A N   1 
ATOM 926  C CA  . LYS A 1 146 ? 17.753  -11.039 -13.609 1.00 46.23 ? 146 LYS A CA  1 
ATOM 927  C C   . LYS A 1 146 ? 19.075  -10.483 -14.113 1.00 47.33 ? 146 LYS A C   1 
ATOM 928  O O   . LYS A 1 146 ? 19.695  -11.048 -15.013 1.00 46.93 ? 146 LYS A O   1 
ATOM 929  C CB  . LYS A 1 146 ? 16.633  -10.614 -14.558 1.00 45.76 ? 146 LYS A CB  1 
ATOM 930  C CG  . LYS A 1 146 ? 15.344  -11.356 -14.357 1.00 48.62 ? 146 LYS A CG  1 
ATOM 931  C CD  . LYS A 1 146 ? 14.318  -10.967 -15.411 1.00 53.16 ? 146 LYS A CD  1 
ATOM 932  C CE  . LYS A 1 146 ? 13.074  -11.850 -15.327 1.00 56.26 ? 146 LYS A CE  1 
ATOM 933  N NZ  . LYS A 1 146 ? 12.045  -11.499 -16.357 1.00 59.31 ? 146 LYS A NZ  1 
ATOM 934  N N   . ALA A 1 147 ? 19.498  -9.370  -13.533 1.00 46.49 ? 147 ALA A N   1 
ATOM 935  C CA  . ALA A 1 147 ? 20.739  -8.747  -13.946 1.00 47.54 ? 147 ALA A CA  1 
ATOM 936  C C   . ALA A 1 147 ? 21.898  -9.461  -13.282 1.00 46.81 ? 147 ALA A C   1 
ATOM 937  O O   . ALA A 1 147 ? 23.053  -9.259  -13.656 1.00 48.18 ? 147 ALA A O   1 
ATOM 938  C CB  . ALA A 1 147 ? 20.742  -7.264  -13.570 1.00 45.75 ? 147 ALA A CB  1 
ATOM 939  N N   . GLY A 1 148 ? 21.585  -10.311 -12.308 1.00 46.10 ? 148 GLY A N   1 
ATOM 940  C CA  . GLY A 1 148 ? 22.633  -11.019 -11.602 1.00 42.58 ? 148 GLY A CA  1 
ATOM 941  C C   . GLY A 1 148 ? 23.235  -10.132 -10.522 1.00 43.80 ? 148 GLY A C   1 
ATOM 942  O O   . GLY A 1 148 ? 24.215  -10.507 -9.882  1.00 42.67 ? 148 GLY A O   1 
ATOM 943  N N   . THR A 1 149 ? 22.652  -8.950  -10.318 1.00 43.02 ? 149 THR A N   1 
ATOM 944  C CA  . THR A 1 149 ? 23.136  -8.027  -9.301  1.00 42.55 ? 149 THR A CA  1 
ATOM 945  C C   . THR A 1 149 ? 22.971  -8.623  -7.901  1.00 43.86 ? 149 THR A C   1 
ATOM 946  O O   . THR A 1 149 ? 23.796  -8.367  -7.024  1.00 42.64 ? 149 THR A O   1 
ATOM 947  C CB  . THR A 1 149 ? 22.416  -6.676  -9.384  1.00 43.27 ? 149 THR A CB  1 
ATOM 948  O OG1 . THR A 1 149 ? 22.518  -6.162  -10.718 1.00 41.89 ? 149 THR A OG1 1 
ATOM 949  C CG2 . THR A 1 149 ? 23.046  -5.688  -8.419  1.00 41.09 ? 149 THR A CG2 1 
ATOM 950  N N   . ILE A 1 150 ? 21.898  -9.391  -7.684  1.00 44.74 ? 150 ILE A N   1 
ATOM 951  C CA  . ILE A 1 150 ? 21.690  -10.077 -6.404  1.00 47.31 ? 150 ILE A CA  1 
ATOM 952  C C   . ILE A 1 150 ? 21.356  -11.553 -6.665  1.00 49.49 ? 150 ILE A C   1 
ATOM 953  O O   . ILE A 1 150 ? 20.661  -11.892 -7.624  1.00 50.16 ? 150 ILE A O   1 
ATOM 954  C CB  . ILE A 1 150 ? 20.572  -9.456  -5.525  1.00 46.52 ? 150 ILE A CB  1 
ATOM 955  C CG1 . ILE A 1 150 ? 19.299  -9.246  -6.344  1.00 46.18 ? 150 ILE A CG1 1 
ATOM 956  C CG2 . ILE A 1 150 ? 21.083  -8.199  -4.854  1.00 43.48 ? 150 ILE A CG2 1 
ATOM 957  C CD1 . ILE A 1 150 ? 18.191  -8.557  -5.565  1.00 45.60 ? 150 ILE A CD1 1 
ATOM 958  N N   . LYS A 1 151 ? 21.862  -12.418 -5.793  1.00 51.42 ? 151 LYS A N   1 
ATOM 959  C CA  . LYS A 1 151 ? 21.699  -13.861 -5.914  1.00 53.06 ? 151 LYS A CA  1 
ATOM 960  C C   . LYS A 1 151 ? 20.316  -14.424 -5.614  1.00 52.33 ? 151 LYS A C   1 
ATOM 961  O O   . LYS A 1 151 ? 19.900  -15.405 -6.230  1.00 51.71 ? 151 LYS A O   1 
ATOM 962  C CB  . LYS A 1 151 ? 22.722  -14.562 -5.011  1.00 56.73 ? 151 LYS A CB  1 
ATOM 963  C CG  . LYS A 1 151 ? 24.154  -14.020 -5.120  1.00 60.96 ? 151 LYS A CG  1 
ATOM 964  C CD  . LYS A 1 151 ? 25.136  -14.861 -4.282  1.00 65.63 ? 151 LYS A CD  1 
ATOM 965  C CE  . LYS A 1 151 ? 24.753  -14.885 -2.779  1.00 68.69 ? 151 LYS A CE  1 
ATOM 966  N NZ  . LYS A 1 151 ? 25.617  -15.799 -1.945  1.00 69.94 ? 151 LYS A NZ  1 
ATOM 967  N N   . THR A 1 152 ? 19.604  -13.822 -4.669  1.00 51.60 ? 152 THR A N   1 
ATOM 968  C CA  . THR A 1 152 ? 18.279  -14.329 -4.315  1.00 51.46 ? 152 THR A CA  1 
ATOM 969  C C   . THR A 1 152 ? 17.213  -13.247 -4.158  1.00 50.32 ? 152 THR A C   1 
ATOM 970  O O   . THR A 1 152 ? 17.516  -12.085 -3.888  1.00 49.09 ? 152 THR A O   1 
ATOM 971  C CB  . THR A 1 152 ? 18.330  -15.085 -2.989  1.00 51.32 ? 152 THR A CB  1 
ATOM 972  O OG1 . THR A 1 152 ? 18.575  -14.144 -1.938  1.00 52.45 ? 152 THR A OG1 1 
ATOM 973  C CG2 . THR A 1 152 ? 19.444  -16.121 -3.002  1.00 51.11 ? 152 THR A CG2 1 
ATOM 974  N N   . ASN A 1 153 ? 15.956  -13.649 -4.309  1.00 48.08 ? 153 ASN A N   1 
ATOM 975  C CA  . ASN A 1 153 ? 14.850  -12.723 -4.147  1.00 47.10 ? 153 ASN A CA  1 
ATOM 976  C C   . ASN A 1 153 ? 14.811  -12.294 -2.687  1.00 45.56 ? 153 ASN A C   1 
ATOM 977  O O   . ASN A 1 153 ? 14.843  -13.132 -1.790  1.00 46.97 ? 153 ASN A O   1 
ATOM 978  C CB  . ASN A 1 153 ? 13.532  -13.390 -4.523  1.00 47.43 ? 153 ASN A CB  1 
ATOM 979  C CG  . ASN A 1 153 ? 12.336  -12.509 -4.230  1.00 49.78 ? 153 ASN A CG  1 
ATOM 980  O OD1 . ASN A 1 153 ? 12.372  -11.302 -4.462  1.00 48.63 ? 153 ASN A OD1 1 
ATOM 981  N ND2 . ASN A 1 153 ? 11.266  -13.108 -3.719  1.00 53.50 ? 153 ASN A ND2 1 
ATOM 982  N N   . PRO A 1 154 ? 14.751  -10.979 -2.427  1.00 44.57 ? 154 PRO A N   1 
ATOM 983  C CA  . PRO A 1 154 ? 14.714  -10.476 -1.055  1.00 41.56 ? 154 PRO A CA  1 
ATOM 984  C C   . PRO A 1 154 ? 13.309  -10.223 -0.530  1.00 42.60 ? 154 PRO A C   1 
ATOM 985  O O   . PRO A 1 154 ? 13.128  -9.973  0.667   1.00 41.60 ? 154 PRO A O   1 
ATOM 986  C CB  . PRO A 1 154 ? 15.528  -9.184  -1.127  1.00 42.38 ? 154 PRO A CB  1 
ATOM 987  C CG  . PRO A 1 154 ? 15.742  -8.911  -2.641  1.00 43.50 ? 154 PRO A CG  1 
ATOM 988  C CD  . PRO A 1 154 ? 14.868  -9.869  -3.387  1.00 42.03 ? 154 PRO A CD  1 
ATOM 989  N N   . ILE A 1 155 ? 12.320  -10.271 -1.422  1.00 43.97 ? 155 ILE A N   1 
ATOM 990  C CA  . ILE A 1 155 ? 10.925  -10.032 -1.041  1.00 45.73 ? 155 ILE A CA  1 
ATOM 991  C C   . ILE A 1 155 ? 10.444  -11.240 -0.254  1.00 45.62 ? 155 ILE A C   1 
ATOM 992  O O   . ILE A 1 155 ? 10.339  -12.343 -0.804  1.00 45.73 ? 155 ILE A O   1 
ATOM 993  C CB  . ILE A 1 155 ? 9.978   -9.894  -2.256  1.00 46.34 ? 155 ILE A CB  1 
ATOM 994  C CG1 . ILE A 1 155 ? 10.601  -9.022  -3.357  1.00 46.85 ? 155 ILE A CG1 1 
ATOM 995  C CG2 . ILE A 1 155 ? 8.660   -9.325  -1.786  1.00 44.03 ? 155 ILE A CG2 1 
ATOM 996  C CD1 . ILE A 1 155 ? 10.476  -7.551  -3.137  1.00 49.05 ? 155 ILE A CD1 1 
ATOM 997  N N   . THR A 1 156 ? 10.135  -11.028 1.021   1.00 45.16 ? 156 THR A N   1 
ATOM 998  C CA  . THR A 1 156 ? 9.679   -12.115 1.877   1.00 44.90 ? 156 THR A CA  1 
ATOM 999  C C   . THR A 1 156 ? 8.197   -12.464 1.679   1.00 44.37 ? 156 THR A C   1 
ATOM 1000 O O   . THR A 1 156 ? 7.778   -13.584 1.984   1.00 44.35 ? 156 THR A O   1 
ATOM 1001 C CB  . THR A 1 156 ? 9.920   -11.779 3.363   1.00 45.18 ? 156 THR A CB  1 
ATOM 1002 O OG1 . THR A 1 156 ? 8.985   -10.785 3.790   1.00 46.61 ? 156 THR A OG1 1 
ATOM 1003 C CG2 . THR A 1 156 ? 11.329  -11.235 3.565   1.00 45.93 ? 156 THR A CG2 1 
ATOM 1004 N N   . ASP A 1 157 ? 7.407   -11.524 1.161   1.00 43.25 ? 157 ASP A N   1 
ATOM 1005 C CA  . ASP A 1 157 ? 5.974   -11.776 0.964   1.00 44.53 ? 157 ASP A CA  1 
ATOM 1006 C C   . ASP A 1 157 ? 5.295   -10.638 0.199   1.00 44.42 ? 157 ASP A C   1 
ATOM 1007 O O   . ASP A 1 157 ? 5.863   -9.561  0.030   1.00 44.63 ? 157 ASP A O   1 
ATOM 1008 C CB  . ASP A 1 157 ? 5.293   -11.936 2.335   1.00 44.92 ? 157 ASP A CB  1 
ATOM 1009 C CG  . ASP A 1 157 ? 3.951   -12.664 2.263   1.00 46.91 ? 157 ASP A CG  1 
ATOM 1010 O OD1 . ASP A 1 157 ? 3.387   -12.844 1.153   1.00 43.43 ? 157 ASP A OD1 1 
ATOM 1011 O OD2 . ASP A 1 157 ? 3.459   -13.050 3.344   1.00 45.48 ? 157 ASP A OD2 1 
ATOM 1012 N N   . PHE A 1 158 ? 4.079   -10.891 -0.267  1.00 43.95 ? 158 PHE A N   1 
ATOM 1013 C CA  . PHE A 1 158 ? 3.293   -9.889  -0.973  1.00 42.68 ? 158 PHE A CA  1 
ATOM 1014 C C   . PHE A 1 158 ? 2.729   -8.927  0.069   1.00 42.62 ? 158 PHE A C   1 
ATOM 1015 O O   . PHE A 1 158 ? 2.588   -9.279  1.239   1.00 41.42 ? 158 PHE A O   1 
ATOM 1016 C CB  . PHE A 1 158 ? 2.145   -10.556 -1.732  1.00 44.96 ? 158 PHE A CB  1 
ATOM 1017 C CG  . PHE A 1 158 ? 2.549   -11.134 -3.058  1.00 46.18 ? 158 PHE A CG  1 
ATOM 1018 C CD1 . PHE A 1 158 ? 2.613   -10.326 -4.192  1.00 47.08 ? 158 PHE A CD1 1 
ATOM 1019 C CD2 . PHE A 1 158 ? 2.892   -12.477 -3.172  1.00 47.14 ? 158 PHE A CD2 1 
ATOM 1020 C CE1 . PHE A 1 158 ? 3.016   -10.851 -5.427  1.00 48.00 ? 158 PHE A CE1 1 
ATOM 1021 C CE2 . PHE A 1 158 ? 3.298   -13.013 -4.403  1.00 47.26 ? 158 PHE A CE2 1 
ATOM 1022 C CZ  . PHE A 1 158 ? 3.360   -12.196 -5.529  1.00 47.97 ? 158 PHE A CZ  1 
ATOM 1023 N N   . LEU A 1 159 ? 2.403   -7.715  -0.358  1.00 42.18 ? 159 LEU A N   1 
ATOM 1024 C CA  . LEU A 1 159 ? 1.873   -6.712  0.548   1.00 40.09 ? 159 LEU A CA  1 
ATOM 1025 C C   . LEU A 1 159 ? 0.890   -5.802  -0.161  1.00 38.89 ? 159 LEU A C   1 
ATOM 1026 O O   . LEU A 1 159 ? 1.099   -5.426  -1.303  1.00 40.41 ? 159 LEU A O   1 
ATOM 1027 C CB  . LEU A 1 159 ? 3.025   -5.882  1.132   1.00 40.31 ? 159 LEU A CB  1 
ATOM 1028 C CG  . LEU A 1 159 ? 2.683   -4.637  1.961   1.00 42.41 ? 159 LEU A CG  1 
ATOM 1029 C CD1 . LEU A 1 159 ? 3.713   -4.437  3.066   1.00 42.79 ? 159 LEU A CD1 1 
ATOM 1030 C CD2 . LEU A 1 159 ? 2.638   -3.425  1.058   1.00 40.92 ? 159 LEU A CD2 1 
ATOM 1031 N N   . ALA A 1 160 ? -0.194  -5.471  0.524   1.00 37.40 ? 160 ALA A N   1 
ATOM 1032 C CA  . ALA A 1 160 ? -1.208  -4.578  -0.004  1.00 36.45 ? 160 ALA A CA  1 
ATOM 1033 C C   . ALA A 1 160 ? -1.852  -3.853  1.174   1.00 36.60 ? 160 ALA A C   1 
ATOM 1034 O O   . ALA A 1 160 ? -1.748  -4.286  2.319   1.00 34.61 ? 160 ALA A O   1 
ATOM 1035 C CB  . ALA A 1 160 ? -2.253  -5.354  -0.789  1.00 35.02 ? 160 ALA A CB  1 
ATOM 1036 N N   . ALA A 1 161 ? -2.514  -2.742  0.883   1.00 36.93 ? 161 ALA A N   1 
ATOM 1037 C CA  . ALA A 1 161 ? -3.165  -1.950  1.912   1.00 37.70 ? 161 ALA A CA  1 
ATOM 1038 C C   . ALA A 1 161 ? -4.524  -1.518  1.415   1.00 37.41 ? 161 ALA A C   1 
ATOM 1039 O O   . ALA A 1 161 ? -4.726  -1.350  0.217   1.00 37.98 ? 161 ALA A O   1 
ATOM 1040 C CB  . ALA A 1 161 ? -2.320  -0.727  2.251   1.00 36.17 ? 161 ALA A CB  1 
ATOM 1041 N N   . ILE A 1 162 ? -5.443  -1.318  2.352   1.00 39.07 ? 162 ILE A N   1 
ATOM 1042 C CA  . ILE A 1 162 ? -6.805  -0.931  2.032   1.00 39.57 ? 162 ILE A CA  1 
ATOM 1043 C C   . ILE A 1 162 ? -7.381  -0.092  3.185   1.00 39.67 ? 162 ILE A C   1 
ATOM 1044 O O   . ILE A 1 162 ? -6.866  -0.118  4.305   1.00 39.14 ? 162 ILE A O   1 
ATOM 1045 C CB  . ILE A 1 162 ? -7.652  -2.229  1.769   1.00 41.36 ? 162 ILE A CB  1 
ATOM 1046 C CG1 . ILE A 1 162 ? -8.284  -2.179  0.373   1.00 43.49 ? 162 ILE A CG1 1 
ATOM 1047 C CG2 . ILE A 1 162 ? -8.687  -2.441  2.844   1.00 41.66 ? 162 ILE A CG2 1 
ATOM 1048 C CD1 . ILE A 1 162 ? -9.362  -1.148  0.192   1.00 45.20 ? 162 ILE A CD1 1 
ATOM 1049 N N   . SER A 1 163 ? -8.426  0.676   2.900   1.00 38.43 ? 163 SER A N   1 
ATOM 1050 C CA  . SER A 1 163 ? -9.066  1.481   3.928   1.00 39.06 ? 163 SER A CA  1 
ATOM 1051 C C   . SER A 1 163 ? -10.456 0.907   4.220   1.00 39.31 ? 163 SER A C   1 
ATOM 1052 O O   . SER A 1 163 ? -11.107 0.370   3.331   1.00 39.52 ? 163 SER A O   1 
ATOM 1053 C CB  . SER A 1 163 ? -9.207  2.924   3.460   1.00 38.19 ? 163 SER A CB  1 
ATOM 1054 O OG  . SER A 1 163 ? -10.109 3.013   2.368   1.00 45.68 ? 163 SER A OG  1 
ATOM 1055 N N   . VAL A 1 164 ? -10.890 0.994   5.473   1.00 38.38 ? 164 VAL A N   1 
ATOM 1056 C CA  . VAL A 1 164 ? -12.212 0.516   5.866   1.00 39.21 ? 164 VAL A CA  1 
ATOM 1057 C C   . VAL A 1 164 ? -12.801 1.558   6.808   1.00 40.43 ? 164 VAL A C   1 
ATOM 1058 O O   . VAL A 1 164 ? -12.093 2.426   7.304   1.00 41.63 ? 164 VAL A O   1 
ATOM 1059 C CB  . VAL A 1 164 ? -12.163 -0.859  6.599   1.00 39.98 ? 164 VAL A CB  1 
ATOM 1060 C CG1 . VAL A 1 164 ? -11.647 -1.944  5.658   1.00 39.19 ? 164 VAL A CG1 1 
ATOM 1061 C CG2 . VAL A 1 164 ? -11.300 -0.758  7.830   1.00 34.18 ? 164 VAL A CG2 1 
ATOM 1062 N N   . GLY A 1 165 ? -14.095 1.486   7.059   1.00 40.47 ? 165 GLY A N   1 
ATOM 1063 C CA  . GLY A 1 165 ? -14.662 2.474   7.939   1.00 41.72 ? 165 GLY A CA  1 
ATOM 1064 C C   . GLY A 1 165 ? -16.069 2.164   8.358   1.00 43.59 ? 165 GLY A C   1 
ATOM 1065 O O   . GLY A 1 165 ? -16.655 1.159   7.976   1.00 43.05 ? 165 GLY A O   1 
ATOM 1066 N N   . ILE A 1 166 ? -16.609 3.045   9.178   1.00 46.47 ? 166 ILE A N   1 
ATOM 1067 C CA  . ILE A 1 166 ? -17.964 2.875   9.642   1.00 48.48 ? 166 ILE A CA  1 
ATOM 1068 C C   . ILE A 1 166 ? -18.719 4.147   9.327   1.00 50.59 ? 166 ILE A C   1 
ATOM 1069 O O   . ILE A 1 166 ? -18.338 5.237   9.758   1.00 50.15 ? 166 ILE A O   1 
ATOM 1070 C CB  . ILE A 1 166 ? -18.005 2.610   11.149  1.00 47.64 ? 166 ILE A CB  1 
ATOM 1071 C CG1 . ILE A 1 166 ? -17.179 1.364   11.478  1.00 47.09 ? 166 ILE A CG1 1 
ATOM 1072 C CG2 . ILE A 1 166 ? -19.438 2.443   11.595  1.00 46.70 ? 166 ILE A CG2 1 
ATOM 1073 C CD1 . ILE A 1 166 ? -17.063 1.078   12.958  1.00 45.47 ? 166 ILE A CD1 1 
ATOM 1074 N N   . ASP A 1 167 ? -19.769 4.011   8.532   1.00 54.34 ? 167 ASP A N   1 
ATOM 1075 C CA  . ASP A 1 167 ? -20.584 5.156   8.182   1.00 57.90 ? 167 ASP A CA  1 
ATOM 1076 C C   . ASP A 1 167 ? -21.791 5.105   9.097   1.00 59.82 ? 167 ASP A C   1 
ATOM 1077 O O   . ASP A 1 167 ? -22.312 4.024   9.395   1.00 58.79 ? 167 ASP A O   1 
ATOM 1078 C CB  . ASP A 1 167 ? -21.023 5.090   6.720   1.00 59.29 ? 167 ASP A CB  1 
ATOM 1079 C CG  . ASP A 1 167 ? -22.015 6.177   6.372   1.00 61.70 ? 167 ASP A CG  1 
ATOM 1080 O OD1 . ASP A 1 167 ? -21.650 7.379   6.478   1.00 61.85 ? 167 ASP A OD1 1 
ATOM 1081 O OD2 . ASP A 1 167 ? -23.169 5.822   6.010   1.00 63.62 ? 167 ASP A OD2 1 
ATOM 1082 N N   . LYS A 1 168 ? -22.233 6.278   9.540   1.00 63.02 ? 168 LYS A N   1 
ATOM 1083 C CA  . LYS A 1 168 ? -23.354 6.354   10.453  1.00 64.86 ? 168 LYS A CA  1 
ATOM 1084 C C   . LYS A 1 168 ? -24.636 5.702   9.949   1.00 65.54 ? 168 LYS A C   1 
ATOM 1085 O O   . LYS A 1 168 ? -25.496 5.344   10.747  1.00 64.83 ? 168 LYS A O   1 
ATOM 1086 C CB  . LYS A 1 168 ? -23.631 7.808   10.819  1.00 66.90 ? 168 LYS A CB  1 
ATOM 1087 C CG  . LYS A 1 168 ? -24.531 7.935   12.038  1.00 69.10 ? 168 LYS A CG  1 
ATOM 1088 C CD  . LYS A 1 168 ? -24.893 9.394   12.316  1.00 71.96 ? 168 LYS A CD  1 
ATOM 1089 C CE  . LYS A 1 168 ? -25.773 9.521   13.568  1.00 72.75 ? 168 LYS A CE  1 
ATOM 1090 N NZ  . LYS A 1 168 ? -26.252 10.926  13.757  1.00 74.24 ? 168 LYS A NZ  1 
ATOM 1091 N N   . GLU A 1 169 ? -24.762 5.520   8.636   1.00 66.79 ? 169 GLU A N   1 
ATOM 1092 C CA  . GLU A 1 169 ? -25.982 4.923   8.093   1.00 67.64 ? 169 GLU A CA  1 
ATOM 1093 C C   . GLU A 1 169 ? -25.884 3.572   7.383   1.00 66.51 ? 169 GLU A C   1 
ATOM 1094 O O   . GLU A 1 169 ? -26.820 2.771   7.456   1.00 65.47 ? 169 GLU A O   1 
ATOM 1095 C CB  . GLU A 1 169 ? -26.654 5.940   7.175   1.00 70.12 ? 169 GLU A CB  1 
ATOM 1096 C CG  . GLU A 1 169 ? -26.856 7.275   7.888   1.00 75.69 ? 169 GLU A CG  1 
ATOM 1097 C CD  . GLU A 1 169 ? -27.703 8.247   7.089   1.00 79.49 ? 169 GLU A CD  1 
ATOM 1098 O OE1 . GLU A 1 169 ? -27.217 8.784   6.056   1.00 80.03 ? 169 GLU A OE1 1 
ATOM 1099 O OE2 . GLU A 1 169 ? -28.869 8.461   7.500   1.00 81.87 ? 169 GLU A OE2 1 
ATOM 1100 N N   . GLN A 1 170 ? -24.768 3.302   6.704   1.00 65.57 ? 170 GLN A N   1 
ATOM 1101 C CA  . GLN A 1 170 ? -24.619 2.032   5.992   1.00 64.04 ? 170 GLN A CA  1 
ATOM 1102 C C   . GLN A 1 170 ? -23.720 1.028   6.678   1.00 61.18 ? 170 GLN A C   1 
ATOM 1103 O O   . GLN A 1 170 ? -23.417 -0.031  6.120   1.00 61.24 ? 170 GLN A O   1 
ATOM 1104 C CB  . GLN A 1 170 ? -24.115 2.284   4.579   1.00 66.74 ? 170 GLN A CB  1 
ATOM 1105 C CG  . GLN A 1 170 ? -25.101 3.071   3.767   1.00 69.58 ? 170 GLN A CG  1 
ATOM 1106 C CD  . GLN A 1 170 ? -24.430 3.803   2.643   1.00 72.67 ? 170 GLN A CD  1 
ATOM 1107 O OE1 . GLN A 1 170 ? -24.100 3.213   1.614   1.00 74.47 ? 170 GLN A OE1 1 
ATOM 1108 N NE2 . GLN A 1 170 ? -24.201 5.105   2.837   1.00 73.22 ? 170 GLN A NE2 1 
ATOM 1109 N N   . GLY A 1 171 ? -23.290 1.370   7.889   1.00 58.58 ? 171 GLY A N   1 
ATOM 1110 C CA  . GLY A 1 171 ? -22.439 0.476   8.654   1.00 55.00 ? 171 GLY A CA  1 
ATOM 1111 C C   . GLY A 1 171 ? -20.992 0.424   8.211   1.00 52.30 ? 171 GLY A C   1 
ATOM 1112 O O   . GLY A 1 171 ? -20.405 1.445   7.858   1.00 51.02 ? 171 GLY A O   1 
ATOM 1113 N N   . ILE A 1 172 ? -20.418 -0.774  8.254   1.00 50.23 ? 172 ILE A N   1 
ATOM 1114 C CA  . ILE A 1 172 ? -19.037 -0.976  7.863   1.00 48.99 ? 172 ILE A CA  1 
ATOM 1115 C C   . ILE A 1 172 ? -18.893 -0.985  6.351   1.00 48.00 ? 172 ILE A C   1 
ATOM 1116 O O   . ILE A 1 172 ? -19.676 -1.606  5.632   1.00 48.52 ? 172 ILE A O   1 
ATOM 1117 C CB  . ILE A 1 172 ? -18.486 -2.291  8.420   1.00 50.28 ? 172 ILE A CB  1 
ATOM 1118 C CG1 . ILE A 1 172 ? -19.425 -3.439  8.062   1.00 51.66 ? 172 ILE A CG1 1 
ATOM 1119 C CG2 . ILE A 1 172 ? -18.344 -2.197  9.931   1.00 50.24 ? 172 ILE A CG2 1 
ATOM 1120 C CD1 . ILE A 1 172 ? -18.915 -4.811  8.535   1.00 53.02 ? 172 ILE A CD1 1 
ATOM 1121 N N   . LEU A 1 173 ? -17.876 -0.286  5.873   1.00 45.92 ? 173 LEU A N   1 
ATOM 1122 C CA  . LEU A 1 173 ? -17.625 -0.194  4.451   1.00 44.40 ? 173 LEU A CA  1 
ATOM 1123 C C   . LEU A 1 173 ? -16.186 -0.543  4.112   1.00 43.64 ? 173 LEU A C   1 
ATOM 1124 O O   . LEU A 1 173 ? -15.270 -0.316  4.905   1.00 44.62 ? 173 LEU A O   1 
ATOM 1125 C CB  . LEU A 1 173 ? -17.937 1.219   3.976   1.00 42.86 ? 173 LEU A CB  1 
ATOM 1126 C CG  . LEU A 1 173 ? -19.334 1.698   4.342   1.00 43.10 ? 173 LEU A CG  1 
ATOM 1127 C CD1 . LEU A 1 173 ? -19.466 3.155   3.983   1.00 41.88 ? 173 LEU A CD1 1 
ATOM 1128 C CD2 . LEU A 1 173 ? -20.375 0.860   3.610   1.00 44.80 ? 173 LEU A CD2 1 
ATOM 1129 N N   . LEU A 1 174 ? -16.002 -1.087  2.916   1.00 42.35 ? 174 LEU A N   1 
ATOM 1130 C CA  . LEU A 1 174 ? -14.688 -1.468  2.433   1.00 40.89 ? 174 LEU A CA  1 
ATOM 1131 C C   . LEU A 1 174 ? -14.272 -0.552  1.285   1.00 41.44 ? 174 LEU A C   1 
ATOM 1132 O O   . LEU A 1 174 ? -15.061 -0.279  0.375   1.00 39.92 ? 174 LEU A O   1 
ATOM 1133 C CB  . LEU A 1 174 ? -14.707 -2.934  1.970   1.00 39.46 ? 174 LEU A CB  1 
ATOM 1134 C CG  . LEU A 1 174 ? -13.507 -3.451  1.171   1.00 39.81 ? 174 LEU A CG  1 
ATOM 1135 C CD1 . LEU A 1 174 ? -12.225 -3.305  1.974   1.00 36.71 ? 174 LEU A CD1 1 
ATOM 1136 C CD2 . LEU A 1 174 ? -13.746 -4.883  0.789   1.00 35.93 ? 174 LEU A CD2 1 
ATOM 1137 N N   . ASP A 1 175 ? -13.035 -0.055  1.352   1.00 42.17 ? 175 ASP A N   1 
ATOM 1138 C CA  . ASP A 1 175 ? -12.490 0.813   0.304   1.00 43.47 ? 175 ASP A CA  1 
ATOM 1139 C C   . ASP A 1 175 ? -13.367 2.066   0.129   1.00 43.14 ? 175 ASP A C   1 
ATOM 1140 O O   . ASP A 1 175 ? -14.195 2.141   -0.779  1.00 44.38 ? 175 ASP A O   1 
ATOM 1141 C CB  . ASP A 1 175 ? -12.421 0.014   -1.005  1.00 42.91 ? 175 ASP A CB  1 
ATOM 1142 C CG  . ASP A 1 175 ? -11.603 0.698   -2.080  1.00 44.82 ? 175 ASP A CG  1 
ATOM 1143 O OD1 . ASP A 1 175 ? -11.877 0.440   -3.271  1.00 43.20 ? 175 ASP A OD1 1 
ATOM 1144 O OD2 . ASP A 1 175 ? -10.682 1.471   -1.747  1.00 47.49 ? 175 ASP A OD2 1 
ATOM 1145 N N   . LEU A 1 176 ? -13.170 3.055   0.991   1.00 42.81 ? 176 LEU A N   1 
ATOM 1146 C CA  . LEU A 1 176 ? -13.968 4.272   0.940   1.00 42.94 ? 176 LEU A CA  1 
ATOM 1147 C C   . LEU A 1 176 ? -13.565 5.268   -0.150  1.00 43.81 ? 176 LEU A C   1 
ATOM 1148 O O   . LEU A 1 176 ? -12.377 5.474   -0.407  1.00 45.12 ? 176 LEU A O   1 
ATOM 1149 C CB  . LEU A 1 176 ? -13.914 4.963   2.306   1.00 43.94 ? 176 LEU A CB  1 
ATOM 1150 C CG  . LEU A 1 176 ? -14.079 4.079   3.554   1.00 44.92 ? 176 LEU A CG  1 
ATOM 1151 C CD1 . LEU A 1 176 ? -14.306 4.964   4.767   1.00 46.87 ? 176 LEU A CD1 1 
ATOM 1152 C CD2 . LEU A 1 176 ? -15.255 3.144   3.401   1.00 44.88 ? 176 LEU A CD2 1 
ATOM 1153 N N   . ASN A 1 177 ? -14.547 5.870   -0.816  1.00 43.60 ? 177 ASN A N   1 
ATOM 1154 C CA  . ASN A 1 177 ? -14.218 6.880   -1.817  1.00 44.18 ? 177 ASN A CA  1 
ATOM 1155 C C   . ASN A 1 177 ? -14.191 8.200   -1.043  1.00 44.91 ? 177 ASN A C   1 
ATOM 1156 O O   . ASN A 1 177 ? -14.445 8.214   0.165   1.00 42.37 ? 177 ASN A O   1 
ATOM 1157 C CB  . ASN A 1 177 ? -15.242 6.925   -2.958  1.00 41.27 ? 177 ASN A CB  1 
ATOM 1158 C CG  . ASN A 1 177 ? -16.664 7.050   -2.464  1.00 43.92 ? 177 ASN A CG  1 
ATOM 1159 O OD1 . ASN A 1 177 ? -16.945 7.825   -1.558  1.00 44.04 ? 177 ASN A OD1 1 
ATOM 1160 N ND2 . ASN A 1 177 ? -17.577 6.293   -3.072  1.00 43.96 ? 177 ASN A ND2 1 
ATOM 1161 N N   . TYR A 1 178 ? -13.872 9.298   -1.719  1.00 48.00 ? 178 TYR A N   1 
ATOM 1162 C CA  . TYR A 1 178 ? -13.784 10.594  -1.055  1.00 50.60 ? 178 TYR A CA  1 
ATOM 1163 C C   . TYR A 1 178 ? -15.002 10.907  -0.198  1.00 52.13 ? 178 TYR A C   1 
ATOM 1164 O O   . TYR A 1 178 ? -14.893 11.062  1.022   1.00 52.30 ? 178 TYR A O   1 
ATOM 1165 C CB  . TYR A 1 178 ? -13.603 11.717  -2.067  1.00 52.75 ? 178 TYR A CB  1 
ATOM 1166 C CG  . TYR A 1 178 ? -13.369 13.046  -1.397  1.00 53.64 ? 178 TYR A CG  1 
ATOM 1167 C CD1 . TYR A 1 178 ? -12.088 13.426  -0.994  1.00 55.43 ? 178 TYR A CD1 1 
ATOM 1168 C CD2 . TYR A 1 178 ? -14.431 13.893  -1.098  1.00 53.88 ? 178 TYR A CD2 1 
ATOM 1169 C CE1 . TYR A 1 178 ? -11.872 14.614  -0.308  1.00 56.25 ? 178 TYR A CE1 1 
ATOM 1170 C CE2 . TYR A 1 178 ? -14.229 15.085  -0.408  1.00 55.49 ? 178 TYR A CE2 1 
ATOM 1171 C CZ  . TYR A 1 178 ? -12.948 15.440  -0.019  1.00 57.72 ? 178 TYR A CZ  1 
ATOM 1172 O OH  . TYR A 1 178 ? -12.732 16.631  0.639   1.00 60.68 ? 178 TYR A OH  1 
ATOM 1173 N N   . GLU A 1 179 ? -16.157 11.005  -0.843  1.00 52.05 ? 179 GLU A N   1 
ATOM 1174 C CA  . GLU A 1 179 ? -17.403 11.305  -0.151  1.00 52.63 ? 179 GLU A CA  1 
ATOM 1175 C C   . GLU A 1 179 ? -17.658 10.423  1.079   1.00 51.26 ? 179 GLU A C   1 
ATOM 1176 O O   . GLU A 1 179 ? -18.130 10.919  2.113   1.00 50.48 ? 179 GLU A O   1 
ATOM 1177 C CB  . GLU A 1 179 ? -18.573 11.202  -1.135  1.00 55.46 ? 179 GLU A CB  1 
ATOM 1178 C CG  . GLU A 1 179 ? -19.944 11.526  -0.550  1.00 63.34 ? 179 GLU A CG  1 
ATOM 1179 C CD  . GLU A 1 179 ? -20.538 10.376  0.271   1.00 66.59 ? 179 GLU A CD  1 
ATOM 1180 O OE1 . GLU A 1 179 ? -20.589 9.232   -0.250  1.00 68.51 ? 179 GLU A OE1 1 
ATOM 1181 O OE2 . GLU A 1 179 ? -20.959 10.619  1.434   1.00 68.91 ? 179 GLU A OE2 1 
ATOM 1182 N N   . GLU A 1 180 ? -17.355 9.127   0.976   1.00 48.86 ? 180 GLU A N   1 
ATOM 1183 C CA  . GLU A 1 180 ? -17.562 8.209   2.104   1.00 48.82 ? 180 GLU A CA  1 
ATOM 1184 C C   . GLU A 1 180 ? -16.522 8.432   3.191   1.00 49.58 ? 180 GLU A C   1 
ATOM 1185 O O   . GLU A 1 180 ? -16.845 8.438   4.378   1.00 49.90 ? 180 GLU A O   1 
ATOM 1186 C CB  . GLU A 1 180 ? -17.489 6.741   1.662   1.00 47.49 ? 180 GLU A CB  1 
ATOM 1187 C CG  . GLU A 1 180 ? -18.591 6.277   0.727   1.00 44.01 ? 180 GLU A CG  1 
ATOM 1188 C CD  . GLU A 1 180 ? -18.278 4.919   0.126   1.00 44.91 ? 180 GLU A CD  1 
ATOM 1189 O OE1 . GLU A 1 180 ? -17.104 4.687   -0.244  1.00 44.31 ? 180 GLU A OE1 1 
ATOM 1190 O OE2 . GLU A 1 180 ? -19.196 4.086   0.008   1.00 41.87 ? 180 GLU A OE2 1 
ATOM 1191 N N   . ASP A 1 181 ? -15.270 8.607   2.789   1.00 49.79 ? 181 ASP A N   1 
ATOM 1192 C CA  . ASP A 1 181 ? -14.208 8.824   3.753   1.00 51.68 ? 181 ASP A CA  1 
ATOM 1193 C C   . ASP A 1 181 ? -14.556 10.063  4.570   1.00 53.80 ? 181 ASP A C   1 
ATOM 1194 O O   . ASP A 1 181 ? -14.448 10.085  5.802   1.00 53.68 ? 181 ASP A O   1 
ATOM 1195 C CB  . ASP A 1 181 ? -12.884 9.049   3.036   1.00 52.71 ? 181 ASP A CB  1 
ATOM 1196 C CG  . ASP A 1 181 ? -11.739 9.247   3.998   1.00 54.23 ? 181 ASP A CG  1 
ATOM 1197 O OD1 . ASP A 1 181 ? -11.310 8.252   4.623   1.00 54.76 ? 181 ASP A OD1 1 
ATOM 1198 O OD2 . ASP A 1 181 ? -11.279 10.399  4.141   1.00 53.07 ? 181 ASP A OD2 1 
ATOM 1199 N N   . SER A 1 182 ? -14.991 11.087  3.852   1.00 54.74 ? 182 SER A N   1 
ATOM 1200 C CA  . SER A 1 182 ? -15.368 12.361  4.430   1.00 56.04 ? 182 SER A CA  1 
ATOM 1201 C C   . SER A 1 182 ? -16.406 12.232  5.557   1.00 56.42 ? 182 SER A C   1 
ATOM 1202 O O   . SER A 1 182 ? -16.197 12.734  6.661   1.00 57.07 ? 182 SER A O   1 
ATOM 1203 C CB  . SER A 1 182 ? -15.897 13.265  3.314   1.00 57.19 ? 182 SER A CB  1 
ATOM 1204 O OG  . SER A 1 182 ? -16.014 14.601  3.753   1.00 59.52 ? 182 SER A OG  1 
ATOM 1205 N N   . SER A 1 183 ? -17.508 11.536  5.302   1.00 55.23 ? 183 SER A N   1 
ATOM 1206 C CA  . SER A 1 183 ? -18.544 11.406  6.322   1.00 54.89 ? 183 SER A CA  1 
ATOM 1207 C C   . SER A 1 183 ? -18.527 10.154  7.203   1.00 53.58 ? 183 SER A C   1 
ATOM 1208 O O   . SER A 1 183 ? -19.523 9.854   7.864   1.00 54.05 ? 183 SER A O   1 
ATOM 1209 C CB  . SER A 1 183 ? -19.917 11.517  5.668   1.00 55.56 ? 183 SER A CB  1 
ATOM 1210 O OG  . SER A 1 183 ? -20.145 10.412  4.820   1.00 56.09 ? 183 SER A OG  1 
ATOM 1211 N N   . ALA A 1 184 ? -17.418 9.426   7.228   1.00 53.25 ? 184 ALA A N   1 
ATOM 1212 C CA  . ALA A 1 184 ? -17.335 8.212   8.045   1.00 51.71 ? 184 ALA A CA  1 
ATOM 1213 C C   . ALA A 1 184 ? -17.034 8.582   9.482   1.00 51.11 ? 184 ALA A C   1 
ATOM 1214 O O   . ALA A 1 184 ? -16.231 9.479   9.733   1.00 50.87 ? 184 ALA A O   1 
ATOM 1215 C CB  . ALA A 1 184 ? -16.236 7.293   7.516   1.00 51.14 ? 184 ALA A CB  1 
ATOM 1216 N N   . GLU A 1 185 ? -17.670 7.895   10.425  1.00 51.48 ? 185 GLU A N   1 
ATOM 1217 C CA  . GLU A 1 185 ? -17.434 8.172   11.840  1.00 52.21 ? 185 GLU A CA  1 
ATOM 1218 C C   . GLU A 1 185 ? -16.129 7.527   12.241  1.00 50.58 ? 185 GLU A C   1 
ATOM 1219 O O   . GLU A 1 185 ? -15.420 8.023   13.111  1.00 50.70 ? 185 GLU A O   1 
ATOM 1220 C CB  . GLU A 1 185 ? -18.506 7.557   12.727  1.00 54.71 ? 185 GLU A CB  1 
ATOM 1221 C CG  . GLU A 1 185 ? -19.908 7.698   12.248  1.00 61.28 ? 185 GLU A CG  1 
ATOM 1222 C CD  . GLU A 1 185 ? -20.887 7.138   13.258  1.00 64.35 ? 185 GLU A CD  1 
ATOM 1223 O OE1 . GLU A 1 185 ? -20.784 5.929   13.603  1.00 62.73 ? 185 GLU A OE1 1 
ATOM 1224 O OE2 . GLU A 1 185 ? -21.754 7.919   13.709  1.00 66.53 ? 185 GLU A OE2 1 
ATOM 1225 N N   . VAL A 1 186 ? -15.845 6.385   11.626  1.00 50.09 ? 186 VAL A N   1 
ATOM 1226 C CA  . VAL A 1 186 ? -14.635 5.639   11.917  1.00 49.26 ? 186 VAL A CA  1 
ATOM 1227 C C   . VAL A 1 186 ? -13.871 5.354   10.637  1.00 49.33 ? 186 VAL A C   1 
ATOM 1228 O O   . VAL A 1 186 ? -14.399 4.786   9.684   1.00 49.31 ? 186 VAL A O   1 
ATOM 1229 C CB  . VAL A 1 186 ? -14.971 4.329   12.641  1.00 49.39 ? 186 VAL A CB  1 
ATOM 1230 C CG1 . VAL A 1 186 ? -13.706 3.540   12.919  1.00 47.75 ? 186 VAL A CG1 1 
ATOM 1231 C CG2 . VAL A 1 186 ? -15.702 4.639   13.927  1.00 49.04 ? 186 VAL A CG2 1 
ATOM 1232 N N   . ASP A 1 187 ? -12.611 5.764   10.648  1.00 50.46 ? 187 ASP A N   1 
ATOM 1233 C CA  . ASP A 1 187 ? -11.702 5.625   9.522   1.00 51.21 ? 187 ASP A CA  1 
ATOM 1234 C C   . ASP A 1 187 ? -10.565 4.680   9.884   1.00 50.04 ? 187 ASP A C   1 
ATOM 1235 O O   . ASP A 1 187 ? -10.039 4.734   11.000  1.00 49.74 ? 187 ASP A O   1 
ATOM 1236 C CB  . ASP A 1 187 ? -11.112 6.992   9.202   1.00 56.15 ? 187 ASP A CB  1 
ATOM 1237 C CG  . ASP A 1 187 ? -11.227 7.336   7.751   1.00 63.85 ? 187 ASP A CG  1 
ATOM 1238 O OD1 . ASP A 1 187 ? -10.685 6.557   6.922   1.00 67.65 ? 187 ASP A OD1 1 
ATOM 1239 O OD2 . ASP A 1 187 ? -11.867 8.380   7.438   1.00 68.71 ? 187 ASP A OD2 1 
ATOM 1240 N N   . MET A 1 188 ? -10.155 3.833   8.951   1.00 46.43 ? 188 MET A N   1 
ATOM 1241 C CA  . MET A 1 188 ? -9.066  2.926   9.259   1.00 46.32 ? 188 MET A CA  1 
ATOM 1242 C C   . MET A 1 188 ? -8.282  2.411   8.058   1.00 44.53 ? 188 MET A C   1 
ATOM 1243 O O   . MET A 1 188 ? -8.854  1.936   7.083   1.00 43.56 ? 188 MET A O   1 
ATOM 1244 C CB  . MET A 1 188 ? -9.587  1.740   10.081  1.00 45.08 ? 188 MET A CB  1 
ATOM 1245 C CG  . MET A 1 188 ? -8.539  0.676   10.361  1.00 49.03 ? 188 MET A CG  1 
ATOM 1246 S SD  . MET A 1 188 ? -9.002  -0.490  11.693  1.00 52.48 ? 188 MET A SD  1 
ATOM 1247 C CE  . MET A 1 188 ? -10.144 -1.438  10.855  1.00 49.11 ? 188 MET A CE  1 
ATOM 1248 N N   . ASN A 1 189 ? -6.960  2.523   8.145   1.00 42.45 ? 189 ASN A N   1 
ATOM 1249 C CA  . ASN A 1 189 ? -6.083  2.031   7.103   1.00 40.07 ? 189 ASN A CA  1 
ATOM 1250 C C   . ASN A 1 189 ? -5.400  0.766   7.615   1.00 39.17 ? 189 ASN A C   1 
ATOM 1251 O O   . ASN A 1 189 ? -4.932  0.714   8.756   1.00 38.51 ? 189 ASN A O   1 
ATOM 1252 C CB  . ASN A 1 189 ? -5.047  3.089   6.734   1.00 42.70 ? 189 ASN A CB  1 
ATOM 1253 C CG  . ASN A 1 189 ? -5.681  4.339   6.137   1.00 47.82 ? 189 ASN A CG  1 
ATOM 1254 O OD1 . ASN A 1 189 ? -6.559  4.259   5.266   1.00 48.64 ? 189 ASN A OD1 1 
ATOM 1255 N ND2 . ASN A 1 189 ? -5.237  5.501   6.595   1.00 48.34 ? 189 ASN A ND2 1 
ATOM 1256 N N   . VAL A 1 190 ? -5.356  -0.256  6.770   1.00 37.17 ? 190 VAL A N   1 
ATOM 1257 C CA  . VAL A 1 190 ? -4.738  -1.522  7.138   1.00 37.86 ? 190 VAL A CA  1 
ATOM 1258 C C   . VAL A 1 190 ? -3.739  -2.020  6.093   1.00 38.77 ? 190 VAL A C   1 
ATOM 1259 O O   . VAL A 1 190 ? -3.995  -1.980  4.894   1.00 39.49 ? 190 VAL A O   1 
ATOM 1260 C CB  . VAL A 1 190 ? -5.808  -2.633  7.353   1.00 37.72 ? 190 VAL A CB  1 
ATOM 1261 C CG1 . VAL A 1 190 ? -5.131  -3.924  7.797   1.00 35.91 ? 190 VAL A CG1 1 
ATOM 1262 C CG2 . VAL A 1 190 ? -6.839  -2.187  8.388   1.00 35.78 ? 190 VAL A CG2 1 
ATOM 1263 N N   . ILE A 1 191 ? -2.592  -2.487  6.558   1.00 39.65 ? 191 ILE A N   1 
ATOM 1264 C CA  . ILE A 1 191 ? -1.584  -3.015  5.657   1.00 39.50 ? 191 ILE A CA  1 
ATOM 1265 C C   . ILE A 1 191 ? -1.290  -4.426  6.138   1.00 39.82 ? 191 ILE A C   1 
ATOM 1266 O O   . ILE A 1 191 ? -0.993  -4.642  7.314   1.00 39.72 ? 191 ILE A O   1 
ATOM 1267 C CB  . ILE A 1 191 ? -0.294  -2.165  5.680   1.00 39.23 ? 191 ILE A CB  1 
ATOM 1268 C CG1 . ILE A 1 191 ? -0.637  -0.702  5.399   1.00 39.94 ? 191 ILE A CG1 1 
ATOM 1269 C CG2 . ILE A 1 191 ? 0.674   -2.656  4.623   1.00 37.21 ? 191 ILE A CG2 1 
ATOM 1270 C CD1 . ILE A 1 191 ? 0.561   0.196   5.342   1.00 41.76 ? 191 ILE A CD1 1 
ATOM 1271 N N   . MET A 1 192 ? -1.403  -5.390  5.234   1.00 39.14 ? 192 MET A N   1 
ATOM 1272 C CA  . MET A 1 192 ? -1.158  -6.784  5.572   1.00 38.02 ? 192 MET A CA  1 
ATOM 1273 C C   . MET A 1 192 ? -0.319  -7.461  4.507   1.00 37.42 ? 192 MET A C   1 
ATOM 1274 O O   . MET A 1 192 ? -0.213  -6.970  3.384   1.00 35.60 ? 192 MET A O   1 
ATOM 1275 C CB  . MET A 1 192 ? -2.480  -7.541  5.717   1.00 35.85 ? 192 MET A CB  1 
ATOM 1276 C CG  . MET A 1 192 ? -3.349  -7.070  6.862   1.00 38.21 ? 192 MET A CG  1 
ATOM 1277 S SD  . MET A 1 192 ? -4.934  -7.929  6.945   1.00 41.64 ? 192 MET A SD  1 
ATOM 1278 C CE  . MET A 1 192 ? -4.435  -9.464  7.756   1.00 34.76 ? 192 MET A CE  1 
ATOM 1279 N N   . THR A 1 193 ? 0.276   -8.593  4.872   1.00 37.54 ? 193 THR A N   1 
ATOM 1280 C CA  . THR A 1 193 ? 1.092   -9.360  3.945   1.00 38.45 ? 193 THR A CA  1 
ATOM 1281 C C   . THR A 1 193 ? 0.229   -10.440 3.288   1.00 39.54 ? 193 THR A C   1 
ATOM 1282 O O   . THR A 1 193 ? -0.909  -10.690 3.704   1.00 39.59 ? 193 THR A O   1 
ATOM 1283 C CB  . THR A 1 193 ? 2.268   -10.051 4.651   1.00 38.89 ? 193 THR A CB  1 
ATOM 1284 O OG1 . THR A 1 193 ? 1.766   -11.046 5.551   1.00 43.27 ? 193 THR A OG1 1 
ATOM 1285 C CG2 . THR A 1 193 ? 3.104   -9.037  5.422   1.00 37.24 ? 193 THR A CG2 1 
ATOM 1286 N N   . GLY A 1 194 ? 0.771   -11.067 2.252   1.00 40.36 ? 194 GLY A N   1 
ATOM 1287 C CA  . GLY A 1 194 ? 0.045   -12.123 1.576   1.00 39.84 ? 194 GLY A CA  1 
ATOM 1288 C C   . GLY A 1 194 ? -0.218  -13.292 2.507   1.00 40.90 ? 194 GLY A C   1 
ATOM 1289 O O   . GLY A 1 194 ? -1.201  -14.011 2.339   1.00 41.03 ? 194 GLY A O   1 
ATOM 1290 N N   . SER A 1 195 ? 0.653   -13.490 3.492   1.00 40.19 ? 195 SER A N   1 
ATOM 1291 C CA  . SER A 1 195 ? 0.466   -14.587 4.438   1.00 43.33 ? 195 SER A CA  1 
ATOM 1292 C C   . SER A 1 195 ? -0.559  -14.224 5.511   1.00 43.12 ? 195 SER A C   1 
ATOM 1293 O O   . SER A 1 195 ? -0.801  -15.007 6.419   1.00 42.22 ? 195 SER A O   1 
ATOM 1294 C CB  . SER A 1 195 ? 1.790   -14.967 5.109   1.00 44.78 ? 195 SER A CB  1 
ATOM 1295 O OG  . SER A 1 195 ? 2.168   -14.008 6.082   1.00 51.45 ? 195 SER A OG  1 
ATOM 1296 N N   . GLY A 1 196 ? -1.143  -13.026 5.409   1.00 43.19 ? 196 GLY A N   1 
ATOM 1297 C CA  . GLY A 1 196 ? -2.154  -12.596 6.359   1.00 40.96 ? 196 GLY A CA  1 
ATOM 1298 C C   . GLY A 1 196 ? -1.721  -11.999 7.686   1.00 41.19 ? 196 GLY A C   1 
ATOM 1299 O O   . GLY A 1 196 ? -2.485  -12.045 8.646   1.00 41.56 ? 196 GLY A O   1 
ATOM 1300 N N   . ARG A 1 197 ? -0.518  -11.440 7.754   1.00 39.71 ? 197 ARG A N   1 
ATOM 1301 C CA  . ARG A 1 197 ? -0.025  -10.826 8.987   1.00 39.28 ? 197 ARG A CA  1 
ATOM 1302 C C   . ARG A 1 197 ? -0.109  -9.308  8.863   1.00 39.46 ? 197 ARG A C   1 
ATOM 1303 O O   . ARG A 1 197 ? -0.193  -8.779  7.761   1.00 40.85 ? 197 ARG A O   1 
ATOM 1304 C CB  . ARG A 1 197 ? 1.421   -11.241 9.237   1.00 39.08 ? 197 ARG A CB  1 
ATOM 1305 C CG  . ARG A 1 197 ? 1.601   -12.742 9.414   1.00 41.61 ? 197 ARG A CG  1 
ATOM 1306 C CD  . ARG A 1 197 ? 3.066   -13.106 9.477   1.00 42.16 ? 197 ARG A CD  1 
ATOM 1307 N NE  . ARG A 1 197 ? 3.722   -12.536 10.648  1.00 44.77 ? 197 ARG A NE  1 
ATOM 1308 C CZ  . ARG A 1 197 ? 3.600   -13.018 11.883  1.00 46.59 ? 197 ARG A CZ  1 
ATOM 1309 N NH1 . ARG A 1 197 ? 2.848   -14.089 12.115  1.00 46.28 ? 197 ARG A NH1 1 
ATOM 1310 N NH2 . ARG A 1 197 ? 4.227   -12.425 12.888  1.00 45.24 ? 197 ARG A NH2 1 
ATOM 1311 N N   . PHE A 1 198 ? -0.092  -8.604  9.985   1.00 39.55 ? 198 PHE A N   1 
ATOM 1312 C CA  . PHE A 1 198 ? -0.169  -7.150  9.942   1.00 39.69 ? 198 PHE A CA  1 
ATOM 1313 C C   . PHE A 1 198 ? 1.192   -6.489  9.802   1.00 39.76 ? 198 PHE A C   1 
ATOM 1314 O O   . PHE A 1 198 ? 2.185   -6.951  10.355  1.00 39.14 ? 198 PHE A O   1 
ATOM 1315 C CB  . PHE A 1 198 ? -0.860  -6.601  11.193  1.00 39.70 ? 198 PHE A CB  1 
ATOM 1316 C CG  . PHE A 1 198 ? -2.301  -6.990  11.305  1.00 40.32 ? 198 PHE A CG  1 
ATOM 1317 C CD1 . PHE A 1 198 ? -2.678  -8.115  12.031  1.00 39.74 ? 198 PHE A CD1 1 
ATOM 1318 C CD2 . PHE A 1 198 ? -3.280  -6.266  10.632  1.00 40.29 ? 198 PHE A CD2 1 
ATOM 1319 C CE1 . PHE A 1 198 ? -3.999  -8.518  12.085  1.00 38.14 ? 198 PHE A CE1 1 
ATOM 1320 C CE2 . PHE A 1 198 ? -4.613  -6.664  10.678  1.00 39.72 ? 198 PHE A CE2 1 
ATOM 1321 C CZ  . PHE A 1 198 ? -4.971  -7.793  11.407  1.00 39.47 ? 198 PHE A CZ  1 
ATOM 1322 N N   . VAL A 1 199 ? 1.220   -5.407  9.040   1.00 38.29 ? 199 VAL A N   1 
ATOM 1323 C CA  . VAL A 1 199 ? 2.432   -4.632  8.844   1.00 38.72 ? 199 VAL A CA  1 
ATOM 1324 C C   . VAL A 1 199 ? 2.167   -3.297  9.539   1.00 40.10 ? 199 VAL A C   1 
ATOM 1325 O O   . VAL A 1 199 ? 3.038   -2.719  10.192  1.00 38.22 ? 199 VAL A O   1 
ATOM 1326 C CB  . VAL A 1 199 ? 2.706   -4.348  7.342   1.00 38.63 ? 199 VAL A CB  1 
ATOM 1327 C CG1 . VAL A 1 199 ? 3.873   -3.397  7.204   1.00 37.86 ? 199 VAL A CG1 1 
ATOM 1328 C CG2 . VAL A 1 199 ? 2.987   -5.638  6.594   1.00 38.04 ? 199 VAL A CG2 1 
ATOM 1329 N N   . GLU A 1 200 ? 0.934   -2.828  9.401   1.00 40.50 ? 200 GLU A N   1 
ATOM 1330 C CA  . GLU A 1 200 ? 0.542   -1.549  9.955   1.00 41.87 ? 200 GLU A CA  1 
ATOM 1331 C C   . GLU A 1 200 ? -0.966  -1.443  10.072  1.00 41.12 ? 200 GLU A C   1 
ATOM 1332 O O   . GLU A 1 200 ? -1.713  -1.916  9.210   1.00 37.90 ? 200 GLU A O   1 
ATOM 1333 C CB  . GLU A 1 200 ? 1.086   -0.439  9.068   1.00 45.38 ? 200 GLU A CB  1 
ATOM 1334 C CG  . GLU A 1 200 ? 2.006   0.508   9.781   1.00 53.96 ? 200 GLU A CG  1 
ATOM 1335 C CD  . GLU A 1 200 ? 1.297   1.776   10.141  1.00 58.43 ? 200 GLU A CD  1 
ATOM 1336 O OE1 . GLU A 1 200 ? 0.046   1.737   10.245  1.00 60.89 ? 200 GLU A OE1 1 
ATOM 1337 O OE2 . GLU A 1 200 ? 1.980   2.807   10.324  1.00 61.92 ? 200 GLU A OE2 1 
ATOM 1338 N N   . LEU A 1 201 ? -1.401  -0.787  11.138  1.00 42.12 ? 201 LEU A N   1 
ATOM 1339 C CA  . LEU A 1 201 ? -2.815  -0.652  11.431  1.00 42.83 ? 201 LEU A CA  1 
ATOM 1340 C C   . LEU A 1 201 ? -3.116  0.697   12.072  1.00 43.62 ? 201 LEU A C   1 
ATOM 1341 O O   . LEU A 1 201 ? -2.423  1.113   12.999  1.00 42.32 ? 201 LEU A O   1 
ATOM 1342 C CB  . LEU A 1 201 ? -3.184  -1.769  12.394  1.00 45.21 ? 201 LEU A CB  1 
ATOM 1343 C CG  . LEU A 1 201 ? -4.569  -1.823  12.996  1.00 48.10 ? 201 LEU A CG  1 
ATOM 1344 C CD1 . LEU A 1 201 ? -5.562  -2.164  11.907  1.00 50.29 ? 201 LEU A CD1 1 
ATOM 1345 C CD2 . LEU A 1 201 ? -4.592  -2.873  14.091  1.00 49.02 ? 201 LEU A CD2 1 
ATOM 1346 N N   . GLN A 1 202 ? -4.143  1.380   11.573  1.00 45.33 ? 202 GLN A N   1 
ATOM 1347 C CA  . GLN A 1 202 ? -4.532  2.669   12.136  1.00 47.36 ? 202 GLN A CA  1 
ATOM 1348 C C   . GLN A 1 202 ? -6.001  3.029   11.958  1.00 47.43 ? 202 GLN A C   1 
ATOM 1349 O O   . GLN A 1 202 ? -6.475  3.244   10.839  1.00 47.59 ? 202 GLN A O   1 
ATOM 1350 C CB  . GLN A 1 202 ? -3.704  3.808   11.563  1.00 49.36 ? 202 GLN A CB  1 
ATOM 1351 C CG  . GLN A 1 202 ? -4.094  5.108   12.233  1.00 57.31 ? 202 GLN A CG  1 
ATOM 1352 C CD  . GLN A 1 202 ? -3.595  6.324   11.503  1.00 62.77 ? 202 GLN A CD  1 
ATOM 1353 O OE1 . GLN A 1 202 ? -3.699  6.406   10.267  1.00 64.29 ? 202 GLN A OE1 1 
ATOM 1354 N NE2 . GLN A 1 202 ? -3.067  7.299   12.257  1.00 63.02 ? 202 GLN A NE2 1 
ATOM 1355 N N   . GLY A 1 203 ? -6.710  3.125   13.074  1.00 47.09 ? 203 GLY A N   1 
ATOM 1356 C CA  . GLY A 1 203 ? -8.122  3.458   13.029  1.00 50.32 ? 203 GLY A CA  1 
ATOM 1357 C C   . GLY A 1 203 ? -8.463  4.620   13.945  1.00 52.16 ? 203 GLY A C   1 
ATOM 1358 O O   . GLY A 1 203 ? -8.063  4.644   15.117  1.00 51.94 ? 203 GLY A O   1 
ATOM 1359 N N   . THR A 1 204 ? -9.211  5.582   13.417  1.00 52.24 ? 204 THR A N   1 
ATOM 1360 C CA  . THR A 1 204 ? -9.578  6.745   14.195  1.00 53.72 ? 204 THR A CA  1 
ATOM 1361 C C   . THR A 1 204 ? -11.072 6.983   14.247  1.00 55.86 ? 204 THR A C   1 
ATOM 1362 O O   . THR A 1 204 ? -11.749 6.969   13.219  1.00 55.57 ? 204 THR A O   1 
ATOM 1363 C CB  . THR A 1 204 ? -8.943  8.018   13.632  1.00 54.09 ? 204 THR A CB  1 
ATOM 1364 O OG1 . THR A 1 204 ? -7.546  7.798   13.420  1.00 57.58 ? 204 THR A OG1 1 
ATOM 1365 C CG2 . THR A 1 204 ? -9.103  9.164   14.614  1.00 55.33 ? 204 THR A CG2 1 
ATOM 1366 N N   . GLY A 1 205 ? -11.575 7.201   15.460  1.00 58.46 ? 205 GLY A N   1 
ATOM 1367 C CA  . GLY A 1 205 ? -12.979 7.502   15.652  1.00 62.52 ? 205 GLY A CA  1 
ATOM 1368 C C   . GLY A 1 205 ? -13.071 9.023   15.712  1.00 65.79 ? 205 GLY A C   1 
ATOM 1369 O O   . GLY A 1 205 ? -12.382 9.652   16.526  1.00 66.09 ? 205 GLY A O   1 
ATOM 1370 N N   . GLU A 1 206 ? -13.892 9.612   14.840  1.00 68.29 ? 206 GLU A N   1 
ATOM 1371 C CA  . GLU A 1 206 ? -14.064 11.072  14.775  1.00 71.32 ? 206 GLU A CA  1 
ATOM 1372 C C   . GLU A 1 206 ? -14.532 11.605  16.130  1.00 72.16 ? 206 GLU A C   1 
ATOM 1373 O O   . GLU A 1 206 ? -13.720 11.820  17.065  1.00 74.74 ? 206 GLU A O   1 
ATOM 1374 C CB  . GLU A 1 206 ? -15.096 11.416  13.697  1.00 73.37 ? 206 GLU A CB  1 
ATOM 1375 C CG  . GLU A 1 206 ? -14.570 12.329  12.592  1.00 78.26 ? 206 GLU A CG  1 
ATOM 1376 C CD  . GLU A 1 206 ? -14.056 13.672  13.124  1.00 81.06 ? 206 GLU A CD  1 
ATOM 1377 O OE1 . GLU A 1 206 ? -12.858 13.763  13.502  1.00 82.05 ? 206 GLU A OE1 1 
ATOM 1378 O OE2 . GLU A 1 206 ? -14.860 14.637  13.174  1.00 82.99 ? 206 GLU A OE2 1 
ATOM 1379 N N   . GLU A 1 207 ? -15.829 11.870  16.220  1.00 70.39 ? 207 GLU A N   1 
ATOM 1380 C CA  . GLU A 1 207 ? -16.413 12.297  17.485  1.00 69.02 ? 207 GLU A CA  1 
ATOM 1381 C C   . GLU A 1 207 ? -17.260 11.068  17.818  1.00 66.94 ? 207 GLU A C   1 
ATOM 1382 O O   . GLU A 1 207 ? -18.332 11.173  18.413  1.00 67.69 ? 207 GLU A O   1 
ATOM 1383 C CB  . GLU A 1 207 ? -17.332 13.522  17.326  1.00 70.33 ? 207 GLU A CB  1 
ATOM 1384 C CG  . GLU A 1 207 ? -16.648 14.851  16.993  1.00 70.14 ? 207 GLU A CG  1 
ATOM 1385 C CD  . GLU A 1 207 ? -17.596 16.053  17.144  1.00 70.65 ? 207 GLU A CD  1 
ATOM 1386 O OE1 . GLU A 1 207 ? -17.326 17.109  16.522  1.00 70.73 ? 207 GLU A OE1 1 
ATOM 1387 O OE2 . GLU A 1 207 ? -18.603 15.953  17.892  1.00 69.90 ? 207 GLU A OE2 1 
ATOM 1388 N N   . ALA A 1 208 ? -16.767 9.906   17.389  1.00 63.35 ? 208 ALA A N   1 
ATOM 1389 C CA  . ALA A 1 208 ? -17.439 8.628   17.605  1.00 58.31 ? 208 ALA A CA  1 
ATOM 1390 C C   . ALA A 1 208 ? -16.420 7.617   18.107  1.00 56.25 ? 208 ALA A C   1 
ATOM 1391 O O   . ALA A 1 208 ? -15.222 7.904   18.151  1.00 56.57 ? 208 ALA A O   1 
ATOM 1392 C CB  . ALA A 1 208 ? -18.059 8.143   16.318  1.00 55.57 ? 208 ALA A CB  1 
ATOM 1393 N N   . THR A 1 209 ? -16.896 6.442   18.498  1.00 52.81 ? 209 THR A N   1 
ATOM 1394 C CA  . THR A 1 209 ? -16.013 5.400   18.997  1.00 49.76 ? 209 THR A CA  1 
ATOM 1395 C C   . THR A 1 209 ? -16.472 4.053   18.474  1.00 48.99 ? 209 THR A C   1 
ATOM 1396 O O   . THR A 1 209 ? -17.634 3.892   18.103  1.00 50.15 ? 209 THR A O   1 
ATOM 1397 C CB  . THR A 1 209 ? -15.986 5.368   20.539  1.00 49.04 ? 209 THR A CB  1 
ATOM 1398 O OG1 . THR A 1 209 ? -17.314 5.182   21.047  1.00 48.82 ? 209 THR A OG1 1 
ATOM 1399 C CG2 . THR A 1 209 ? -15.401 6.666   21.084  1.00 47.91 ? 209 THR A CG2 1 
ATOM 1400 N N   . PHE A 1 210 ? -15.567 3.086   18.434  1.00 45.72 ? 210 PHE A N   1 
ATOM 1401 C CA  . PHE A 1 210 ? -15.926 1.773   17.931  1.00 44.94 ? 210 PHE A CA  1 
ATOM 1402 C C   . PHE A 1 210 ? -15.605 0.675   18.916  1.00 44.53 ? 210 PHE A C   1 
ATOM 1403 O O   . PHE A 1 210 ? -14.579 0.704   19.593  1.00 44.75 ? 210 PHE A O   1 
ATOM 1404 C CB  . PHE A 1 210 ? -15.246 1.498   16.575  1.00 42.99 ? 210 PHE A CB  1 
ATOM 1405 C CG  . PHE A 1 210 ? -13.752 1.706   16.571  1.00 39.60 ? 210 PHE A CG  1 
ATOM 1406 C CD1 . PHE A 1 210 ? -13.211 2.990   16.599  1.00 38.66 ? 210 PHE A CD1 1 
ATOM 1407 C CD2 . PHE A 1 210 ? -12.886 0.617   16.490  1.00 39.80 ? 210 PHE A CD2 1 
ATOM 1408 C CE1 . PHE A 1 210 ? -11.833 3.188   16.541  1.00 37.02 ? 210 PHE A CE1 1 
ATOM 1409 C CE2 . PHE A 1 210 ? -11.504 0.800   16.431  1.00 38.42 ? 210 PHE A CE2 1 
ATOM 1410 C CZ  . PHE A 1 210 ? -10.977 2.086   16.456  1.00 38.63 ? 210 PHE A CZ  1 
ATOM 1411 N N   . SER A 1 211 ? -16.493 -0.303  18.984  1.00 43.68 ? 211 SER A N   1 
ATOM 1412 C CA  . SER A 1 211 ? -16.334 -1.417  19.903  1.00 44.34 ? 211 SER A CA  1 
ATOM 1413 C C   . SER A 1 211 ? -15.370 -2.469  19.389  1.00 43.06 ? 211 SER A C   1 
ATOM 1414 O O   . SER A 1 211 ? -14.845 -2.368  18.285  1.00 42.86 ? 211 SER A O   1 
ATOM 1415 C CB  . SER A 1 211 ? -17.682 -2.082  20.128  1.00 44.82 ? 211 SER A CB  1 
ATOM 1416 O OG  . SER A 1 211 ? -18.089 -2.723  18.936  1.00 46.25 ? 211 SER A OG  1 
ATOM 1417 N N   . ARG A 1 212 ? -15.154 -3.480  20.218  1.00 44.40 ? 212 ARG A N   1 
ATOM 1418 C CA  . ARG A 1 212 ? -14.298 -4.611  19.880  1.00 45.96 ? 212 ARG A CA  1 
ATOM 1419 C C   . ARG A 1 212 ? -14.912 -5.331  18.675  1.00 45.47 ? 212 ARG A C   1 
ATOM 1420 O O   . ARG A 1 212 ? -14.208 -5.763  17.770  1.00 43.02 ? 212 ARG A O   1 
ATOM 1421 C CB  . ARG A 1 212 ? -14.240 -5.579  21.060  1.00 49.29 ? 212 ARG A CB  1 
ATOM 1422 C CG  . ARG A 1 212 ? -12.956 -5.555  21.863  1.00 55.82 ? 212 ARG A CG  1 
ATOM 1423 C CD  . ARG A 1 212 ? -11.849 -6.297  21.119  1.00 62.18 ? 212 ARG A CD  1 
ATOM 1424 N NE  . ARG A 1 212 ? -10.802 -6.781  22.027  1.00 64.44 ? 212 ARG A NE  1 
ATOM 1425 C CZ  . ARG A 1 212 ? -9.942  -7.749  21.716  1.00 66.16 ? 212 ARG A CZ  1 
ATOM 1426 N NH1 . ARG A 1 212 ? -9.999  -8.340  20.521  1.00 64.07 ? 212 ARG A NH1 1 
ATOM 1427 N NH2 . ARG A 1 212 ? -9.031  -8.138  22.605  1.00 67.26 ? 212 ARG A NH2 1 
ATOM 1428 N N   . GLU A 1 213 ? -16.237 -5.464  18.697  1.00 46.17 ? 213 GLU A N   1 
ATOM 1429 C CA  . GLU A 1 213 ? -16.983 -6.119  17.633  1.00 47.80 ? 213 GLU A CA  1 
ATOM 1430 C C   . GLU A 1 213 ? -16.775 -5.374  16.333  1.00 45.89 ? 213 GLU A C   1 
ATOM 1431 O O   . GLU A 1 213 ? -16.588 -5.990  15.285  1.00 46.02 ? 213 GLU A O   1 
ATOM 1432 C CB  . GLU A 1 213 ? -18.487 -6.135  17.943  1.00 52.55 ? 213 GLU A CB  1 
ATOM 1433 C CG  . GLU A 1 213 ? -18.921 -7.028  19.107  1.00 61.19 ? 213 GLU A CG  1 
ATOM 1434 C CD  . GLU A 1 213 ? -18.355 -6.592  20.459  1.00 66.23 ? 213 GLU A CD  1 
ATOM 1435 O OE1 . GLU A 1 213 ? -18.318 -5.369  20.748  1.00 67.94 ? 213 GLU A OE1 1 
ATOM 1436 O OE2 . GLU A 1 213 ? -17.959 -7.485  21.245  1.00 68.56 ? 213 GLU A OE2 1 
ATOM 1437 N N   . ASP A 1 214 ? -16.843 -4.046  16.402  1.00 43.49 ? 214 ASP A N   1 
ATOM 1438 C CA  . ASP A 1 214 ? -16.642 -3.209  15.226  1.00 43.81 ? 214 ASP A CA  1 
ATOM 1439 C C   . ASP A 1 214 ? -15.234 -3.446  14.703  1.00 43.52 ? 214 ASP A C   1 
ATOM 1440 O O   . ASP A 1 214 ? -15.036 -3.601  13.504  1.00 43.65 ? 214 ASP A O   1 
ATOM 1441 C CB  . ASP A 1 214 ? -16.790 -1.719  15.568  1.00 45.59 ? 214 ASP A CB  1 
ATOM 1442 C CG  . ASP A 1 214 ? -18.179 -1.358  16.064  1.00 47.31 ? 214 ASP A CG  1 
ATOM 1443 O OD1 . ASP A 1 214 ? -18.296 -0.428  16.895  1.00 47.44 ? 214 ASP A OD1 1 
ATOM 1444 O OD2 . ASP A 1 214 ? -19.155 -1.996  15.614  1.00 50.38 ? 214 ASP A OD2 1 
ATOM 1445 N N   . LEU A 1 215 ? -14.254 -3.477  15.602  1.00 41.21 ? 215 LEU A N   1 
ATOM 1446 C CA  . LEU A 1 215 ? -12.880 -3.685  15.177  1.00 42.30 ? 215 LEU A CA  1 
ATOM 1447 C C   . LEU A 1 215 ? -12.714 -5.022  14.449  1.00 43.45 ? 215 LEU A C   1 
ATOM 1448 O O   . LEU A 1 215 ? -12.014 -5.104  13.437  1.00 42.94 ? 215 LEU A O   1 
ATOM 1449 C CB  . LEU A 1 215 ? -11.922 -3.622  16.369  1.00 39.58 ? 215 LEU A CB  1 
ATOM 1450 C CG  . LEU A 1 215 ? -10.451 -3.830  15.986  1.00 40.61 ? 215 LEU A CG  1 
ATOM 1451 C CD1 . LEU A 1 215 ? -10.030 -2.778  14.977  1.00 37.47 ? 215 LEU A CD1 1 
ATOM 1452 C CD2 . LEU A 1 215 ? -9.573  -3.765  17.210  1.00 38.07 ? 215 LEU A CD2 1 
ATOM 1453 N N   . ASN A 1 216 ? -13.362 -6.066  14.952  1.00 43.96 ? 216 ASN A N   1 
ATOM 1454 C CA  . ASN A 1 216 ? -13.246 -7.369  14.315  1.00 45.36 ? 216 ASN A CA  1 
ATOM 1455 C C   . ASN A 1 216 ? -13.904 -7.342  12.939  1.00 43.92 ? 216 ASN A C   1 
ATOM 1456 O O   . ASN A 1 216 ? -13.371 -7.898  11.989  1.00 43.35 ? 216 ASN A O   1 
ATOM 1457 C CB  . ASN A 1 216 ? -13.855 -8.448  15.204  1.00 48.73 ? 216 ASN A CB  1 
ATOM 1458 C CG  . ASN A 1 216 ? -13.053 -8.668  16.489  1.00 54.47 ? 216 ASN A CG  1 
ATOM 1459 O OD1 . ASN A 1 216 ? -13.549 -9.263  17.448  1.00 59.38 ? 216 ASN A OD1 1 
ATOM 1460 N ND2 . ASN A 1 216 ? -11.810 -8.190  16.512  1.00 56.02 ? 216 ASN A ND2 1 
ATOM 1461 N N   . GLY A 1 217 ? -15.048 -6.677  12.826  1.00 43.30 ? 217 GLY A N   1 
ATOM 1462 C CA  . GLY A 1 217 ? -15.706 -6.583  11.537  1.00 42.43 ? 217 GLY A CA  1 
ATOM 1463 C C   . GLY A 1 217 ? -14.873 -5.791  10.531  1.00 43.00 ? 217 GLY A C   1 
ATOM 1464 O O   . GLY A 1 217 ? -14.783 -6.140  9.354   1.00 41.85 ? 217 GLY A O   1 
ATOM 1465 N N   . LEU A 1 218 ? -14.249 -4.719  11.004  1.00 42.96 ? 218 LEU A N   1 
ATOM 1466 C CA  . LEU A 1 218 ? -13.428 -3.871  10.152  1.00 43.42 ? 218 LEU A CA  1 
ATOM 1467 C C   . LEU A 1 218 ? -12.189 -4.611  9.634   1.00 42.46 ? 218 LEU A C   1 
ATOM 1468 O O   . LEU A 1 218 ? -11.830 -4.482  8.460   1.00 41.06 ? 218 LEU A O   1 
ATOM 1469 C CB  . LEU A 1 218 ? -13.024 -2.607  10.919  1.00 42.00 ? 218 LEU A CB  1 
ATOM 1470 C CG  . LEU A 1 218 ? -14.148 -1.594  11.149  1.00 42.58 ? 218 LEU A CG  1 
ATOM 1471 C CD1 . LEU A 1 218 ? -13.726 -0.605  12.207  1.00 42.25 ? 218 LEU A CD1 1 
ATOM 1472 C CD2 . LEU A 1 218 ? -14.490 -0.878  9.849   1.00 41.24 ? 218 LEU A CD2 1 
ATOM 1473 N N   . LEU A 1 219 ? -11.547 -5.389  10.502  1.00 41.46 ? 219 LEU A N   1 
ATOM 1474 C CA  . LEU A 1 219 ? -10.365 -6.141  10.101  1.00 41.48 ? 219 LEU A CA  1 
ATOM 1475 C C   . LEU A 1 219 ? -10.717 -7.286  9.140   1.00 41.96 ? 219 LEU A C   1 
ATOM 1476 O O   . LEU A 1 219 ? -9.912  -7.644  8.283   1.00 42.84 ? 219 LEU A O   1 
ATOM 1477 C CB  . LEU A 1 219 ? -9.623  -6.678  11.332  1.00 40.46 ? 219 LEU A CB  1 
ATOM 1478 C CG  . LEU A 1 219 ? -9.040  -5.634  12.300  1.00 40.77 ? 219 LEU A CG  1 
ATOM 1479 C CD1 . LEU A 1 219 ? -8.385  -6.341  13.466  1.00 39.89 ? 219 LEU A CD1 1 
ATOM 1480 C CD2 . LEU A 1 219 ? -8.033  -4.736  11.585  1.00 40.77 ? 219 LEU A CD2 1 
ATOM 1481 N N   . GLY A 1 220 ? -11.914 -7.853  9.271   1.00 41.20 ? 220 GLY A N   1 
ATOM 1482 C CA  . GLY A 1 220 ? -12.318 -8.924  8.372   1.00 42.03 ? 220 GLY A CA  1 
ATOM 1483 C C   . GLY A 1 220 ? -12.517 -8.408  6.949   1.00 43.04 ? 220 GLY A C   1 
ATOM 1484 O O   . GLY A 1 220 ? -12.036 -9.003  5.982   1.00 44.23 ? 220 GLY A O   1 
ATOM 1485 N N   . LEU A 1 221 ? -13.236 -7.294  6.830   1.00 43.30 ? 221 LEU A N   1 
ATOM 1486 C CA  . LEU A 1 221 ? -13.500 -6.645  5.549   1.00 43.15 ? 221 LEU A CA  1 
ATOM 1487 C C   . LEU A 1 221 ? -12.153 -6.287  4.912   1.00 43.51 ? 221 LEU A C   1 
ATOM 1488 O O   . LEU A 1 221 ? -11.879 -6.633  3.765   1.00 43.84 ? 221 LEU A O   1 
ATOM 1489 C CB  . LEU A 1 221 ? -14.314 -5.370  5.785   1.00 42.27 ? 221 LEU A CB  1 
ATOM 1490 C CG  . LEU A 1 221 ? -15.668 -5.193  5.093   1.00 46.22 ? 221 LEU A CG  1 
ATOM 1491 C CD1 . LEU A 1 221 ? -16.539 -6.409  5.307   1.00 45.34 ? 221 LEU A CD1 1 
ATOM 1492 C CD2 . LEU A 1 221 ? -16.346 -3.932  5.640   1.00 45.05 ? 221 LEU A CD2 1 
ATOM 1493 N N   . ALA A 1 222 ? -11.318 -5.589  5.675   1.00 44.20 ? 222 ALA A N   1 
ATOM 1494 C CA  . ALA A 1 222 ? -9.999  -5.183  5.213   1.00 45.40 ? 222 ALA A CA  1 
ATOM 1495 C C   . ALA A 1 222 ? -9.220  -6.386  4.679   1.00 45.95 ? 222 ALA A C   1 
ATOM 1496 O O   . ALA A 1 222 ? -8.609  -6.320  3.613   1.00 45.77 ? 222 ALA A O   1 
ATOM 1497 C CB  . ALA A 1 222 ? -9.218  -4.511  6.357   1.00 42.60 ? 222 ALA A CB  1 
ATOM 1498 N N   . GLU A 1 223 ? -9.238  -7.487  5.421   1.00 46.35 ? 223 GLU A N   1 
ATOM 1499 C CA  . GLU A 1 223 ? -8.521  -8.663  4.974   1.00 47.16 ? 223 GLU A CA  1 
ATOM 1500 C C   . GLU A 1 223 ? -9.103  -9.182  3.658   1.00 46.06 ? 223 GLU A C   1 
ATOM 1501 O O   . GLU A 1 223 ? -8.348  -9.605  2.781   1.00 45.81 ? 223 GLU A O   1 
ATOM 1502 C CB  . GLU A 1 223 ? -8.532  -9.754  6.047   1.00 49.54 ? 223 GLU A CB  1 
ATOM 1503 C CG  . GLU A 1 223 ? -7.785  -11.014 5.618   1.00 55.44 ? 223 GLU A CG  1 
ATOM 1504 C CD  . GLU A 1 223 ? -7.398  -11.910 6.785   1.00 59.79 ? 223 GLU A CD  1 
ATOM 1505 O OE1 . GLU A 1 223 ? -8.260  -12.158 7.672   1.00 62.86 ? 223 GLU A OE1 1 
ATOM 1506 O OE2 . GLU A 1 223 ? -6.230  -12.373 6.803   1.00 60.51 ? 223 GLU A OE2 1 
ATOM 1507 N N   . LYS A 1 224 ? -10.428 -9.142  3.506   1.00 43.87 ? 224 LYS A N   1 
ATOM 1508 C CA  . LYS A 1 224 ? -11.054 -9.593  2.253   1.00 44.36 ? 224 LYS A CA  1 
ATOM 1509 C C   . LYS A 1 224 ? -10.513 -8.785  1.060   1.00 43.14 ? 224 LYS A C   1 
ATOM 1510 O O   . LYS A 1 224 ? -10.104 -9.355  0.043   1.00 43.03 ? 224 LYS A O   1 
ATOM 1511 C CB  . LYS A 1 224 ? -12.579 -9.441  2.320   1.00 43.70 ? 224 LYS A CB  1 
ATOM 1512 C CG  . LYS A 1 224 ? -13.294 -9.662  0.990   1.00 44.15 ? 224 LYS A CG  1 
ATOM 1513 C CD  . LYS A 1 224 ? -14.801 -9.510  1.136   1.00 45.33 ? 224 LYS A CD  1 
ATOM 1514 C CE  . LYS A 1 224 ? -15.536 -9.886  -0.148  1.00 45.53 ? 224 LYS A CE  1 
ATOM 1515 N NZ  . LYS A 1 224 ? -15.294 -8.969  -1.302  1.00 42.82 ? 224 LYS A NZ  1 
ATOM 1516 N N   . GLY A 1 225 ? -10.511 -7.459  1.208   1.00 42.95 ? 225 GLY A N   1 
ATOM 1517 C CA  . GLY A 1 225 ? -10.027 -6.573  0.163   1.00 41.87 ? 225 GLY A CA  1 
ATOM 1518 C C   . GLY A 1 225 ? -8.537  -6.698  -0.103  1.00 42.01 ? 225 GLY A C   1 
ATOM 1519 O O   . GLY A 1 225 ? -8.092  -6.622  -1.248  1.00 42.23 ? 225 GLY A O   1 
ATOM 1520 N N   . ILE A 1 226 ? -7.753  -6.892  0.949   1.00 41.48 ? 226 ILE A N   1 
ATOM 1521 C CA  . ILE A 1 226 ? -6.314  -7.018  0.781   1.00 42.77 ? 226 ILE A CA  1 
ATOM 1522 C C   . ILE A 1 226 ? -5.933  -8.326  0.079   1.00 43.84 ? 226 ILE A C   1 
ATOM 1523 O O   . ILE A 1 226 ? -4.980  -8.357  -0.707  1.00 44.66 ? 226 ILE A O   1 
ATOM 1524 C CB  . ILE A 1 226 ? -5.585  -6.907  2.137   1.00 39.48 ? 226 ILE A CB  1 
ATOM 1525 C CG1 . ILE A 1 226 ? -5.836  -5.516  2.729   1.00 41.13 ? 226 ILE A CG1 1 
ATOM 1526 C CG2 . ILE A 1 226 ? -4.092  -7.125  1.953   1.00 36.91 ? 226 ILE A CG2 1 
ATOM 1527 C CD1 . ILE A 1 226 ? -5.099  -5.228  4.036   1.00 41.65 ? 226 ILE A CD1 1 
ATOM 1528 N N   . GLN A 1 227 ? -6.674  -9.398  0.359   1.00 45.09 ? 227 GLN A N   1 
ATOM 1529 C CA  . GLN A 1 227 ? -6.411  -10.684 -0.270  1.00 45.28 ? 227 GLN A CA  1 
ATOM 1530 C C   . GLN A 1 227 ? -6.711  -10.533 -1.746  1.00 43.77 ? 227 GLN A C   1 
ATOM 1531 O O   . GLN A 1 227 ? -6.025  -11.110 -2.580  1.00 42.79 ? 227 GLN A O   1 
ATOM 1532 C CB  . GLN A 1 227 ? -7.292  -11.798 0.327   1.00 49.67 ? 227 GLN A CB  1 
ATOM 1533 C CG  . GLN A 1 227 ? -6.842  -12.287 1.713   1.00 59.53 ? 227 GLN A CG  1 
ATOM 1534 C CD  . GLN A 1 227 ? -7.533  -13.597 2.188   1.00 65.65 ? 227 GLN A CD  1 
ATOM 1535 O OE1 . GLN A 1 227 ? -8.777  -13.691 2.262   1.00 67.52 ? 227 GLN A OE1 1 
ATOM 1536 N NE2 . GLN A 1 227 ? -6.716  -14.607 2.522   1.00 67.03 ? 227 GLN A NE2 1 
ATOM 1537 N N   . GLU A 1 228 ? -7.728  -9.738  -2.072  1.00 42.08 ? 228 GLU A N   1 
ATOM 1538 C CA  . GLU A 1 228 ? -8.094  -9.532  -3.468  1.00 43.91 ? 228 GLU A CA  1 
ATOM 1539 C C   . GLU A 1 228 ? -7.039  -8.738  -4.214  1.00 43.19 ? 228 GLU A C   1 
ATOM 1540 O O   . GLU A 1 228 ? -6.719  -9.052  -5.360  1.00 44.38 ? 228 GLU A O   1 
ATOM 1541 C CB  . GLU A 1 228 ? -9.461  -8.851  -3.575  1.00 43.06 ? 228 GLU A CB  1 
ATOM 1542 C CG  . GLU A 1 228 ? -10.541 -9.687  -2.897  1.00 45.24 ? 228 GLU A CG  1 
ATOM 1543 C CD  . GLU A 1 228 ? -11.960 -9.233  -3.167  1.00 45.32 ? 228 GLU A CD  1 
ATOM 1544 O OE1 . GLU A 1 228 ? -12.880 -9.895  -2.639  1.00 48.27 ? 228 GLU A OE1 1 
ATOM 1545 O OE2 . GLU A 1 228 ? -12.163 -8.231  -3.891  1.00 44.79 ? 228 GLU A OE2 1 
ATOM 1546 N N   . LEU A 1 229 ? -6.476  -7.729  -3.559  1.00 42.39 ? 229 LEU A N   1 
ATOM 1547 C CA  . LEU A 1 229 ? -5.444  -6.915  -4.188  1.00 40.17 ? 229 LEU A CA  1 
ATOM 1548 C C   . LEU A 1 229 ? -4.197  -7.743  -4.435  1.00 39.61 ? 229 LEU A C   1 
ATOM 1549 O O   . LEU A 1 229 ? -3.590  -7.672  -5.497  1.00 38.58 ? 229 LEU A O   1 
ATOM 1550 C CB  . LEU A 1 229 ? -5.102  -5.718  -3.311  1.00 36.78 ? 229 LEU A CB  1 
ATOM 1551 C CG  . LEU A 1 229 ? -6.219  -4.693  -3.179  1.00 38.40 ? 229 LEU A CG  1 
ATOM 1552 C CD1 . LEU A 1 229 ? -5.826  -3.615  -2.157  1.00 31.91 ? 229 LEU A CD1 1 
ATOM 1553 C CD2 . LEU A 1 229 ? -6.490  -4.087  -4.558  1.00 37.95 ? 229 LEU A CD2 1 
ATOM 1554 N N   . ILE A 1 230 ? -3.816  -8.534  -3.444  1.00 40.73 ? 230 ILE A N   1 
ATOM 1555 C CA  . ILE A 1 230 ? -2.646  -9.374  -3.578  1.00 41.60 ? 230 ILE A CA  1 
ATOM 1556 C C   . ILE A 1 230 ? -2.840  -10.417 -4.685  1.00 44.20 ? 230 ILE A C   1 
ATOM 1557 O O   . ILE A 1 230 ? -1.895  -10.728 -5.414  1.00 44.39 ? 230 ILE A O   1 
ATOM 1558 C CB  . ILE A 1 230 ? -2.287  -10.013 -2.211  1.00 40.15 ? 230 ILE A CB  1 
ATOM 1559 C CG1 . ILE A 1 230 ? -1.674  -8.920  -1.320  1.00 38.39 ? 230 ILE A CG1 1 
ATOM 1560 C CG2 . ILE A 1 230 ? -1.331  -11.180 -2.388  1.00 39.27 ? 230 ILE A CG2 1 
ATOM 1561 C CD1 . ILE A 1 230 ? -1.072  -9.385  -0.026  1.00 34.65 ? 230 ILE A CD1 1 
ATOM 1562 N N   . ASP A 1 231 ? -4.058  -10.940 -4.828  1.00 46.39 ? 231 ASP A N   1 
ATOM 1563 C CA  . ASP A 1 231 ? -4.332  -11.901 -5.890  1.00 47.79 ? 231 ASP A CA  1 
ATOM 1564 C C   . ASP A 1 231 ? -4.033  -11.221 -7.231  1.00 48.54 ? 231 ASP A C   1 
ATOM 1565 O O   . ASP A 1 231 ? -3.400  -11.813 -8.101  1.00 49.01 ? 231 ASP A O   1 
ATOM 1566 C CB  . ASP A 1 231 ? -5.798  -12.361 -5.880  1.00 50.85 ? 231 ASP A CB  1 
ATOM 1567 C CG  . ASP A 1 231 ? -6.111  -13.347 -4.756  1.00 54.01 ? 231 ASP A CG  1 
ATOM 1568 O OD1 . ASP A 1 231 ? -5.187  -14.062 -4.293  1.00 55.48 ? 231 ASP A OD1 1 
ATOM 1569 O OD2 . ASP A 1 231 ? -7.296  -13.415 -4.347  1.00 54.33 ? 231 ASP A OD2 1 
ATOM 1570 N N   . LYS A 1 232 ? -4.493  -9.980  -7.394  1.00 48.80 ? 232 LYS A N   1 
ATOM 1571 C CA  . LYS A 1 232 ? -4.245  -9.230  -8.623  1.00 50.75 ? 232 LYS A CA  1 
ATOM 1572 C C   . LYS A 1 232 ? -2.750  -8.981  -8.839  1.00 51.79 ? 232 LYS A C   1 
ATOM 1573 O O   . LYS A 1 232 ? -2.271  -9.037  -9.978  1.00 52.59 ? 232 LYS A O   1 
ATOM 1574 C CB  . LYS A 1 232 ? -4.951  -7.875  -8.601  1.00 53.47 ? 232 LYS A CB  1 
ATOM 1575 C CG  . LYS A 1 232 ? -6.190  -7.800  -9.461  1.00 59.11 ? 232 LYS A CG  1 
ATOM 1576 C CD  . LYS A 1 232 ? -6.576  -6.344  -9.747  1.00 63.53 ? 232 LYS A CD  1 
ATOM 1577 C CE  . LYS A 1 232 ? -7.944  -6.237  -10.464 1.00 65.92 ? 232 LYS A CE  1 
ATOM 1578 N NZ  . LYS A 1 232 ? -9.096  -6.772  -9.644  1.00 66.18 ? 232 LYS A NZ  1 
ATOM 1579 N N   . GLN A 1 233 ? -2.024  -8.689  -7.759  1.00 50.03 ? 233 GLN A N   1 
ATOM 1580 C CA  . GLN A 1 233 ? -0.589  -8.436  -7.851  1.00 49.64 ? 233 GLN A CA  1 
ATOM 1581 C C   . GLN A 1 233 ? 0.110   -9.666  -8.412  1.00 51.45 ? 233 GLN A C   1 
ATOM 1582 O O   . GLN A 1 233 ? 0.885   -9.566  -9.361  1.00 51.08 ? 233 GLN A O   1 
ATOM 1583 C CB  . GLN A 1 233 ? 0.025   -8.124  -6.476  1.00 46.98 ? 233 GLN A CB  1 
ATOM 1584 C CG  . GLN A 1 233 ? -0.498  -6.886  -5.766  1.00 41.96 ? 233 GLN A CG  1 
ATOM 1585 C CD  . GLN A 1 233 ? 0.277   -6.600  -4.497  1.00 42.49 ? 233 GLN A CD  1 
ATOM 1586 O OE1 . GLN A 1 233 ? 0.656   -7.519  -3.768  1.00 40.83 ? 233 GLN A OE1 1 
ATOM 1587 N NE2 . GLN A 1 233 ? 0.508   -5.324  -4.218  1.00 39.47 ? 233 GLN A NE2 1 
ATOM 1588 N N   . LYS A 1 234 ? -0.164  -10.817 -7.807  1.00 51.44 ? 234 LYS A N   1 
ATOM 1589 C CA  . LYS A 1 234 ? 0.433   -12.073 -8.230  1.00 54.96 ? 234 LYS A CA  1 
ATOM 1590 C C   . LYS A 1 234 ? 0.178   -12.313 -9.712  1.00 57.77 ? 234 LYS A C   1 
ATOM 1591 O O   . LYS A 1 234 ? 1.076   -12.712 -10.460 1.00 56.92 ? 234 LYS A O   1 
ATOM 1592 C CB  . LYS A 1 234 ? -0.169  -13.241 -7.449  1.00 53.98 ? 234 LYS A CB  1 
ATOM 1593 C CG  . LYS A 1 234 ? 0.103   -13.234 -5.960  1.00 53.94 ? 234 LYS A CG  1 
ATOM 1594 C CD  . LYS A 1 234 ? -0.623  -14.391 -5.281  1.00 52.66 ? 234 LYS A CD  1 
ATOM 1595 C CE  . LYS A 1 234 ? -0.344  -14.411 -3.786  1.00 55.36 ? 234 LYS A CE  1 
ATOM 1596 N NZ  . LYS A 1 234 ? -1.155  -15.418 -3.029  1.00 55.25 ? 234 LYS A NZ  1 
ATOM 1597 N N   . GLU A 1 235 ? -1.053  -12.064 -10.142 1.00 59.36 ? 235 GLU A N   1 
ATOM 1598 C CA  . GLU A 1 235 ? -1.383  -12.310 -11.527 1.00 61.26 ? 235 GLU A CA  1 
ATOM 1599 C C   . GLU A 1 235 ? -0.796  -11.290 -12.499 1.00 61.17 ? 235 GLU A C   1 
ATOM 1600 O O   . GLU A 1 235 ? -0.535  -11.623 -13.654 1.00 61.09 ? 235 GLU A O   1 
ATOM 1601 C CB  . GLU A 1 235 ? -2.902  -12.457 -11.682 1.00 63.25 ? 235 GLU A CB  1 
ATOM 1602 C CG  . GLU A 1 235 ? -3.620  -11.303 -12.318 1.00 66.74 ? 235 GLU A CG  1 
ATOM 1603 C CD  . GLU A 1 235 ? -5.088  -11.637 -12.577 1.00 69.86 ? 235 GLU A CD  1 
ATOM 1604 O OE1 . GLU A 1 235 ? -5.841  -11.896 -11.595 1.00 68.24 ? 235 GLU A OE1 1 
ATOM 1605 O OE2 . GLU A 1 235 ? -5.482  -11.642 -13.772 1.00 71.29 ? 235 GLU A OE2 1 
ATOM 1606 N N   . VAL A 1 236 ? -0.569  -10.057 -12.055 1.00 60.75 ? 236 VAL A N   1 
ATOM 1607 C CA  . VAL A 1 236 ? 0.042   -9.077  -12.952 1.00 60.83 ? 236 VAL A CA  1 
ATOM 1608 C C   . VAL A 1 236 ? 1.549   -9.358  -12.993 1.00 61.01 ? 236 VAL A C   1 
ATOM 1609 O O   . VAL A 1 236 ? 2.188   -9.206  -14.032 1.00 61.34 ? 236 VAL A O   1 
ATOM 1610 C CB  . VAL A 1 236 ? -0.195  -7.616  -12.497 1.00 60.63 ? 236 VAL A CB  1 
ATOM 1611 C CG1 . VAL A 1 236 ? 0.639   -6.670  -13.343 1.00 60.14 ? 236 VAL A CG1 1 
ATOM 1612 C CG2 . VAL A 1 236 ? -1.672  -7.253  -12.655 1.00 61.33 ? 236 VAL A CG2 1 
ATOM 1613 N N   . LEU A 1 237 ? 2.110   -9.780  -11.864 1.00 60.91 ? 237 LEU A N   1 
ATOM 1614 C CA  . LEU A 1 237 ? 3.533   -10.095 -11.793 1.00 60.86 ? 237 LEU A CA  1 
ATOM 1615 C C   . LEU A 1 237 ? 3.830   -11.402 -12.536 1.00 62.41 ? 237 LEU A C   1 
ATOM 1616 O O   . LEU A 1 237 ? 4.491   -11.322 -13.587 1.00 63.39 ? 237 LEU A O   1 
ATOM 1617 C CB  . LEU A 1 237 ? 3.982   -10.206 -10.330 1.00 59.06 ? 237 LEU A CB  1 
ATOM 1618 C CG  . LEU A 1 237 ? 4.458   -8.902  -9.680  1.00 58.52 ? 237 LEU A CG  1 
ATOM 1619 C CD1 . LEU A 1 237 ? 4.621   -9.069  -8.167  1.00 57.91 ? 237 LEU A CD1 1 
ATOM 1620 C CD2 . LEU A 1 237 ? 5.779   -8.494  -10.322 1.00 57.89 ? 237 LEU A CD2 1 
# 
